data_8KBC
#
_entry.id   8KBC
#
_cell.length_a   138.935
_cell.length_b   145.731
_cell.length_c   150.766
_cell.angle_alpha   90.00
_cell.angle_beta   90.00
_cell.angle_gamma   90.00
#
_symmetry.space_group_name_H-M   'P 21 21 21'
#
loop_
_entity.id
_entity.type
_entity.pdbx_description
1 polymer 'Thoeris anti-defense 1'
2 polymer (2-ACETYL-5-METHYLANILINO)(2,6-DIBROMOPHENYL)ACETAMIDE
3 non-polymer 'ZINC ION'
#
loop_
_entity_poly.entity_id
_entity_poly.type
_entity_poly.pdbx_seq_one_letter_code
_entity_poly.pdbx_strand_id
1 'polypeptide(L)'
;SSGLVPRGSHMEIKNGLCTQKYTKVYAEDKEKWKFNAPHHFIVGKADCEDEYIEPIEYVNFQEGPIKEYGINGVNNEDLI
LMVITRLQAFQDSPYKCRENAMAITKLQECLMWLGKRTLDREVKGIEGTSEI
;
A,B,G,H,I,J,K,L,C,D,E,F
2 'polyribonucleotide' AAA N,O,P,Q
#
loop_
_chem_comp.id
_chem_comp.type
_chem_comp.name
_chem_comp.formula
A RNA linking ADENOSINE-5'-MONOPHOSPHATE 'C10 H14 N5 O7 P'
ZN non-polymer 'ZINC ION' 'Zn 2'
#
# COMPACT_ATOMS: atom_id res chain seq x y z
N GLY A 3 -6.57 -47.33 -25.23
CA GLY A 3 -7.08 -45.98 -25.43
C GLY A 3 -6.14 -44.98 -26.09
N LEU A 4 -5.55 -45.35 -27.24
CA LEU A 4 -4.80 -44.39 -28.02
C LEU A 4 -5.45 -44.24 -29.38
N VAL A 5 -4.81 -43.43 -30.23
CA VAL A 5 -5.31 -43.18 -31.58
C VAL A 5 -4.07 -42.90 -32.41
N PRO A 6 -4.04 -43.23 -33.69
CA PRO A 6 -2.82 -43.02 -34.48
C PRO A 6 -2.52 -41.55 -34.70
N ARG A 7 -1.23 -41.22 -34.76
CA ARG A 7 -0.83 -39.85 -35.06
C ARG A 7 -1.10 -39.53 -36.53
N GLY A 8 -0.41 -40.22 -37.43
CA GLY A 8 -0.56 -39.97 -38.84
C GLY A 8 0.16 -38.71 -39.26
N SER A 9 -0.58 -37.78 -39.87
CA SER A 9 -0.02 -36.51 -40.29
C SER A 9 -0.44 -35.36 -39.37
N HIS A 10 -1.13 -35.65 -38.27
CA HIS A 10 -1.24 -34.70 -37.16
C HIS A 10 0.15 -34.17 -36.83
N MET A 11 0.28 -32.85 -36.72
CA MET A 11 1.59 -32.22 -36.58
C MET A 11 1.79 -31.82 -35.13
N GLU A 12 2.97 -32.10 -34.63
CA GLU A 12 3.26 -31.83 -33.24
C GLU A 12 3.72 -30.38 -33.12
N ILE A 13 3.12 -29.67 -32.18
CA ILE A 13 3.43 -28.26 -31.95
C ILE A 13 4.55 -28.20 -30.92
N LYS A 14 5.79 -27.99 -31.37
CA LYS A 14 6.93 -27.81 -30.48
C LYS A 14 7.27 -26.34 -30.43
N ASN A 15 7.40 -25.79 -29.24
CA ASN A 15 7.91 -24.45 -29.07
C ASN A 15 9.20 -24.48 -28.27
N GLY A 16 9.99 -23.42 -28.44
CA GLY A 16 11.07 -23.18 -27.53
C GLY A 16 10.58 -22.93 -26.10
N LEU A 17 9.40 -22.36 -25.96
CA LEU A 17 8.81 -22.11 -24.65
C LEU A 17 7.94 -23.26 -24.17
N CYS A 18 7.83 -24.34 -24.96
CA CYS A 18 7.33 -25.60 -24.43
C CYS A 18 8.37 -26.22 -23.52
N THR A 19 7.93 -26.70 -22.35
CA THR A 19 8.79 -27.64 -21.67
C THR A 19 8.46 -29.05 -22.10
N GLN A 20 7.21 -29.29 -22.51
CA GLN A 20 6.73 -30.60 -22.95
C GLN A 20 7.01 -31.68 -21.90
N LYS A 21 7.03 -31.28 -20.63
CA LYS A 21 7.38 -32.21 -19.57
C LYS A 21 6.27 -33.24 -19.38
N TYR A 22 5.02 -32.79 -19.26
CA TYR A 22 3.89 -33.66 -19.02
C TYR A 22 2.98 -33.85 -20.23
N THR A 23 2.82 -32.84 -21.07
CA THR A 23 1.82 -32.88 -22.13
C THR A 23 2.46 -32.46 -23.46
N LYS A 24 1.82 -32.91 -24.54
CA LYS A 24 2.18 -32.56 -25.90
C LYS A 24 0.94 -32.03 -26.62
N VAL A 25 1.15 -31.06 -27.51
CA VAL A 25 0.07 -30.41 -28.24
C VAL A 25 0.25 -30.70 -29.73
N TYR A 26 -0.84 -31.10 -30.38
CA TYR A 26 -0.85 -31.41 -31.81
C TYR A 26 -1.95 -30.62 -32.50
N ALA A 27 -1.77 -30.41 -33.80
CA ALA A 27 -2.79 -29.79 -34.64
C ALA A 27 -2.99 -30.65 -35.88
N GLU A 28 -3.99 -30.30 -36.68
CA GLU A 28 -4.17 -31.03 -37.93
C GLU A 28 -3.01 -30.75 -38.88
N ASP A 29 -2.76 -31.72 -39.77
CA ASP A 29 -1.74 -31.60 -40.80
C ASP A 29 -1.78 -30.23 -41.46
N LYS A 30 -0.59 -29.63 -41.66
CA LYS A 30 -0.54 -28.33 -42.28
C LYS A 30 -1.24 -28.32 -43.64
N GLU A 31 -1.36 -29.49 -44.29
CA GLU A 31 -2.13 -29.60 -45.52
C GLU A 31 -3.58 -29.22 -45.36
N LYS A 32 -4.13 -29.40 -44.16
CA LYS A 32 -5.56 -29.29 -43.95
C LYS A 32 -5.94 -27.98 -43.28
N TRP A 33 -5.00 -27.06 -43.14
CA TRP A 33 -5.31 -25.76 -42.55
C TRP A 33 -6.22 -24.98 -43.49
N LYS A 34 -7.40 -24.61 -42.99
CA LYS A 34 -8.32 -23.79 -43.74
C LYS A 34 -8.18 -22.32 -43.32
N PHE A 35 -8.21 -21.42 -44.32
CA PHE A 35 -8.20 -19.98 -44.08
C PHE A 35 -6.96 -19.54 -43.30
N ASN A 36 -5.82 -20.14 -43.62
CA ASN A 36 -4.48 -19.76 -43.19
C ASN A 36 -4.09 -20.20 -41.78
N ALA A 37 -4.87 -21.04 -41.09
CA ALA A 37 -4.54 -21.32 -39.69
C ALA A 37 -5.07 -22.70 -39.30
N PRO A 38 -4.48 -23.34 -38.30
CA PRO A 38 -5.01 -24.61 -37.81
C PRO A 38 -6.23 -24.38 -36.93
N HIS A 39 -7.08 -25.41 -36.84
CA HIS A 39 -8.34 -25.29 -36.14
C HIS A 39 -8.69 -26.46 -35.23
N HIS A 40 -7.95 -27.55 -35.25
CA HIS A 40 -8.34 -28.78 -34.55
C HIS A 40 -7.12 -29.31 -33.81
N PHE A 41 -7.04 -28.98 -32.53
CA PHE A 41 -5.90 -29.29 -31.68
C PHE A 41 -6.24 -30.45 -30.75
N ILE A 42 -5.19 -31.18 -30.39
CA ILE A 42 -5.26 -32.27 -29.42
C ILE A 42 -4.19 -32.05 -28.37
N VAL A 43 -4.56 -32.13 -27.10
CA VAL A 43 -3.58 -32.23 -26.03
C VAL A 43 -3.55 -33.70 -25.60
N GLY A 44 -2.36 -34.30 -25.67
CA GLY A 44 -2.18 -35.68 -25.29
C GLY A 44 -1.02 -35.83 -24.32
N LYS A 45 -0.83 -37.04 -23.84
CA LYS A 45 0.26 -37.32 -22.92
C LYS A 45 1.57 -37.51 -23.59
N ALA A 46 2.62 -36.94 -23.03
CA ALA A 46 3.92 -36.96 -23.67
C ALA A 46 4.68 -38.25 -23.74
N ASP A 47 4.37 -39.20 -22.88
CA ASP A 47 5.06 -40.46 -22.83
C ASP A 47 4.88 -41.20 -24.10
N CYS A 48 3.85 -40.88 -24.83
CA CYS A 48 3.54 -41.60 -26.04
C CYS A 48 4.60 -41.58 -27.11
N GLU A 49 4.68 -42.67 -27.85
CA GLU A 49 5.58 -42.77 -28.97
C GLU A 49 5.09 -41.90 -30.09
N ASP A 50 5.96 -41.52 -30.99
CA ASP A 50 5.58 -40.59 -32.06
C ASP A 50 4.53 -41.16 -32.93
N GLU A 51 4.41 -42.47 -32.96
CA GLU A 51 3.37 -43.12 -33.73
C GLU A 51 1.96 -42.84 -33.25
N TYR A 52 1.77 -42.68 -31.96
CA TYR A 52 0.43 -42.49 -31.43
C TYR A 52 0.26 -41.29 -30.56
N ILE A 53 -0.97 -40.88 -30.31
CA ILE A 53 -1.26 -39.78 -29.42
C ILE A 53 -2.16 -40.27 -28.30
N GLU A 54 -1.88 -39.94 -27.02
CA GLU A 54 -2.77 -40.29 -25.92
C GLU A 54 -3.68 -39.09 -25.62
N PRO A 55 -4.89 -39.01 -26.20
CA PRO A 55 -5.69 -37.79 -26.09
C PRO A 55 -6.16 -37.52 -24.66
N ILE A 56 -5.74 -36.38 -24.13
CA ILE A 56 -6.32 -35.84 -22.92
C ILE A 56 -7.52 -34.97 -23.23
N GLU A 57 -7.44 -34.20 -24.32
CA GLU A 57 -8.47 -33.22 -24.61
C GLU A 57 -8.40 -32.82 -26.08
N TYR A 58 -9.56 -32.45 -26.63
CA TYR A 58 -9.69 -31.96 -27.99
C TYR A 58 -10.22 -30.53 -27.96
N VAL A 59 -9.59 -29.63 -28.72
CA VAL A 59 -10.02 -28.23 -28.77
C VAL A 59 -10.21 -27.84 -30.24
N ASN A 60 -11.41 -27.40 -30.59
CA ASN A 60 -11.74 -27.06 -31.97
C ASN A 60 -12.15 -25.61 -32.06
N PHE A 61 -11.48 -24.86 -32.94
CA PHE A 61 -11.72 -23.44 -33.11
C PHE A 61 -12.75 -23.21 -34.21
N GLN A 62 -13.44 -22.07 -34.11
CA GLN A 62 -14.39 -21.65 -35.13
C GLN A 62 -13.74 -21.71 -36.50
N GLU A 63 -14.29 -22.54 -37.38
CA GLU A 63 -13.78 -22.76 -38.71
C GLU A 63 -14.82 -22.30 -39.72
N GLY A 64 -14.47 -21.34 -40.55
CA GLY A 64 -15.35 -20.85 -41.57
C GLY A 64 -16.28 -19.75 -41.08
N PRO A 65 -16.93 -19.05 -42.02
CA PRO A 65 -17.84 -17.96 -41.63
C PRO A 65 -19.06 -18.48 -40.88
N ILE A 66 -19.55 -17.64 -39.97
CA ILE A 66 -20.46 -18.10 -38.93
C ILE A 66 -21.86 -18.30 -39.50
N LYS A 67 -22.32 -17.36 -40.33
CA LYS A 67 -23.61 -17.50 -41.00
C LYS A 67 -23.63 -18.65 -42.00
N GLU A 68 -22.50 -19.28 -42.28
CA GLU A 68 -22.42 -20.30 -43.30
C GLU A 68 -22.23 -21.71 -42.76
N TYR A 69 -21.39 -21.91 -41.74
CA TYR A 69 -21.17 -23.22 -41.16
C TYR A 69 -21.66 -23.31 -39.72
N GLY A 70 -22.39 -22.31 -39.26
CA GLY A 70 -22.85 -22.29 -37.89
C GLY A 70 -21.72 -21.96 -36.93
N ILE A 71 -21.96 -22.28 -35.67
CA ILE A 71 -20.98 -22.09 -34.62
C ILE A 71 -20.41 -23.46 -34.29
N ASN A 72 -19.16 -23.71 -34.70
CA ASN A 72 -18.56 -25.04 -34.59
C ASN A 72 -17.24 -25.02 -33.84
N GLY A 73 -17.00 -24.04 -32.98
CA GLY A 73 -15.77 -24.03 -32.21
C GLY A 73 -15.61 -22.77 -31.42
N VAL A 74 -14.50 -22.72 -30.68
CA VAL A 74 -14.21 -21.65 -29.73
C VAL A 74 -13.36 -20.56 -30.38
N ASN A 75 -13.24 -19.42 -29.70
CA ASN A 75 -12.37 -18.34 -30.12
C ASN A 75 -11.14 -18.29 -29.22
N ASN A 76 -10.10 -17.63 -29.72
CA ASN A 76 -8.91 -17.37 -28.90
C ASN A 76 -9.30 -16.70 -27.57
N GLU A 77 -10.11 -15.65 -27.66
CA GLU A 77 -10.54 -14.91 -26.47
C GLU A 77 -11.10 -15.83 -25.39
N ASP A 78 -11.81 -16.87 -25.78
CA ASP A 78 -12.42 -17.76 -24.79
C ASP A 78 -11.35 -18.48 -23.97
N LEU A 79 -10.34 -19.06 -24.64
CA LEU A 79 -9.29 -19.77 -23.92
C LEU A 79 -8.48 -18.83 -23.05
N ILE A 80 -8.12 -17.65 -23.58
CA ILE A 80 -7.40 -16.70 -22.77
C ILE A 80 -8.20 -16.35 -21.52
N LEU A 81 -9.52 -16.19 -21.67
CA LEU A 81 -10.36 -15.87 -20.52
C LEU A 81 -10.35 -17.00 -19.49
N MET A 82 -10.36 -18.24 -19.96
CA MET A 82 -10.24 -19.37 -19.04
C MET A 82 -8.95 -19.27 -18.22
N VAL A 83 -7.82 -19.07 -18.89
CA VAL A 83 -6.55 -19.03 -18.18
C VAL A 83 -6.52 -17.87 -17.20
N ILE A 84 -7.05 -16.72 -17.61
CA ILE A 84 -7.09 -15.55 -16.73
C ILE A 84 -7.91 -15.86 -15.48
N THR A 85 -9.05 -16.54 -15.66
CA THR A 85 -9.91 -16.89 -14.54
C THR A 85 -9.19 -17.79 -13.55
N ARG A 86 -8.52 -18.82 -14.07
CA ARG A 86 -7.79 -19.73 -13.19
C ARG A 86 -6.64 -19.02 -12.46
N LEU A 87 -5.87 -18.17 -13.17
CA LEU A 87 -4.77 -17.49 -12.51
C LEU A 87 -5.27 -16.55 -11.43
N GLN A 88 -6.39 -15.85 -11.69
CA GLN A 88 -6.97 -14.99 -10.68
C GLN A 88 -7.44 -15.80 -9.48
N ALA A 89 -7.98 -17.00 -9.72
CA ALA A 89 -8.30 -17.89 -8.61
C ALA A 89 -7.04 -18.25 -7.81
N PHE A 90 -5.95 -18.57 -8.49
CA PHE A 90 -4.71 -18.91 -7.81
C PHE A 90 -4.19 -17.74 -6.98
N GLN A 91 -4.40 -16.51 -7.44
CA GLN A 91 -3.95 -15.37 -6.64
C GLN A 91 -4.75 -15.25 -5.35
N ASP A 92 -5.97 -15.79 -5.34
CA ASP A 92 -6.80 -15.82 -4.13
C ASP A 92 -6.60 -17.15 -3.40
N SER A 93 -5.34 -17.50 -3.14
CA SER A 93 -4.98 -18.77 -2.53
C SER A 93 -3.57 -18.63 -1.94
N PRO A 94 -3.05 -19.65 -1.24
CA PRO A 94 -1.66 -19.55 -0.76
C PRO A 94 -0.64 -19.52 -1.89
N TYR A 95 -1.03 -19.84 -3.12
CA TYR A 95 -0.11 -19.85 -4.25
C TYR A 95 0.02 -18.49 -4.92
N LYS A 96 -0.57 -17.44 -4.33
CA LYS A 96 -0.36 -16.09 -4.82
C LYS A 96 1.13 -15.81 -5.03
N CYS A 97 1.48 -15.16 -6.14
CA CYS A 97 2.86 -14.82 -6.41
C CYS A 97 2.94 -13.79 -7.52
N ARG A 98 4.11 -13.16 -7.62
CA ARG A 98 4.31 -12.07 -8.56
C ARG A 98 4.30 -12.56 -10.02
N GLU A 99 4.77 -13.78 -10.26
CA GLU A 99 4.78 -14.31 -11.62
C GLU A 99 3.37 -14.43 -12.18
N ASN A 100 2.43 -14.96 -11.39
CA ASN A 100 1.04 -15.05 -11.83
C ASN A 100 0.47 -13.66 -12.11
N ALA A 101 0.82 -12.68 -11.29
CA ALA A 101 0.32 -11.33 -11.51
C ALA A 101 0.80 -10.79 -12.85
N MET A 102 2.11 -10.95 -13.13
CA MET A 102 2.67 -10.56 -14.41
C MET A 102 1.93 -11.25 -15.56
N ALA A 103 1.68 -12.55 -15.41
CA ALA A 103 1.02 -13.30 -16.46
C ALA A 103 -0.39 -12.77 -16.71
N ILE A 104 -1.12 -12.49 -15.63
CA ILE A 104 -2.49 -11.99 -15.76
C ILE A 104 -2.48 -10.66 -16.51
N THR A 105 -1.51 -9.81 -16.18
CA THR A 105 -1.43 -8.53 -16.88
C THR A 105 -1.15 -8.74 -18.36
N LYS A 106 -0.24 -9.66 -18.68
CA LYS A 106 0.09 -9.92 -20.07
C LYS A 106 -1.13 -10.45 -20.83
N LEU A 107 -1.93 -11.31 -20.20
CA LEU A 107 -3.12 -11.84 -20.85
C LEU A 107 -4.18 -10.76 -21.06
N GLN A 108 -4.37 -9.89 -20.07
CA GLN A 108 -5.35 -8.82 -20.25
C GLN A 108 -4.91 -7.86 -21.37
N GLU A 109 -3.60 -7.61 -21.48
CA GLU A 109 -3.12 -6.77 -22.57
C GLU A 109 -3.28 -7.48 -23.92
N CYS A 110 -3.11 -8.79 -23.94
CA CYS A 110 -3.38 -9.56 -25.16
C CYS A 110 -4.82 -9.38 -25.61
N LEU A 111 -5.77 -9.54 -24.68
CA LEU A 111 -7.17 -9.35 -25.01
C LEU A 111 -7.41 -7.92 -25.49
N MET A 112 -6.76 -6.94 -24.85
CA MET A 112 -6.89 -5.56 -25.28
C MET A 112 -6.49 -5.39 -26.73
N TRP A 113 -5.37 -6.00 -27.14
CA TRP A 113 -4.89 -5.78 -28.51
C TRP A 113 -5.76 -6.49 -29.55
N LEU A 114 -6.23 -7.72 -29.25
CA LEU A 114 -7.16 -8.37 -30.17
C LEU A 114 -8.47 -7.59 -30.28
N GLY A 115 -8.97 -7.09 -29.14
CA GLY A 115 -10.16 -6.27 -29.17
C GLY A 115 -9.96 -4.99 -29.94
N LYS A 116 -8.76 -4.42 -29.88
CA LYS A 116 -8.47 -3.24 -30.69
C LYS A 116 -8.58 -3.58 -32.17
N ARG A 117 -8.10 -4.76 -32.57
CA ARG A 117 -8.29 -5.13 -33.97
C ARG A 117 -9.76 -5.11 -34.35
N THR A 118 -10.66 -5.68 -33.58
CA THR A 118 -12.06 -5.72 -33.96
C THR A 118 -12.74 -4.35 -33.98
N LEU A 119 -12.46 -3.51 -33.01
CA LEU A 119 -13.01 -2.17 -32.94
C LEU A 119 -12.61 -1.28 -34.08
N ASP A 120 -11.38 -1.40 -34.52
CA ASP A 120 -10.94 -0.62 -35.63
C ASP A 120 -11.70 -0.96 -36.88
N ARG A 121 -11.94 -2.24 -37.12
CA ARG A 121 -12.72 -2.67 -38.29
C ARG A 121 -14.10 -2.14 -38.20
N GLU A 122 -14.63 -2.09 -37.00
CA GLU A 122 -15.99 -1.65 -36.80
C GLU A 122 -16.19 -0.25 -37.21
N VAL A 123 -15.20 0.58 -37.00
CA VAL A 123 -15.31 1.96 -37.38
C VAL A 123 -15.52 1.97 -38.88
N LYS A 124 -14.86 1.06 -39.59
CA LYS A 124 -15.03 0.93 -41.05
C LYS A 124 -16.13 -0.03 -41.42
N GLY A 125 -16.77 -0.66 -40.44
CA GLY A 125 -17.91 -1.52 -40.69
C GLY A 125 -17.60 -2.93 -41.08
N ILE A 126 -16.34 -3.20 -41.32
CA ILE A 126 -15.96 -4.52 -41.79
C ILE A 126 -16.21 -5.67 -40.82
N GLU A 127 -15.97 -5.51 -39.53
CA GLU A 127 -16.09 -6.60 -38.54
C GLU A 127 -16.91 -7.88 -38.88
N SER B 1 -32.82 -28.80 -28.04
CA SER B 1 -33.40 -29.95 -27.38
C SER B 1 -32.34 -30.97 -26.97
N SER B 2 -31.69 -31.57 -27.95
CA SER B 2 -30.70 -32.56 -27.65
C SER B 2 -29.36 -31.90 -27.50
N GLY B 3 -29.32 -30.59 -27.68
CA GLY B 3 -28.08 -29.87 -27.52
C GLY B 3 -28.04 -29.01 -26.30
N LEU B 4 -28.96 -29.22 -25.38
CA LEU B 4 -29.05 -28.35 -24.22
C LEU B 4 -28.86 -29.07 -22.92
N VAL B 5 -28.10 -28.47 -22.02
CA VAL B 5 -27.92 -29.03 -20.69
C VAL B 5 -28.25 -27.86 -19.79
N PRO B 6 -28.67 -28.13 -18.57
CA PRO B 6 -29.10 -27.02 -17.72
C PRO B 6 -28.01 -26.23 -17.06
N ARG B 7 -28.21 -24.93 -16.85
CA ARG B 7 -27.12 -24.17 -16.31
C ARG B 7 -26.75 -24.66 -14.95
N GLY B 8 -27.74 -24.80 -14.09
CA GLY B 8 -27.49 -25.32 -12.76
C GLY B 8 -26.44 -24.60 -11.99
N SER B 9 -25.55 -25.35 -11.39
CA SER B 9 -24.47 -24.76 -10.68
C SER B 9 -23.36 -24.56 -11.65
N HIS B 10 -23.53 -23.66 -12.59
CA HIS B 10 -22.48 -23.37 -13.50
C HIS B 10 -22.51 -21.90 -13.50
N MET B 11 -21.36 -21.28 -13.61
CA MET B 11 -21.33 -19.86 -13.50
C MET B 11 -20.87 -19.28 -14.78
N GLU B 12 -21.47 -18.19 -15.18
CA GLU B 12 -21.04 -17.51 -16.35
C GLU B 12 -19.84 -16.73 -16.02
N ILE B 13 -18.90 -16.70 -16.94
CA ILE B 13 -17.68 -15.92 -16.77
C ILE B 13 -17.89 -14.58 -17.45
N LYS B 14 -18.13 -13.56 -16.63
CA LYS B 14 -18.22 -12.18 -17.06
C LYS B 14 -16.82 -11.58 -17.21
N ASN B 15 -16.54 -10.98 -18.36
CA ASN B 15 -15.36 -10.16 -18.49
C ASN B 15 -15.65 -9.02 -19.43
N GLY B 16 -15.33 -7.79 -18.99
CA GLY B 16 -15.53 -6.61 -19.81
C GLY B 16 -14.64 -6.55 -21.04
N LEU B 17 -13.56 -7.32 -21.07
CA LEU B 17 -12.67 -7.35 -22.22
C LEU B 17 -13.09 -8.36 -23.28
N CYS B 18 -14.10 -9.18 -23.01
CA CYS B 18 -14.55 -10.20 -23.93
C CYS B 18 -15.88 -9.78 -24.55
N THR B 19 -15.98 -9.94 -25.88
CA THR B 19 -17.13 -9.38 -26.60
C THR B 19 -18.43 -10.11 -26.25
N GLN B 20 -18.37 -11.44 -26.05
CA GLN B 20 -19.54 -12.24 -25.69
C GLN B 20 -20.64 -12.14 -26.76
N LYS B 21 -20.25 -11.95 -28.02
CA LYS B 21 -21.22 -11.80 -29.09
C LYS B 21 -21.80 -13.13 -29.55
N TYR B 22 -20.94 -14.12 -29.78
CA TYR B 22 -21.43 -15.40 -30.25
C TYR B 22 -21.35 -16.50 -29.21
N THR B 23 -20.42 -16.42 -28.25
CA THR B 23 -20.22 -17.48 -27.26
C THR B 23 -20.18 -16.90 -25.85
N LYS B 24 -20.47 -17.77 -24.89
CA LYS B 24 -20.30 -17.53 -23.47
C LYS B 24 -19.43 -18.64 -22.87
N VAL B 25 -18.68 -18.27 -21.83
CA VAL B 25 -17.80 -19.19 -21.10
C VAL B 25 -18.37 -19.41 -19.71
N TYR B 26 -18.56 -20.68 -19.34
CA TYR B 26 -19.04 -21.10 -18.04
C TYR B 26 -18.01 -21.98 -17.35
N ALA B 27 -18.11 -22.00 -16.04
CA ALA B 27 -17.27 -22.85 -15.27
C ALA B 27 -18.13 -23.39 -14.17
N GLU B 28 -17.58 -24.30 -13.39
CA GLU B 28 -18.27 -24.85 -12.27
C GLU B 28 -18.35 -23.80 -11.21
N ASP B 29 -19.32 -23.91 -10.33
CA ASP B 29 -19.51 -22.90 -9.32
C ASP B 29 -18.46 -22.93 -8.27
N LYS B 30 -18.24 -21.81 -7.59
CA LYS B 30 -17.12 -21.69 -6.68
C LYS B 30 -17.09 -22.69 -5.57
N GLU B 31 -18.25 -23.06 -5.09
CA GLU B 31 -18.32 -23.99 -3.98
C GLU B 31 -17.67 -25.27 -4.37
N LYS B 32 -17.81 -25.63 -5.62
CA LYS B 32 -17.28 -26.88 -6.08
C LYS B 32 -15.83 -26.86 -6.53
N TRP B 33 -15.21 -25.70 -6.52
CA TRP B 33 -13.82 -25.64 -6.89
C TRP B 33 -12.90 -26.41 -5.99
N LYS B 34 -11.99 -27.17 -6.56
CA LYS B 34 -11.02 -27.96 -5.83
C LYS B 34 -9.62 -27.49 -6.19
N PHE B 35 -8.71 -27.51 -5.21
CA PHE B 35 -7.36 -26.97 -5.37
C PHE B 35 -7.39 -25.49 -5.75
N ASN B 36 -8.41 -24.78 -5.28
CA ASN B 36 -8.55 -23.32 -5.24
C ASN B 36 -8.97 -22.68 -6.56
N ALA B 37 -9.28 -23.46 -7.60
CA ALA B 37 -9.54 -22.87 -8.90
C ALA B 37 -10.58 -23.69 -9.62
N PRO B 38 -11.31 -23.10 -10.56
CA PRO B 38 -12.17 -23.89 -11.44
C PRO B 38 -11.35 -24.75 -12.39
N HIS B 39 -11.86 -25.95 -12.67
CA HIS B 39 -11.19 -26.90 -13.54
C HIS B 39 -12.05 -27.41 -14.68
N HIS B 40 -13.35 -27.10 -14.72
CA HIS B 40 -14.27 -27.69 -15.68
C HIS B 40 -15.05 -26.57 -16.34
N PHE B 41 -14.65 -26.24 -17.57
CA PHE B 41 -15.14 -25.11 -18.33
C PHE B 41 -15.95 -25.60 -19.52
N ILE B 42 -16.91 -24.77 -19.92
CA ILE B 42 -17.78 -25.01 -21.06
C ILE B 42 -17.84 -23.73 -21.87
N VAL B 43 -17.74 -23.85 -23.20
CA VAL B 43 -17.97 -22.71 -24.07
C VAL B 43 -19.26 -23.07 -24.75
N GLY B 44 -20.18 -22.14 -24.78
CA GLY B 44 -21.46 -22.42 -25.35
C GLY B 44 -22.05 -21.24 -26.05
N LYS B 45 -23.11 -21.47 -26.81
CA LYS B 45 -23.68 -20.40 -27.60
C LYS B 45 -24.41 -19.39 -26.77
N ALA B 46 -24.17 -18.12 -27.04
CA ALA B 46 -24.75 -17.05 -26.27
C ALA B 46 -26.23 -16.87 -26.30
N ASP B 47 -26.83 -17.04 -27.44
CA ASP B 47 -28.23 -16.79 -27.53
C ASP B 47 -28.90 -18.03 -27.07
N CYS B 48 -29.04 -18.16 -25.78
CA CYS B 48 -29.65 -19.32 -25.20
C CYS B 48 -30.39 -18.72 -24.08
N GLU B 49 -31.35 -19.42 -23.53
CA GLU B 49 -32.00 -18.90 -22.35
C GLU B 49 -31.11 -19.19 -21.16
N ASP B 50 -31.27 -18.44 -20.09
CA ASP B 50 -30.38 -18.59 -18.95
C ASP B 50 -30.41 -19.95 -18.31
N GLU B 51 -31.53 -20.62 -18.30
CA GLU B 51 -31.64 -21.89 -17.59
C GLU B 51 -30.87 -23.01 -18.17
N TYR B 52 -30.42 -22.83 -19.38
CA TYR B 52 -29.71 -23.88 -20.05
C TYR B 52 -28.45 -23.37 -20.63
N ILE B 53 -27.56 -24.28 -20.96
CA ILE B 53 -26.36 -23.89 -21.62
C ILE B 53 -26.38 -24.72 -22.85
N GLU B 54 -25.97 -24.17 -23.99
CA GLU B 54 -25.83 -24.96 -25.19
C GLU B 54 -24.39 -25.19 -25.45
N PRO B 55 -23.92 -26.37 -25.10
CA PRO B 55 -22.51 -26.62 -25.25
C PRO B 55 -21.90 -26.67 -26.65
N ILE B 56 -20.73 -26.07 -26.84
CA ILE B 56 -20.02 -26.14 -28.09
C ILE B 56 -18.74 -26.90 -27.78
N GLU B 57 -18.08 -26.58 -26.66
CA GLU B 57 -16.82 -27.23 -26.37
C GLU B 57 -16.65 -27.37 -24.87
N TYR B 58 -16.03 -28.48 -24.45
CA TYR B 58 -15.70 -28.77 -23.07
C TYR B 58 -14.20 -28.71 -22.89
N VAL B 59 -13.73 -27.96 -21.89
CA VAL B 59 -12.30 -27.87 -21.63
C VAL B 59 -12.08 -28.21 -20.15
N ASN B 60 -11.30 -29.26 -19.89
CA ASN B 60 -11.08 -29.75 -18.54
C ASN B 60 -9.59 -29.63 -18.20
N PHE B 61 -9.29 -28.83 -17.19
CA PHE B 61 -7.92 -28.58 -16.77
C PHE B 61 -7.43 -29.66 -15.82
N GLN B 62 -6.11 -29.79 -15.73
CA GLN B 62 -5.49 -30.69 -14.76
C GLN B 62 -5.99 -30.37 -13.35
N GLU B 63 -6.68 -31.33 -12.74
CA GLU B 63 -7.20 -31.19 -11.37
C GLU B 63 -6.35 -31.94 -10.41
N GLY B 64 -5.59 -31.22 -9.64
CA GLY B 64 -4.77 -31.82 -8.65
C GLY B 64 -3.37 -31.83 -9.12
N PRO B 65 -2.46 -31.78 -8.19
CA PRO B 65 -1.07 -31.89 -8.60
C PRO B 65 -0.77 -33.23 -9.24
N ILE B 66 0.01 -33.22 -10.29
CA ILE B 66 0.30 -34.44 -11.04
C ILE B 66 1.08 -35.49 -10.31
N LYS B 67 2.08 -35.09 -9.55
CA LYS B 67 2.90 -36.08 -8.93
C LYS B 67 2.01 -36.89 -8.03
N GLU B 68 1.15 -36.22 -7.30
CA GLU B 68 0.16 -36.91 -6.49
C GLU B 68 -0.99 -37.59 -7.18
N TYR B 69 -1.59 -36.95 -8.17
CA TYR B 69 -2.82 -37.49 -8.76
C TYR B 69 -2.72 -37.92 -10.17
N GLY B 70 -1.61 -37.61 -10.78
CA GLY B 70 -1.43 -38.00 -12.17
C GLY B 70 -1.93 -36.96 -13.15
N ILE B 71 -2.20 -37.42 -14.36
CA ILE B 71 -2.51 -36.56 -15.51
C ILE B 71 -3.97 -36.76 -15.88
N ASN B 72 -4.76 -35.68 -15.79
CA ASN B 72 -6.20 -35.81 -16.02
C ASN B 72 -6.82 -34.58 -16.69
N GLY B 73 -6.04 -33.74 -17.36
CA GLY B 73 -6.57 -32.52 -17.93
C GLY B 73 -5.46 -31.69 -18.55
N VAL B 74 -5.87 -30.58 -19.17
CA VAL B 74 -4.92 -29.72 -19.87
C VAL B 74 -4.29 -28.74 -18.90
N ASN B 75 -3.24 -28.05 -19.34
CA ASN B 75 -2.61 -27.00 -18.56
C ASN B 75 -2.80 -25.65 -19.27
N ASN B 76 -2.73 -24.58 -18.46
CA ASN B 76 -2.83 -23.22 -19.02
C ASN B 76 -1.90 -23.04 -20.22
N GLU B 77 -0.68 -23.56 -20.11
CA GLU B 77 0.32 -23.34 -21.15
C GLU B 77 -0.09 -23.98 -22.46
N ASP B 78 -0.84 -25.09 -22.40
CA ASP B 78 -1.25 -25.77 -23.62
C ASP B 78 -2.20 -24.89 -24.44
N LEU B 79 -3.23 -24.35 -23.80
CA LEU B 79 -4.15 -23.45 -24.47
C LEU B 79 -3.43 -22.22 -25.00
N ILE B 80 -2.50 -21.67 -24.21
CA ILE B 80 -1.82 -20.48 -24.67
C ILE B 80 -0.95 -20.81 -25.90
N LEU B 81 -0.39 -22.02 -25.94
CA LEU B 81 0.37 -22.44 -27.10
C LEU B 81 -0.50 -22.51 -28.34
N MET B 82 -1.71 -23.08 -28.20
CA MET B 82 -2.63 -23.11 -29.33
C MET B 82 -2.88 -21.70 -29.87
N VAL B 83 -3.15 -20.75 -28.96
CA VAL B 83 -3.47 -19.39 -29.39
C VAL B 83 -2.27 -18.74 -30.10
N ILE B 84 -1.05 -18.93 -29.56
CA ILE B 84 0.13 -18.39 -30.22
C ILE B 84 0.29 -19.00 -31.61
N THR B 85 0.07 -20.31 -31.73
CA THR B 85 0.21 -20.96 -33.03
C THR B 85 -0.75 -20.37 -34.04
N ARG B 86 -2.00 -20.18 -33.64
CA ARG B 86 -2.99 -19.63 -34.58
C ARG B 86 -2.63 -18.20 -34.96
N LEU B 87 -2.25 -17.37 -33.98
CA LEU B 87 -1.91 -15.99 -34.29
C LEU B 87 -0.70 -15.91 -35.22
N GLN B 88 0.28 -16.79 -35.03
CA GLN B 88 1.44 -16.75 -35.91
C GLN B 88 1.08 -17.21 -37.32
N ALA B 89 0.21 -18.21 -37.44
CA ALA B 89 -0.31 -18.56 -38.76
C ALA B 89 -0.97 -17.35 -39.42
N PHE B 90 -1.84 -16.65 -38.69
CA PHE B 90 -2.44 -15.43 -39.24
C PHE B 90 -1.37 -14.46 -39.71
N GLN B 91 -0.27 -14.35 -38.96
CA GLN B 91 0.77 -13.43 -39.36
C GLN B 91 1.44 -13.87 -40.66
N ASP B 92 1.51 -15.19 -40.89
CA ASP B 92 2.05 -15.75 -42.14
C ASP B 92 0.95 -15.89 -43.19
N SER B 93 0.28 -14.78 -43.46
CA SER B 93 -0.89 -14.80 -44.34
C SER B 93 -1.12 -13.37 -44.81
N PRO B 94 -2.04 -13.17 -45.77
CA PRO B 94 -2.32 -11.80 -46.22
C PRO B 94 -2.87 -10.89 -45.14
N TYR B 95 -3.21 -11.42 -43.97
CA TYR B 95 -3.86 -10.64 -42.91
C TYR B 95 -2.91 -10.32 -41.77
N LYS B 96 -1.60 -10.38 -42.02
CA LYS B 96 -0.61 -9.89 -41.09
C LYS B 96 -0.99 -8.48 -40.64
N CYS B 97 -0.88 -8.22 -39.33
CA CYS B 97 -1.16 -6.89 -38.82
C CYS B 97 -0.45 -6.69 -37.49
N ARG B 98 -0.44 -5.42 -37.06
CA ARG B 98 0.33 -5.01 -35.88
C ARG B 98 -0.34 -5.48 -34.58
N GLU B 99 -1.67 -5.45 -34.54
CA GLU B 99 -2.39 -5.89 -33.35
C GLU B 99 -2.11 -7.36 -33.05
N ASN B 100 -2.12 -8.22 -34.08
CA ASN B 100 -1.79 -9.62 -33.87
C ASN B 100 -0.35 -9.79 -33.38
N ALA B 101 0.58 -9.00 -33.92
CA ALA B 101 1.95 -9.04 -33.45
C ALA B 101 2.01 -8.74 -31.96
N MET B 102 1.34 -7.66 -31.55
CA MET B 102 1.33 -7.29 -30.14
C MET B 102 0.77 -8.42 -29.28
N ALA B 103 -0.34 -9.03 -29.71
CA ALA B 103 -0.92 -10.11 -28.92
C ALA B 103 0.04 -11.29 -28.81
N ILE B 104 0.74 -11.61 -29.90
CA ILE B 104 1.73 -12.68 -29.83
C ILE B 104 2.80 -12.34 -28.81
N THR B 105 3.27 -11.10 -28.83
CA THR B 105 4.32 -10.69 -27.90
C THR B 105 3.85 -10.82 -26.46
N LYS B 106 2.63 -10.35 -26.18
CA LYS B 106 2.12 -10.43 -24.81
C LYS B 106 1.95 -11.87 -24.37
N LEU B 107 1.46 -12.74 -25.27
CA LEU B 107 1.28 -14.15 -24.92
C LEU B 107 2.61 -14.84 -24.67
N GLN B 108 3.63 -14.50 -25.46
CA GLN B 108 4.95 -15.10 -25.23
C GLN B 108 5.53 -14.62 -23.91
N GLU B 109 5.32 -13.34 -23.57
CA GLU B 109 5.78 -12.88 -22.27
C GLU B 109 5.03 -13.58 -21.14
N CYS B 110 3.73 -13.82 -21.33
CA CYS B 110 2.95 -14.57 -20.35
C CYS B 110 3.55 -15.95 -20.12
N LEU B 111 3.91 -16.63 -21.21
CA LEU B 111 4.57 -17.94 -21.07
C LEU B 111 5.92 -17.82 -20.38
N MET B 112 6.65 -16.73 -20.62
CA MET B 112 7.96 -16.58 -19.99
C MET B 112 7.84 -16.33 -18.48
N TRP B 113 6.80 -15.61 -18.05
CA TRP B 113 6.61 -15.41 -16.60
C TRP B 113 6.13 -16.69 -15.92
N LEU B 114 5.16 -17.37 -16.53
CA LEU B 114 4.76 -18.66 -15.99
C LEU B 114 5.96 -19.61 -15.95
N GLY B 115 6.85 -19.48 -16.94
CA GLY B 115 8.02 -20.34 -16.99
C GLY B 115 9.04 -19.99 -15.94
N LYS B 116 9.19 -18.70 -15.62
CA LYS B 116 10.04 -18.33 -14.50
C LYS B 116 9.53 -18.95 -13.21
N ARG B 117 8.21 -18.93 -13.03
CA ARG B 117 7.66 -19.62 -11.85
C ARG B 117 8.03 -21.09 -11.86
N THR B 118 7.85 -21.75 -13.01
CA THR B 118 8.15 -23.18 -13.10
C THR B 118 9.64 -23.45 -12.90
N LEU B 119 10.53 -22.58 -13.42
CA LEU B 119 11.97 -22.78 -13.25
C LEU B 119 12.35 -22.67 -11.78
N ASP B 120 11.99 -21.54 -11.16
CA ASP B 120 12.20 -21.36 -9.72
C ASP B 120 11.70 -22.57 -8.95
N ARG B 121 10.52 -23.08 -9.32
CA ARG B 121 9.94 -24.18 -8.56
C ARG B 121 10.56 -25.54 -8.92
N GLU B 122 11.27 -25.62 -10.05
CA GLU B 122 12.14 -26.77 -10.31
C GLU B 122 13.32 -26.75 -9.35
N VAL B 123 14.05 -25.62 -9.30
CA VAL B 123 15.23 -25.50 -8.46
C VAL B 123 14.92 -25.88 -7.01
N LYS B 124 13.75 -25.48 -6.51
CA LYS B 124 13.31 -25.88 -5.19
C LYS B 124 12.91 -27.35 -5.11
N GLY B 125 12.81 -28.04 -6.24
CA GLY B 125 12.37 -29.42 -6.26
C GLY B 125 10.94 -29.63 -5.83
N ILE B 126 10.09 -28.62 -5.98
CA ILE B 126 8.73 -28.69 -5.47
C ILE B 126 7.75 -28.49 -6.62
N GLU B 127 8.20 -28.76 -7.86
CA GLU B 127 7.37 -28.60 -9.03
C GLU B 127 6.42 -29.78 -9.20
N GLY B 128 5.21 -29.48 -9.65
CA GLY B 128 4.19 -30.49 -9.76
C GLY B 128 3.63 -30.97 -8.44
N THR B 129 4.18 -30.51 -7.33
CA THR B 129 3.66 -30.83 -6.01
C THR B 129 2.69 -29.75 -5.56
N SER B 130 2.07 -29.97 -4.42
CA SER B 130 1.11 -29.03 -3.86
C SER B 130 1.75 -28.05 -2.87
N GLU B 131 3.07 -27.94 -2.83
CA GLU B 131 3.64 -27.10 -1.80
C GLU B 131 3.97 -25.70 -2.26
N ILE B 132 3.84 -24.77 -1.32
CA ILE B 132 4.03 -23.36 -1.56
C ILE B 132 5.51 -23.06 -1.68
N SER C 2 -2.95 43.44 -21.26
CA SER C 2 -1.68 42.77 -21.12
C SER C 2 -1.92 41.33 -21.33
N GLY C 3 -0.85 40.57 -21.33
CA GLY C 3 -0.97 39.16 -21.55
C GLY C 3 -0.77 38.35 -20.31
N LEU C 4 -0.61 39.01 -19.17
CA LEU C 4 -0.31 38.27 -17.99
C LEU C 4 -1.40 38.28 -17.00
N VAL C 5 -1.53 37.19 -16.27
CA VAL C 5 -2.54 37.09 -15.27
C VAL C 5 -1.85 36.75 -13.97
N PRO C 6 -2.48 37.10 -12.84
CA PRO C 6 -1.89 36.77 -11.55
C PRO C 6 -1.85 35.29 -11.23
N ARG C 7 -0.74 34.81 -10.70
CA ARG C 7 -0.63 33.41 -10.37
C ARG C 7 -1.62 33.06 -9.33
N GLY C 8 -1.70 33.86 -8.29
CA GLY C 8 -2.67 33.64 -7.25
C GLY C 8 -2.59 32.30 -6.61
N SER C 9 -3.70 31.60 -6.59
CA SER C 9 -3.75 30.30 -5.99
C SER C 9 -3.48 29.17 -6.98
N HIS C 10 -3.00 29.47 -8.18
CA HIS C 10 -2.62 28.44 -9.11
C HIS C 10 -1.33 27.75 -8.72
N MET C 11 -1.23 26.46 -8.97
CA MET C 11 -0.06 25.69 -8.58
C MET C 11 0.70 25.15 -9.75
N GLU C 12 2.00 25.17 -9.67
CA GLU C 12 2.80 24.68 -10.74
C GLU C 12 2.95 23.19 -10.69
N ILE C 13 2.77 22.56 -11.82
CA ILE C 13 2.93 21.12 -11.95
C ILE C 13 4.34 20.85 -12.46
N LYS C 14 5.17 20.29 -11.59
CA LYS C 14 6.56 19.97 -11.91
C LYS C 14 6.70 18.46 -11.99
N ASN C 15 7.32 17.98 -13.07
CA ASN C 15 7.60 16.56 -13.25
C ASN C 15 8.95 16.44 -13.89
N GLY C 16 9.81 15.59 -13.38
CA GLY C 16 11.13 15.37 -13.92
C GLY C 16 11.17 14.88 -15.32
N LEU C 17 10.22 14.05 -15.68
CA LEU C 17 10.14 13.50 -17.00
C LEU C 17 9.79 14.52 -18.07
N CYS C 18 9.33 15.68 -17.67
CA CYS C 18 8.91 16.70 -18.62
C CYS C 18 9.95 17.81 -18.70
N THR C 19 10.32 18.21 -19.91
CA THR C 19 11.40 19.19 -20.09
C THR C 19 11.26 20.59 -19.53
N GLN C 20 10.11 21.23 -19.72
CA GLN C 20 9.86 22.57 -19.18
C GLN C 20 10.71 23.73 -19.70
N LYS C 21 11.29 23.64 -20.87
CA LYS C 21 12.05 24.78 -21.35
C LYS C 21 11.23 25.99 -21.67
N TYR C 22 10.15 25.83 -22.39
CA TYR C 22 9.42 27.00 -22.82
C TYR C 22 8.05 27.12 -22.29
N THR C 23 7.54 26.06 -21.70
CA THR C 23 6.17 26.10 -21.27
C THR C 23 6.09 25.64 -19.87
N LYS C 24 5.11 26.11 -19.14
CA LYS C 24 4.90 25.66 -17.80
C LYS C 24 3.46 25.26 -17.68
N VAL C 25 3.19 24.30 -16.81
CA VAL C 25 1.83 23.81 -16.58
C VAL C 25 1.40 24.24 -15.19
N TYR C 26 0.23 24.86 -15.09
CA TYR C 26 -0.36 25.28 -13.83
C TYR C 26 -1.73 24.64 -13.68
N ALA C 27 -2.14 24.45 -12.42
CA ALA C 27 -3.46 23.94 -12.10
C ALA C 27 -4.05 24.78 -10.96
N GLU C 28 -5.33 24.59 -10.68
CA GLU C 28 -5.91 25.25 -9.55
C GLU C 28 -5.37 24.58 -8.31
N ASP C 29 -5.46 25.25 -7.18
CA ASP C 29 -4.92 24.71 -5.95
C ASP C 29 -5.64 23.55 -5.37
N LYS C 30 -4.92 22.69 -4.68
CA LYS C 30 -5.47 21.46 -4.17
C LYS C 30 -6.60 21.73 -3.27
N GLU C 31 -6.54 22.85 -2.59
CA GLU C 31 -7.60 23.25 -1.71
C GLU C 31 -8.89 23.50 -2.42
N LYS C 32 -8.82 24.09 -3.60
CA LYS C 32 -10.01 24.39 -4.36
C LYS C 32 -10.33 23.30 -5.33
N TRP C 33 -9.64 22.18 -5.24
CA TRP C 33 -9.97 21.07 -6.08
C TRP C 33 -11.29 20.54 -5.76
N LYS C 34 -12.02 20.17 -6.78
CA LYS C 34 -13.31 19.62 -6.59
C LYS C 34 -13.32 18.31 -7.24
N PHE C 35 -14.20 17.45 -6.82
CA PHE C 35 -14.26 16.10 -7.31
C PHE C 35 -12.98 15.33 -7.27
N ASN C 36 -12.15 15.61 -6.26
CA ASN C 36 -10.97 14.79 -6.01
C ASN C 36 -9.84 14.98 -7.01
N ALA C 37 -9.85 16.02 -7.83
CA ALA C 37 -8.80 16.18 -8.83
C ALA C 37 -8.75 17.63 -9.30
N PRO C 38 -7.64 18.06 -9.89
CA PRO C 38 -7.64 19.36 -10.57
C PRO C 38 -8.38 19.27 -11.90
N HIS C 39 -9.05 20.38 -12.25
CA HIS C 39 -9.84 20.41 -13.48
C HIS C 39 -9.57 21.62 -14.39
N HIS C 40 -8.80 22.61 -13.94
CA HIS C 40 -8.63 23.85 -14.69
C HIS C 40 -7.13 24.11 -14.82
N PHE C 41 -6.58 23.76 -15.97
CA PHE C 41 -5.16 23.82 -16.23
C PHE C 41 -4.85 24.96 -17.18
N ILE C 42 -3.63 25.47 -17.06
CA ILE C 42 -3.13 26.56 -17.88
C ILE C 42 -1.72 26.19 -18.32
N VAL C 43 -1.49 26.19 -19.61
CA VAL C 43 -0.13 26.18 -20.13
C VAL C 43 0.24 27.64 -20.36
N GLY C 44 1.33 28.08 -19.72
CA GLY C 44 1.82 29.43 -19.86
C GLY C 44 3.27 29.43 -20.29
N LYS C 45 3.78 30.60 -20.61
CA LYS C 45 5.15 30.73 -21.04
C LYS C 45 6.06 30.74 -19.86
N ALA C 46 7.12 29.96 -19.93
CA ALA C 46 8.00 29.83 -18.81
C ALA C 46 8.75 31.07 -18.35
N ASP C 47 9.25 31.86 -19.28
CA ASP C 47 10.00 33.02 -18.87
C ASP C 47 9.04 34.11 -18.61
N CYS C 48 8.39 34.05 -17.47
CA CYS C 48 7.43 35.05 -17.09
C CYS C 48 7.67 35.18 -15.64
N GLU C 49 7.19 36.25 -15.06
CA GLU C 49 7.38 36.48 -13.66
C GLU C 49 6.72 35.35 -12.92
N ASP C 50 7.33 34.83 -11.87
CA ASP C 50 6.69 33.80 -11.08
C ASP C 50 5.46 34.35 -10.47
N GLU C 51 5.44 35.64 -10.21
CA GLU C 51 4.28 36.28 -9.65
C GLU C 51 3.13 36.27 -10.59
N TYR C 52 3.41 36.07 -11.86
CA TYR C 52 2.39 36.09 -12.87
C TYR C 52 2.44 34.89 -13.79
N ILE C 53 1.43 34.75 -14.62
CA ILE C 53 1.41 33.66 -15.57
C ILE C 53 1.15 34.25 -16.91
N GLU C 54 1.90 33.87 -17.93
CA GLU C 54 1.62 34.33 -19.28
C GLU C 54 0.83 33.20 -19.95
N PRO C 55 -0.52 33.27 -20.04
CA PRO C 55 -1.29 32.12 -20.50
C PRO C 55 -1.11 31.89 -21.98
N ILE C 56 -0.74 30.67 -22.34
CA ILE C 56 -0.75 30.21 -23.73
C ILE C 56 -2.06 29.51 -24.05
N GLU C 57 -2.51 28.64 -23.15
CA GLU C 57 -3.66 27.79 -23.39
C GLU C 57 -4.37 27.47 -22.08
N TYR C 58 -5.69 27.40 -22.16
CA TYR C 58 -6.54 26.99 -21.05
C TYR C 58 -7.15 25.64 -21.41
N VAL C 59 -7.13 24.70 -20.45
CA VAL C 59 -7.76 23.39 -20.65
C VAL C 59 -8.61 23.09 -19.43
N ASN C 60 -9.90 22.87 -19.65
CA ASN C 60 -10.83 22.60 -18.56
C ASN C 60 -11.39 21.20 -18.73
N PHE C 61 -11.33 20.43 -17.65
CA PHE C 61 -11.79 19.05 -17.67
C PHE C 61 -13.23 18.94 -17.19
N GLN C 62 -13.86 17.82 -17.53
CA GLN C 62 -15.18 17.49 -17.01
C GLN C 62 -15.17 17.43 -15.49
N GLU C 63 -15.95 18.31 -14.84
CA GLU C 63 -16.09 18.33 -13.39
C GLU C 63 -17.37 17.62 -13.01
N GLY C 64 -17.24 16.54 -12.25
CA GLY C 64 -18.39 15.77 -11.82
C GLY C 64 -18.85 14.81 -12.89
N PRO C 65 -19.31 13.63 -12.48
CA PRO C 65 -19.80 12.64 -13.45
C PRO C 65 -20.81 13.24 -14.42
N ILE C 66 -20.77 12.76 -15.66
CA ILE C 66 -21.55 13.39 -16.72
C ILE C 66 -23.04 13.13 -16.53
N LYS C 67 -23.41 11.91 -16.13
CA LYS C 67 -24.82 11.58 -15.93
C LYS C 67 -25.46 12.36 -14.81
N GLU C 68 -24.69 13.05 -13.98
CA GLU C 68 -25.22 13.85 -12.88
C GLU C 68 -25.04 15.35 -13.05
N TYR C 69 -24.00 15.79 -13.77
CA TYR C 69 -23.72 17.20 -13.95
C TYR C 69 -23.76 17.63 -15.41
N GLY C 70 -23.97 16.70 -16.33
CA GLY C 70 -23.90 17.03 -17.73
C GLY C 70 -22.47 17.12 -18.22
N ILE C 71 -22.31 17.81 -19.34
CA ILE C 71 -21.06 17.89 -20.06
C ILE C 71 -20.52 19.30 -19.95
N ASN C 72 -19.30 19.43 -19.42
CA ASN C 72 -18.73 20.75 -19.13
C ASN C 72 -17.21 20.77 -19.28
N GLY C 73 -16.63 19.88 -20.06
CA GLY C 73 -15.18 19.87 -20.22
C GLY C 73 -14.71 18.64 -20.96
N VAL C 74 -13.41 18.62 -21.22
CA VAL C 74 -12.79 17.49 -21.91
C VAL C 74 -12.48 16.37 -20.92
N ASN C 75 -12.27 15.18 -21.46
CA ASN C 75 -11.83 14.01 -20.73
C ASN C 75 -10.36 13.71 -21.04
N ASN C 76 -9.72 12.94 -20.16
CA ASN C 76 -8.36 12.48 -20.43
C ASN C 76 -8.24 11.85 -21.81
N GLU C 77 -9.26 11.06 -22.18
CA GLU C 77 -9.18 10.27 -23.40
C GLU C 77 -9.07 11.16 -24.63
N ASP C 78 -9.72 12.32 -24.62
CA ASP C 78 -9.66 13.24 -25.75
C ASP C 78 -8.25 13.79 -25.94
N LEU C 79 -7.60 14.21 -24.86
CA LEU C 79 -6.24 14.72 -24.94
C LEU C 79 -5.28 13.65 -25.46
N ILE C 80 -5.34 12.45 -24.87
CA ILE C 80 -4.47 11.38 -25.33
C ILE C 80 -4.73 11.08 -26.80
N LEU C 81 -5.98 11.15 -27.24
CA LEU C 81 -6.27 10.91 -28.65
C LEU C 81 -5.60 11.95 -29.53
N MET C 82 -5.59 13.21 -29.09
CA MET C 82 -4.87 14.24 -29.83
C MET C 82 -3.39 13.87 -29.98
N VAL C 83 -2.76 13.51 -28.87
CA VAL C 83 -1.33 13.22 -28.89
C VAL C 83 -1.03 12.04 -29.81
N ILE C 84 -1.87 11.01 -29.75
CA ILE C 84 -1.70 9.86 -30.64
C ILE C 84 -1.81 10.29 -32.10
N THR C 85 -2.85 11.08 -32.42
CA THR C 85 -3.04 11.53 -33.79
C THR C 85 -1.81 12.27 -34.31
N ARG C 86 -1.25 13.16 -33.48
CA ARG C 86 -0.09 13.92 -33.92
C ARG C 86 1.15 13.04 -34.08
N LEU C 87 1.36 12.12 -33.15
CA LEU C 87 2.53 11.26 -33.28
C LEU C 87 2.42 10.35 -34.50
N GLN C 88 1.20 9.92 -34.84
CA GLN C 88 1.04 9.11 -36.05
C GLN C 88 1.34 9.94 -37.28
N ALA C 89 0.84 11.17 -37.33
CA ALA C 89 1.22 12.09 -38.41
C ALA C 89 2.74 12.20 -38.52
N PHE C 90 3.43 12.35 -37.38
CA PHE C 90 4.90 12.38 -37.39
C PHE C 90 5.47 11.09 -37.98
N GLN C 91 4.86 9.95 -37.68
CA GLN C 91 5.37 8.68 -38.21
C GLN C 91 5.19 8.60 -39.71
N ASP C 92 4.19 9.29 -40.26
CA ASP C 92 3.92 9.29 -41.69
C ASP C 92 4.56 10.51 -42.36
N SER C 93 5.87 10.63 -42.17
CA SER C 93 6.61 11.83 -42.56
C SER C 93 8.09 11.46 -42.64
N PRO C 94 8.94 12.39 -43.11
CA PRO C 94 10.39 12.12 -43.11
C PRO C 94 10.99 11.87 -41.74
N TYR C 95 10.25 12.08 -40.65
CA TYR C 95 10.83 12.00 -39.31
C TYR C 95 10.34 10.78 -38.53
N LYS C 96 9.69 9.84 -39.22
CA LYS C 96 9.42 8.50 -38.71
C LYS C 96 10.62 7.99 -37.91
N CYS C 97 10.36 7.45 -36.73
CA CYS C 97 11.43 6.93 -35.89
C CYS C 97 10.85 5.97 -34.86
N ARG C 98 11.75 5.26 -34.18
CA ARG C 98 11.37 4.19 -33.28
C ARG C 98 10.81 4.71 -31.97
N GLU C 99 11.35 5.82 -31.47
CA GLU C 99 10.87 6.39 -30.22
C GLU C 99 9.40 6.80 -30.33
N ASN C 100 9.03 7.43 -31.44
CA ASN C 100 7.63 7.80 -31.65
C ASN C 100 6.73 6.58 -31.70
N ALA C 101 7.22 5.49 -32.30
CA ALA C 101 6.45 4.25 -32.37
C ALA C 101 6.21 3.69 -30.97
N MET C 102 7.25 3.64 -30.14
CA MET C 102 7.07 3.16 -28.77
C MET C 102 6.10 4.04 -28.00
N ALA C 103 6.17 5.37 -28.22
CA ALA C 103 5.26 6.27 -27.50
C ALA C 103 3.82 6.04 -27.93
N ILE C 104 3.57 5.90 -29.23
CA ILE C 104 2.22 5.58 -29.71
C ILE C 104 1.73 4.29 -29.07
N THR C 105 2.59 3.27 -28.99
CA THR C 105 2.18 2.03 -28.36
C THR C 105 1.80 2.23 -26.90
N LYS C 106 2.61 3.00 -26.15
CA LYS C 106 2.31 3.21 -24.73
C LYS C 106 1.01 3.97 -24.56
N LEU C 107 0.76 4.99 -25.39
CA LEU C 107 -0.47 5.77 -25.27
C LEU C 107 -1.70 4.94 -25.66
N GLN C 108 -1.55 4.06 -26.66
CA GLN C 108 -2.67 3.19 -27.00
C GLN C 108 -2.95 2.19 -25.90
N GLU C 109 -1.90 1.71 -25.21
CA GLU C 109 -2.13 0.81 -24.08
C GLU C 109 -2.77 1.56 -22.90
N CYS C 110 -2.38 2.82 -22.72
CA CYS C 110 -3.04 3.66 -21.72
C CYS C 110 -4.54 3.76 -22.00
N LEU C 111 -4.90 4.06 -23.25
CA LEU C 111 -6.32 4.09 -23.62
C LEU C 111 -6.98 2.74 -23.35
N MET C 112 -6.29 1.63 -23.63
CA MET C 112 -6.94 0.34 -23.43
C MET C 112 -7.15 0.04 -21.94
N TRP C 113 -6.24 0.47 -21.07
CA TRP C 113 -6.46 0.26 -19.64
C TRP C 113 -7.61 1.13 -19.12
N LEU C 114 -7.62 2.42 -19.48
CA LEU C 114 -8.75 3.27 -19.14
C LEU C 114 -10.05 2.70 -19.68
N GLY C 115 -10.00 2.13 -20.89
CA GLY C 115 -11.19 1.60 -21.50
C GLY C 115 -11.68 0.36 -20.81
N LYS C 116 -10.76 -0.46 -20.29
CA LYS C 116 -11.17 -1.61 -19.50
C LYS C 116 -11.91 -1.15 -18.25
N ARG C 117 -11.41 -0.11 -17.59
CA ARG C 117 -12.16 0.46 -16.47
C ARG C 117 -13.58 0.85 -16.90
N THR C 118 -13.68 1.57 -18.02
CA THR C 118 -14.98 2.03 -18.49
C THR C 118 -15.90 0.86 -18.80
N LEU C 119 -15.41 -0.15 -19.52
CA LEU C 119 -16.23 -1.31 -19.87
C LEU C 119 -16.69 -2.07 -18.63
N ASP C 120 -15.81 -2.21 -17.63
CA ASP C 120 -16.21 -2.89 -16.42
C ASP C 120 -17.29 -2.10 -15.69
N ARG C 121 -17.24 -0.77 -15.76
CA ARG C 121 -18.31 0.01 -15.16
C ARG C 121 -19.59 -0.02 -16.00
N GLU C 122 -19.46 -0.22 -17.32
CA GLU C 122 -20.67 -0.42 -18.14
C GLU C 122 -21.35 -1.72 -17.76
N VAL C 123 -20.58 -2.79 -17.57
CA VAL C 123 -21.16 -4.05 -17.11
C VAL C 123 -21.82 -3.85 -15.75
N LYS C 124 -21.13 -3.21 -14.81
CA LYS C 124 -21.72 -2.92 -13.51
C LYS C 124 -22.78 -1.83 -13.56
N GLY C 125 -23.07 -1.29 -14.74
CA GLY C 125 -24.11 -0.28 -14.89
C GLY C 125 -23.85 1.03 -14.20
N ILE C 126 -22.62 1.30 -13.79
CA ILE C 126 -22.31 2.49 -13.01
C ILE C 126 -21.45 3.48 -13.79
N GLU C 127 -21.42 3.39 -15.12
CA GLU C 127 -20.57 4.28 -15.89
C GLU C 127 -21.12 5.69 -15.88
N GLY C 128 -20.22 6.66 -15.73
CA GLY C 128 -20.65 8.05 -15.71
C GLY C 128 -21.38 8.46 -14.45
N THR C 129 -21.43 7.58 -13.44
CA THR C 129 -21.96 7.91 -12.14
C THR C 129 -20.80 8.21 -11.18
N SER C 130 -21.13 8.48 -9.93
CA SER C 130 -20.12 8.70 -8.90
C SER C 130 -19.91 7.47 -8.01
N GLU C 131 -20.54 6.36 -8.35
CA GLU C 131 -20.37 5.16 -7.56
C GLU C 131 -18.97 4.57 -7.76
N ILE C 132 -18.54 3.78 -6.76
CA ILE C 132 -17.29 3.00 -6.85
C ILE C 132 -17.43 1.69 -7.62
N SER D 1 -24.54 32.56 -30.99
CA SER D 1 -24.77 32.49 -29.56
C SER D 1 -25.36 31.13 -29.19
N SER D 2 -25.67 30.33 -30.22
CA SER D 2 -26.16 28.97 -30.00
C SER D 2 -25.05 28.02 -29.52
N GLY D 3 -23.87 28.55 -29.22
CA GLY D 3 -22.73 27.76 -28.81
C GLY D 3 -22.46 26.66 -29.82
N LEU D 4 -22.31 27.04 -31.08
CA LEU D 4 -22.41 26.07 -32.16
C LEU D 4 -21.84 26.69 -33.43
N VAL D 5 -20.94 25.97 -34.11
CA VAL D 5 -20.15 26.56 -35.20
C VAL D 5 -20.01 25.51 -36.31
N PRO D 6 -19.94 25.96 -37.56
CA PRO D 6 -19.94 24.98 -38.67
C PRO D 6 -18.70 24.10 -38.68
N ARG D 7 -18.90 22.81 -39.01
CA ARG D 7 -17.78 21.92 -39.20
C ARG D 7 -16.93 22.37 -40.37
N GLY D 8 -17.53 22.40 -41.56
CA GLY D 8 -16.80 22.86 -42.73
C GLY D 8 -15.71 21.87 -43.11
N SER D 9 -14.50 22.39 -43.27
CA SER D 9 -13.35 21.57 -43.64
C SER D 9 -12.72 20.86 -42.44
N HIS D 10 -13.26 21.02 -41.24
CA HIS D 10 -12.75 20.31 -40.08
C HIS D 10 -12.95 18.81 -40.24
N MET D 11 -11.97 18.04 -39.79
CA MET D 11 -12.02 16.59 -39.93
C MET D 11 -12.20 15.93 -38.56
N GLU D 12 -12.95 14.84 -38.57
CA GLU D 12 -13.34 14.13 -37.35
C GLU D 12 -12.37 12.99 -37.07
N ILE D 13 -11.84 12.96 -35.85
CA ILE D 13 -10.85 11.96 -35.44
C ILE D 13 -11.62 10.74 -34.93
N LYS D 14 -11.92 9.80 -35.84
CA LYS D 14 -12.53 8.53 -35.48
C LYS D 14 -11.43 7.49 -35.24
N ASN D 15 -11.38 6.94 -34.02
CA ASN D 15 -10.40 5.92 -33.66
C ASN D 15 -11.11 4.78 -32.93
N GLY D 16 -10.68 3.55 -33.23
CA GLY D 16 -11.31 2.38 -32.61
C GLY D 16 -11.20 2.37 -31.09
N LEU D 17 -10.18 3.00 -30.53
CA LEU D 17 -9.98 3.00 -29.09
C LEU D 17 -10.80 4.07 -28.37
N CYS D 18 -11.53 4.91 -29.10
CA CYS D 18 -12.35 5.95 -28.50
C CYS D 18 -13.82 5.66 -28.79
N THR D 19 -14.65 5.72 -27.74
CA THR D 19 -16.06 5.33 -27.86
C THR D 19 -16.91 6.39 -28.55
N GLN D 20 -16.56 7.68 -28.38
CA GLN D 20 -17.36 8.80 -28.88
C GLN D 20 -18.74 8.87 -28.21
N LYS D 21 -18.80 8.38 -26.97
CA LYS D 21 -20.07 8.34 -26.25
C LYS D 21 -20.52 9.75 -25.87
N TYR D 22 -19.62 10.56 -25.36
CA TYR D 22 -19.96 11.90 -24.89
C TYR D 22 -19.29 13.03 -25.65
N THR D 23 -18.07 12.83 -26.15
CA THR D 23 -17.32 13.89 -26.81
C THR D 23 -16.75 13.41 -28.14
N LYS D 24 -16.65 14.34 -29.09
CA LYS D 24 -16.02 14.10 -30.39
C LYS D 24 -14.82 15.03 -30.54
N VAL D 25 -13.75 14.52 -31.13
CA VAL D 25 -12.51 15.26 -31.36
C VAL D 25 -12.41 15.61 -32.85
N TYR D 26 -12.18 16.88 -33.14
CA TYR D 26 -11.95 17.35 -34.50
C TYR D 26 -10.58 17.99 -34.61
N ALA D 27 -10.07 18.03 -35.84
CA ALA D 27 -8.83 18.72 -36.15
C ALA D 27 -9.03 19.49 -37.44
N GLU D 28 -8.08 20.36 -37.75
CA GLU D 28 -8.14 21.13 -38.98
C GLU D 28 -8.00 20.22 -40.21
N ASP D 29 -8.48 20.72 -41.35
CA ASP D 29 -8.39 20.00 -42.61
C ASP D 29 -6.98 19.46 -42.83
N LYS D 30 -6.89 18.27 -43.43
CA LYS D 30 -5.59 17.71 -43.76
C LYS D 30 -4.81 18.60 -44.73
N GLU D 31 -5.52 19.27 -45.66
CA GLU D 31 -4.85 20.17 -46.58
C GLU D 31 -4.18 21.35 -45.88
N LYS D 32 -4.59 21.67 -44.67
CA LYS D 32 -3.99 22.77 -43.91
C LYS D 32 -3.02 22.29 -42.84
N TRP D 33 -2.66 21.02 -42.85
CA TRP D 33 -1.66 20.52 -41.91
C TRP D 33 -0.32 21.15 -42.26
N LYS D 34 0.29 21.82 -41.30
CA LYS D 34 1.64 22.37 -41.49
C LYS D 34 2.66 21.46 -40.83
N PHE D 35 3.80 21.29 -41.49
CA PHE D 35 4.94 20.58 -40.93
C PHE D 35 4.58 19.15 -40.51
N ASN D 36 3.72 18.52 -41.30
CA ASN D 36 3.36 17.10 -41.30
C ASN D 36 2.35 16.69 -40.25
N ALA D 37 1.88 17.58 -39.39
CA ALA D 37 0.99 17.18 -38.31
C ALA D 37 -0.13 18.16 -38.16
N PRO D 38 -1.27 17.75 -37.57
CA PRO D 38 -2.30 18.72 -37.19
C PRO D 38 -1.89 19.48 -35.94
N HIS D 39 -2.40 20.71 -35.81
CA HIS D 39 -2.03 21.57 -34.72
C HIS D 39 -3.20 22.26 -34.02
N HIS D 40 -4.42 22.17 -34.54
CA HIS D 40 -5.56 22.95 -34.03
C HIS D 40 -6.75 22.03 -33.81
N PHE D 41 -6.90 21.54 -32.59
CA PHE D 41 -7.90 20.55 -32.24
C PHE D 41 -9.08 21.20 -31.53
N ILE D 42 -10.23 20.56 -31.65
CA ILE D 42 -11.47 20.96 -30.99
C ILE D 42 -12.08 19.74 -30.33
N VAL D 43 -12.51 19.88 -29.08
CA VAL D 43 -13.35 18.87 -28.44
C VAL D 43 -14.75 19.43 -28.33
N GLY D 44 -15.70 18.74 -28.97
CA GLY D 44 -17.08 19.17 -28.99
C GLY D 44 -18.00 18.06 -28.53
N LYS D 45 -19.28 18.33 -28.49
CA LYS D 45 -20.22 17.34 -28.05
C LYS D 45 -20.66 16.44 -29.13
N ALA D 46 -20.80 15.17 -28.83
CA ALA D 46 -21.17 14.16 -29.80
C ALA D 46 -22.53 14.18 -30.45
N ASP D 47 -23.57 14.58 -29.75
CA ASP D 47 -24.93 14.54 -30.26
C ASP D 47 -25.25 15.51 -31.34
N CYS D 48 -24.37 16.44 -31.59
CA CYS D 48 -24.58 17.41 -32.64
C CYS D 48 -24.60 16.79 -34.01
N GLU D 49 -25.21 17.47 -34.96
CA GLU D 49 -25.23 17.00 -36.36
C GLU D 49 -23.87 17.16 -37.02
N ASP D 50 -23.57 16.37 -38.03
CA ASP D 50 -22.25 16.40 -38.64
C ASP D 50 -22.00 17.74 -39.25
N GLU D 51 -23.04 18.47 -39.51
CA GLU D 51 -22.93 19.79 -40.07
C GLU D 51 -22.20 20.69 -39.16
N TYR D 52 -22.44 20.55 -37.87
CA TYR D 52 -21.83 21.49 -36.95
C TYR D 52 -21.06 20.86 -35.85
N ILE D 53 -20.30 21.68 -35.15
CA ILE D 53 -19.58 21.19 -34.01
C ILE D 53 -20.08 21.99 -32.84
N GLU D 54 -20.31 21.37 -31.70
CA GLU D 54 -20.68 22.08 -30.48
C GLU D 54 -19.40 22.18 -29.65
N PRO D 55 -18.59 23.24 -29.82
CA PRO D 55 -17.29 23.24 -29.15
C PRO D 55 -17.39 23.29 -27.63
N ILE D 56 -16.65 22.41 -26.99
CA ILE D 56 -16.39 22.45 -25.56
C ILE D 56 -15.06 23.13 -25.27
N GLU D 57 -14.02 22.72 -25.99
CA GLU D 57 -12.68 23.21 -25.70
C GLU D 57 -11.87 23.26 -26.99
N TYR D 58 -10.91 24.17 -27.03
CA TYR D 58 -9.96 24.29 -28.11
C TYR D 58 -8.56 24.01 -27.57
N VAL D 59 -7.77 23.26 -28.34
CA VAL D 59 -6.39 22.94 -27.96
C VAL D 59 -5.48 23.20 -29.15
N ASN D 60 -4.48 24.01 -28.94
CA ASN D 60 -3.58 24.36 -30.01
C ASN D 60 -2.16 24.05 -29.66
N PHE D 61 -1.42 23.53 -30.62
CA PHE D 61 -0.07 23.09 -30.40
C PHE D 61 0.89 23.98 -31.14
N GLN D 62 2.14 23.95 -30.75
CA GLN D 62 3.10 24.83 -31.32
C GLN D 62 3.25 24.58 -32.75
N GLU D 63 2.98 25.60 -33.53
CA GLU D 63 3.05 25.50 -34.94
C GLU D 63 4.12 26.40 -35.41
N GLY D 64 5.25 25.81 -35.70
CA GLY D 64 6.30 26.59 -36.22
C GLY D 64 7.40 26.79 -35.27
N PRO D 65 8.54 27.20 -35.80
CA PRO D 65 9.67 27.46 -34.96
C PRO D 65 9.42 28.60 -34.02
N ILE D 66 9.82 28.45 -32.78
CA ILE D 66 9.58 29.45 -31.77
C ILE D 66 10.30 30.74 -32.08
N LYS D 67 11.47 30.63 -32.68
CA LYS D 67 12.25 31.79 -33.00
C LYS D 67 11.51 32.69 -33.93
N GLU D 68 10.84 32.10 -34.88
CA GLU D 68 10.12 32.89 -35.84
C GLU D 68 8.69 33.22 -35.55
N TYR D 69 7.96 32.33 -34.90
CA TYR D 69 6.55 32.57 -34.72
C TYR D 69 6.16 32.71 -33.28
N GLY D 70 7.11 32.51 -32.41
CA GLY D 70 6.80 32.57 -31.01
C GLY D 70 6.32 31.31 -30.38
N ILE D 71 5.91 31.42 -29.14
CA ILE D 71 5.33 30.30 -28.48
C ILE D 71 3.87 30.48 -28.75
N ASN D 72 3.30 29.58 -29.54
CA ASN D 72 1.91 29.70 -29.92
C ASN D 72 1.07 28.53 -29.53
N GLY D 73 1.65 27.59 -28.82
CA GLY D 73 0.91 26.42 -28.53
C GLY D 73 1.49 25.54 -27.52
N VAL D 74 0.80 24.46 -27.24
CA VAL D 74 1.26 23.52 -26.27
C VAL D 74 2.04 22.38 -26.83
N ASN D 75 2.71 21.65 -25.96
CA ASN D 75 3.41 20.45 -26.38
C ASN D 75 2.58 19.22 -26.03
N ASN D 76 2.88 18.10 -26.71
CA ASN D 76 2.30 16.81 -26.32
C ASN D 76 2.59 16.52 -24.85
N GLU D 77 3.83 16.78 -24.43
CA GLU D 77 4.26 16.51 -23.06
C GLU D 77 3.35 17.23 -22.06
N ASP D 78 2.87 18.42 -22.39
CA ASP D 78 2.03 19.16 -21.46
C ASP D 78 0.72 18.43 -21.21
N LEU D 79 0.05 18.00 -22.27
CA LEU D 79 -1.22 17.31 -22.11
C LEU D 79 -1.04 15.99 -21.38
N ILE D 80 0.04 15.27 -21.70
CA ILE D 80 0.29 14.01 -20.98
C ILE D 80 0.49 14.30 -19.50
N LEU D 81 1.23 15.36 -19.18
CA LEU D 81 1.47 15.68 -17.78
C LEU D 81 0.18 16.01 -17.06
N MET D 82 -0.71 16.77 -17.72
CA MET D 82 -2.02 17.04 -17.15
C MET D 82 -2.75 15.75 -16.82
N VAL D 83 -2.76 14.79 -17.76
CA VAL D 83 -3.49 13.54 -17.55
C VAL D 83 -2.87 12.74 -16.40
N ILE D 84 -1.54 12.71 -16.31
CA ILE D 84 -0.90 11.95 -15.24
C ILE D 84 -1.26 12.55 -13.89
N THR D 85 -1.13 13.87 -13.76
CA THR D 85 -1.49 14.55 -12.52
C THR D 85 -2.92 14.20 -12.12
N ARG D 86 -3.83 14.22 -13.10
CA ARG D 86 -5.22 13.97 -12.81
C ARG D 86 -5.45 12.53 -12.35
N LEU D 87 -4.81 11.56 -13.00
CA LEU D 87 -5.01 10.17 -12.60
C LEU D 87 -4.37 9.89 -11.25
N GLN D 88 -3.25 10.54 -10.95
CA GLN D 88 -2.64 10.38 -9.63
C GLN D 88 -3.50 10.98 -8.55
N ALA D 89 -4.17 12.10 -8.84
CA ALA D 89 -5.19 12.59 -7.92
C ALA D 89 -6.27 11.55 -7.70
N PHE D 90 -6.74 10.91 -8.77
CA PHE D 90 -7.76 9.86 -8.62
C PHE D 90 -7.26 8.73 -7.73
N GLN D 91 -5.98 8.39 -7.82
CA GLN D 91 -5.47 7.27 -7.03
C GLN D 91 -5.46 7.60 -5.54
N ASP D 92 -5.37 8.90 -5.22
CA ASP D 92 -5.46 9.38 -3.84
C ASP D 92 -6.91 9.71 -3.48
N SER D 93 -7.81 8.74 -3.66
CA SER D 93 -9.24 8.99 -3.51
C SER D 93 -9.95 7.65 -3.42
N PRO D 94 -11.23 7.64 -3.06
CA PRO D 94 -11.98 6.37 -3.05
C PRO D 94 -12.01 5.65 -4.40
N TYR D 95 -11.64 6.32 -5.48
CA TYR D 95 -11.68 5.72 -6.80
C TYR D 95 -10.36 5.06 -7.21
N LYS D 96 -9.43 4.90 -6.27
CA LYS D 96 -8.20 4.16 -6.52
C LYS D 96 -8.50 2.81 -7.14
N CYS D 97 -7.74 2.45 -8.17
CA CYS D 97 -7.94 1.20 -8.87
C CYS D 97 -6.70 0.86 -9.70
N ARG D 98 -6.62 -0.40 -10.12
CA ARG D 98 -5.43 -0.92 -10.79
C ARG D 98 -5.30 -0.42 -12.22
N GLU D 99 -6.43 -0.21 -12.92
CA GLU D 99 -6.37 0.27 -14.29
C GLU D 99 -5.75 1.66 -14.36
N ASN D 100 -6.10 2.53 -13.41
CA ASN D 100 -5.47 3.84 -13.36
C ASN D 100 -3.97 3.72 -13.14
N ALA D 101 -3.54 2.77 -12.30
CA ALA D 101 -2.11 2.57 -12.08
C ALA D 101 -1.41 2.18 -13.37
N MET D 102 -2.00 1.21 -14.10
CA MET D 102 -1.47 0.86 -15.42
C MET D 102 -1.33 2.09 -16.29
N ALA D 103 -2.40 2.90 -16.35
CA ALA D 103 -2.39 4.05 -17.23
C ALA D 103 -1.24 4.99 -16.88
N ILE D 104 -1.02 5.21 -15.59
CA ILE D 104 0.07 6.09 -15.18
C ILE D 104 1.40 5.53 -15.63
N THR D 105 1.61 4.22 -15.46
CA THR D 105 2.88 3.63 -15.89
C THR D 105 3.08 3.83 -17.39
N LYS D 106 2.04 3.54 -18.17
CA LYS D 106 2.13 3.71 -19.62
C LYS D 106 2.47 5.15 -20.00
N LEU D 107 1.80 6.13 -19.37
CA LEU D 107 2.02 7.53 -19.74
C LEU D 107 3.41 8.00 -19.35
N GLN D 108 3.90 7.57 -18.19
CA GLN D 108 5.28 7.88 -17.80
C GLN D 108 6.27 7.29 -18.79
N GLU D 109 6.06 6.04 -19.22
CA GLU D 109 6.97 5.43 -20.20
C GLU D 109 6.88 6.12 -21.55
N CYS D 110 5.71 6.62 -21.90
CA CYS D 110 5.58 7.40 -23.12
C CYS D 110 6.45 8.65 -23.04
N LEU D 111 6.35 9.37 -21.92
CA LEU D 111 7.20 10.54 -21.70
C LEU D 111 8.68 10.16 -21.79
N MET D 112 9.03 9.00 -21.24
CA MET D 112 10.41 8.55 -21.29
C MET D 112 10.89 8.38 -22.73
N TRP D 113 10.06 7.79 -23.60
CA TRP D 113 10.52 7.56 -24.98
C TRP D 113 10.63 8.88 -25.75
N LEU D 114 9.65 9.77 -25.58
CA LEU D 114 9.76 11.09 -26.21
C LEU D 114 11.03 11.83 -25.72
N GLY D 115 11.30 11.76 -24.43
CA GLY D 115 12.49 12.38 -23.91
C GLY D 115 13.75 11.72 -24.42
N LYS D 116 13.70 10.45 -24.78
CA LYS D 116 14.87 9.76 -25.28
C LYS D 116 15.35 10.36 -26.54
N ARG D 117 14.44 10.69 -27.42
CA ARG D 117 14.84 11.20 -28.70
C ARG D 117 15.57 12.49 -28.56
N THR D 118 15.08 13.39 -27.73
CA THR D 118 15.71 14.66 -27.58
C THR D 118 17.09 14.50 -27.00
N LEU D 119 17.24 13.63 -26.04
CA LEU D 119 18.51 13.42 -25.40
C LEU D 119 19.47 12.91 -26.44
N ASP D 120 18.99 12.06 -27.32
CA ASP D 120 19.82 11.56 -28.38
C ASP D 120 20.25 12.64 -29.34
N ARG D 121 19.34 13.51 -29.72
CA ARG D 121 19.70 14.60 -30.61
C ARG D 121 20.73 15.47 -29.91
N GLU D 122 20.56 15.66 -28.62
CA GLU D 122 21.48 16.48 -27.86
C GLU D 122 22.86 15.91 -27.81
N VAL D 123 22.96 14.63 -27.62
CA VAL D 123 24.25 14.01 -27.55
C VAL D 123 24.93 14.18 -28.90
N LYS D 124 24.17 14.02 -29.97
CA LYS D 124 24.72 14.18 -31.31
C LYS D 124 24.80 15.65 -31.68
N GLY D 125 24.23 16.53 -30.88
CA GLY D 125 24.36 17.94 -31.14
C GLY D 125 23.56 18.46 -32.30
N ILE D 126 22.56 17.69 -32.71
CA ILE D 126 21.70 18.12 -33.79
C ILE D 126 20.35 18.59 -33.28
N GLU D 127 20.22 18.83 -31.97
CA GLU D 127 18.90 19.15 -31.40
C GLU D 127 18.21 20.37 -31.92
N GLY D 128 16.90 20.24 -32.12
CA GLY D 128 16.09 21.35 -32.58
C GLY D 128 16.51 21.98 -33.88
N THR D 129 16.99 21.19 -34.82
CA THR D 129 17.49 21.79 -36.03
C THR D 129 16.44 21.75 -37.10
N GLY E 3 48.25 7.62 -13.44
CA GLY E 3 47.52 6.46 -13.95
C GLY E 3 46.67 6.75 -15.16
N LEU E 4 47.24 6.67 -16.34
CA LEU E 4 46.53 6.98 -17.54
C LEU E 4 46.91 6.04 -18.64
N VAL E 5 46.14 6.03 -19.73
CA VAL E 5 46.43 5.16 -20.84
C VAL E 5 45.99 5.92 -22.05
N PRO E 6 46.65 5.72 -23.16
CA PRO E 6 46.16 6.52 -24.28
C PRO E 6 44.82 6.03 -24.85
N ARG E 7 43.93 6.94 -25.23
CA ARG E 7 42.71 6.48 -25.85
C ARG E 7 42.91 5.89 -27.19
N GLY E 8 43.62 6.59 -28.04
CA GLY E 8 43.91 6.00 -29.32
C GLY E 8 42.77 5.52 -30.15
N SER E 9 42.78 4.24 -30.49
CA SER E 9 41.74 3.62 -31.29
C SER E 9 40.43 3.55 -30.61
N HIS E 10 40.42 3.56 -29.29
CA HIS E 10 39.22 3.35 -28.57
C HIS E 10 38.13 4.32 -28.84
N MET E 11 36.91 3.82 -28.81
CA MET E 11 35.75 4.65 -29.06
C MET E 11 34.92 4.84 -27.84
N GLU E 12 34.44 6.05 -27.64
CA GLU E 12 33.58 6.33 -26.53
C GLU E 12 32.20 5.96 -26.87
N ILE E 13 31.53 5.35 -25.92
CA ILE E 13 30.18 4.95 -26.15
C ILE E 13 29.35 5.95 -25.42
N LYS E 14 28.54 6.66 -26.16
CA LYS E 14 27.73 7.67 -25.57
C LYS E 14 26.25 7.43 -25.81
N ASN E 15 25.45 7.40 -24.76
CA ASN E 15 24.01 7.24 -24.90
C ASN E 15 23.36 8.31 -24.10
N GLY E 16 22.24 8.82 -24.59
CA GLY E 16 21.50 9.84 -23.90
C GLY E 16 20.96 9.37 -22.61
N LEU E 17 20.58 8.11 -22.60
CA LEU E 17 19.99 7.59 -21.44
C LEU E 17 21.04 7.46 -20.38
N CYS E 18 22.23 7.93 -20.67
CA CYS E 18 23.28 7.92 -19.66
C CYS E 18 23.38 9.28 -18.99
N THR E 19 23.28 9.30 -17.66
CA THR E 19 23.76 10.46 -16.93
C THR E 19 25.25 10.65 -17.20
N GLN E 20 26.05 9.66 -16.79
CA GLN E 20 27.42 9.51 -17.28
C GLN E 20 28.28 10.72 -16.93
N LYS E 21 27.88 11.45 -15.88
CA LYS E 21 28.56 12.69 -15.52
C LYS E 21 29.95 12.42 -14.97
N TYR E 22 30.16 11.27 -14.34
CA TYR E 22 31.41 10.98 -13.66
C TYR E 22 32.22 9.87 -14.32
N THR E 23 31.60 9.00 -15.11
CA THR E 23 32.34 7.95 -15.81
C THR E 23 32.07 8.07 -17.30
N LYS E 24 32.94 7.49 -18.11
CA LYS E 24 32.68 7.29 -19.51
C LYS E 24 33.02 5.85 -19.80
N VAL E 25 32.41 5.30 -20.86
CA VAL E 25 32.66 3.93 -21.27
C VAL E 25 33.26 3.92 -22.67
N TYR E 26 34.36 3.18 -22.78
CA TYR E 26 35.07 3.12 -24.02
C TYR E 26 35.15 1.70 -24.50
N ALA E 27 35.38 1.53 -25.78
CA ALA E 27 35.54 0.20 -26.33
C ALA E 27 36.46 0.23 -27.48
N GLU E 28 36.79 -0.95 -27.98
CA GLU E 28 37.69 -1.06 -29.07
C GLU E 28 37.15 -0.52 -30.33
N ASP E 29 38.03 -0.23 -31.26
CA ASP E 29 37.63 0.33 -32.52
C ASP E 29 36.79 -0.62 -33.28
N LYS E 30 35.86 -0.07 -34.04
CA LYS E 30 34.97 -0.88 -34.83
C LYS E 30 35.71 -1.72 -35.82
N GLU E 31 36.80 -1.22 -36.34
CA GLU E 31 37.60 -1.94 -37.30
C GLU E 31 38.21 -3.15 -36.70
N LYS E 32 38.34 -3.16 -35.39
CA LYS E 32 38.84 -4.31 -34.70
C LYS E 32 37.76 -5.13 -34.05
N TRP E 33 36.51 -4.87 -34.39
CA TRP E 33 35.45 -5.68 -33.84
C TRP E 33 35.44 -7.00 -34.46
N LYS E 34 35.38 -8.02 -33.64
CA LYS E 34 35.44 -9.35 -34.13
C LYS E 34 34.16 -10.03 -33.88
N PHE E 35 33.76 -10.87 -34.81
CA PHE E 35 32.54 -11.62 -34.72
C PHE E 35 31.37 -10.71 -34.63
N ASN E 36 31.43 -9.59 -35.33
CA ASN E 36 30.29 -8.68 -35.43
C ASN E 36 30.00 -7.73 -34.28
N ALA E 37 30.80 -7.75 -33.23
CA ALA E 37 30.48 -6.98 -32.03
C ALA E 37 31.67 -6.65 -31.16
N PRO E 38 31.53 -5.66 -30.29
CA PRO E 38 32.62 -5.36 -29.38
C PRO E 38 32.82 -6.32 -28.24
N HIS E 39 34.05 -6.61 -27.87
CA HIS E 39 34.31 -7.55 -26.82
C HIS E 39 35.15 -7.05 -25.72
N HIS E 40 35.74 -5.89 -25.89
CA HIS E 40 36.65 -5.38 -24.91
C HIS E 40 36.29 -3.99 -24.53
N PHE E 41 35.99 -3.76 -23.26
CA PHE E 41 35.50 -2.47 -22.84
C PHE E 41 36.19 -1.94 -21.63
N ILE E 42 36.20 -0.63 -21.50
CA ILE E 42 36.79 0.00 -20.35
C ILE E 42 35.90 1.07 -19.77
N VAL E 43 35.78 1.12 -18.45
CA VAL E 43 35.06 2.19 -17.82
C VAL E 43 36.11 3.12 -17.27
N GLY E 44 36.06 4.37 -17.68
CA GLY E 44 37.02 5.34 -17.25
C GLY E 44 36.50 6.66 -16.73
N LYS E 45 37.31 7.39 -15.95
CA LYS E 45 36.90 8.66 -15.38
C LYS E 45 36.75 9.67 -16.44
N ALA E 46 35.87 10.61 -16.23
CA ALA E 46 35.60 11.57 -17.27
C ALA E 46 36.37 12.81 -16.99
N ASP E 47 37.31 12.72 -16.07
CA ASP E 47 38.11 13.86 -15.72
C ASP E 47 38.85 14.28 -16.96
N CYS E 48 39.34 13.30 -17.68
CA CYS E 48 40.48 13.47 -18.53
C CYS E 48 40.05 14.04 -19.85
N GLU E 49 41.01 14.46 -20.67
CA GLU E 49 40.69 14.93 -22.01
C GLU E 49 40.55 13.78 -22.98
N ASP E 50 40.31 14.10 -24.24
CA ASP E 50 40.13 13.08 -25.24
C ASP E 50 41.36 12.24 -25.37
N GLU E 51 42.53 12.82 -25.16
CA GLU E 51 43.77 12.09 -25.37
C GLU E 51 43.93 10.84 -24.57
N TYR E 52 43.47 10.84 -23.34
CA TYR E 52 43.73 9.68 -22.50
C TYR E 52 42.56 9.11 -21.78
N ILE E 53 42.68 7.87 -21.35
CA ILE E 53 41.64 7.26 -20.60
C ILE E 53 42.19 6.95 -19.24
N GLU E 54 41.45 7.26 -18.17
CA GLU E 54 41.89 6.87 -16.86
C GLU E 54 41.00 5.77 -16.49
N PRO E 55 41.56 4.60 -16.39
CA PRO E 55 40.68 3.48 -16.19
C PRO E 55 40.26 3.09 -14.82
N ILE E 56 38.95 2.98 -14.59
CA ILE E 56 38.52 2.38 -13.33
C ILE E 56 38.36 0.88 -13.47
N GLU E 57 37.91 0.40 -14.64
CA GLU E 57 37.56 -1.01 -14.72
C GLU E 57 37.69 -1.52 -16.15
N TYR E 58 38.05 -2.79 -16.27
CA TYR E 58 38.17 -3.48 -17.55
C TYR E 58 37.11 -4.57 -17.61
N VAL E 59 36.40 -4.67 -18.74
CA VAL E 59 35.36 -5.68 -18.93
C VAL E 59 35.57 -6.34 -20.29
N ASN E 60 35.79 -7.65 -20.28
CA ASN E 60 36.07 -8.41 -21.50
C ASN E 60 35.05 -9.53 -21.67
N PHE E 61 34.39 -9.56 -22.82
CA PHE E 61 33.36 -10.55 -23.09
C PHE E 61 33.96 -11.72 -23.86
N GLN E 62 33.36 -12.89 -23.66
CA GLN E 62 33.70 -14.10 -24.38
C GLN E 62 33.67 -13.88 -25.88
N GLU E 63 34.82 -13.97 -26.55
CA GLU E 63 34.91 -13.76 -27.99
C GLU E 63 35.41 -15.04 -28.66
N GLY E 64 34.76 -15.41 -29.75
CA GLY E 64 34.96 -16.71 -30.36
C GLY E 64 34.10 -17.77 -29.70
N PRO E 65 33.70 -18.79 -30.45
CA PRO E 65 32.84 -19.84 -29.88
C PRO E 65 33.52 -20.51 -28.71
N ILE E 66 32.70 -20.88 -27.71
CA ILE E 66 33.24 -21.37 -26.45
C ILE E 66 34.01 -22.68 -26.68
N LYS E 67 33.61 -23.47 -27.68
CA LYS E 67 34.21 -24.78 -27.93
C LYS E 67 35.48 -24.71 -28.76
N GLU E 68 35.80 -23.58 -29.37
CA GLU E 68 37.11 -23.38 -29.97
C GLU E 68 38.08 -22.77 -28.97
N TYR E 69 37.70 -21.64 -28.37
CA TYR E 69 38.61 -20.72 -27.73
C TYR E 69 38.62 -20.81 -26.20
N GLY E 70 37.84 -21.72 -25.61
CA GLY E 70 37.76 -21.79 -24.17
C GLY E 70 36.83 -20.72 -23.59
N ILE E 71 37.04 -20.42 -22.31
CA ILE E 71 36.26 -19.43 -21.59
C ILE E 71 37.16 -18.24 -21.33
N ASN E 72 37.01 -17.18 -22.13
CA ASN E 72 37.91 -16.04 -22.11
C ASN E 72 37.19 -14.71 -21.90
N GLY E 73 36.02 -14.73 -21.27
CA GLY E 73 35.27 -13.51 -21.06
C GLY E 73 33.89 -13.79 -20.52
N VAL E 74 33.17 -12.70 -20.24
CA VAL E 74 31.87 -12.75 -19.60
C VAL E 74 30.77 -12.74 -20.67
N ASN E 75 29.57 -13.15 -20.26
CA ASN E 75 28.37 -13.11 -21.08
C ASN E 75 27.47 -11.99 -20.60
N ASN E 76 26.64 -11.46 -21.51
CA ASN E 76 25.68 -10.41 -21.14
C ASN E 76 24.83 -10.83 -19.94
N GLU E 77 24.42 -12.10 -19.91
CA GLU E 77 23.58 -12.61 -18.82
C GLU E 77 24.24 -12.40 -17.46
N ASP E 78 25.57 -12.53 -17.39
CA ASP E 78 26.28 -12.39 -16.11
C ASP E 78 26.18 -10.97 -15.58
N LEU E 79 26.49 -9.98 -16.44
CA LEU E 79 26.43 -8.58 -16.03
C LEU E 79 25.02 -8.19 -15.62
N ILE E 80 24.03 -8.57 -16.45
CA ILE E 80 22.64 -8.28 -16.13
C ILE E 80 22.26 -8.91 -14.79
N LEU E 81 22.73 -10.14 -14.55
CA LEU E 81 22.52 -10.80 -13.27
C LEU E 81 22.99 -9.93 -12.13
N MET E 82 24.19 -9.38 -12.27
CA MET E 82 24.76 -8.65 -11.16
C MET E 82 23.95 -7.42 -10.88
N VAL E 83 23.51 -6.74 -11.95
CA VAL E 83 22.70 -5.52 -11.79
C VAL E 83 21.39 -5.85 -11.10
N ILE E 84 20.76 -6.95 -11.51
CA ILE E 84 19.54 -7.40 -10.84
C ILE E 84 19.79 -7.67 -9.36
N THR E 85 20.95 -8.26 -9.06
CA THR E 85 21.19 -8.70 -7.69
C THR E 85 21.38 -7.50 -6.78
N ARG E 86 22.11 -6.49 -7.26
CA ARG E 86 22.28 -5.24 -6.52
C ARG E 86 20.97 -4.46 -6.41
N LEU E 87 20.13 -4.50 -7.45
CA LEU E 87 18.88 -3.75 -7.38
C LEU E 87 17.92 -4.38 -6.39
N GLN E 88 17.89 -5.71 -6.31
CA GLN E 88 17.10 -6.35 -5.28
C GLN E 88 17.66 -6.08 -3.90
N ALA E 89 19.00 -6.00 -3.80
CA ALA E 89 19.63 -5.56 -2.56
C ALA E 89 19.10 -4.19 -2.13
N PHE E 90 19.14 -3.20 -3.01
CA PHE E 90 18.58 -1.89 -2.66
C PHE E 90 17.11 -2.01 -2.26
N GLN E 91 16.37 -2.93 -2.81
CA GLN E 91 14.96 -2.94 -2.43
C GLN E 91 14.79 -3.39 -1.02
N ASP E 92 15.71 -4.16 -0.47
CA ASP E 92 15.64 -4.51 0.95
C ASP E 92 16.45 -3.53 1.71
N SER E 93 16.11 -2.25 1.59
CA SER E 93 16.88 -1.23 2.20
C SER E 93 16.01 -0.04 2.24
N PRO E 94 16.46 1.03 2.88
CA PRO E 94 15.69 2.27 2.87
C PRO E 94 15.61 2.95 1.53
N TYR E 95 16.34 2.47 0.55
CA TYR E 95 16.35 3.06 -0.77
C TYR E 95 15.29 2.53 -1.68
N LYS E 96 14.43 1.66 -1.19
CA LYS E 96 13.45 1.05 -2.03
C LYS E 96 12.60 2.05 -2.71
N CYS E 97 12.46 1.91 -4.00
CA CYS E 97 11.68 2.79 -4.78
C CYS E 97 10.98 2.00 -5.84
N ARG E 98 9.91 2.52 -6.39
CA ARG E 98 9.20 1.88 -7.45
C ARG E 98 10.02 1.77 -8.68
N GLU E 99 10.81 2.77 -8.92
CA GLU E 99 11.61 2.81 -10.10
C GLU E 99 12.53 1.63 -10.16
N ASN E 100 13.10 1.26 -9.06
CA ASN E 100 13.96 0.13 -9.02
C ASN E 100 13.27 -1.16 -9.30
N ALA E 101 12.09 -1.32 -8.78
CA ALA E 101 11.30 -2.51 -9.00
C ALA E 101 10.92 -2.66 -10.40
N MET E 102 10.60 -1.57 -11.03
CA MET E 102 10.27 -1.59 -12.41
C MET E 102 11.48 -1.92 -13.22
N ALA E 103 12.65 -1.41 -12.83
CA ALA E 103 13.89 -1.76 -13.52
C ALA E 103 14.22 -3.24 -13.38
N ILE E 104 13.99 -3.81 -12.19
CA ILE E 104 14.23 -5.24 -12.00
C ILE E 104 13.31 -6.03 -12.91
N THR E 105 12.05 -5.59 -13.05
CA THR E 105 11.12 -6.26 -13.96
C THR E 105 11.63 -6.23 -15.39
N LYS E 106 12.06 -5.06 -15.86
CA LYS E 106 12.56 -4.97 -17.22
C LYS E 106 13.78 -5.87 -17.44
N LEU E 107 14.70 -5.89 -16.47
CA LEU E 107 15.90 -6.71 -16.63
C LEU E 107 15.57 -8.20 -16.66
N GLN E 108 14.63 -8.63 -15.80
CA GLN E 108 14.22 -10.02 -15.83
C GLN E 108 13.56 -10.38 -17.16
N GLU E 109 12.79 -9.45 -17.74
CA GLU E 109 12.18 -9.74 -19.03
C GLU E 109 13.23 -9.80 -20.13
N CYS E 110 14.27 -8.98 -20.03
CA CYS E 110 15.42 -9.09 -20.92
C CYS E 110 16.01 -10.49 -20.87
N LEU E 111 16.27 -10.97 -19.65
CA LEU E 111 16.77 -12.34 -19.51
C LEU E 111 15.82 -13.34 -20.14
N MET E 112 14.52 -13.18 -19.95
CA MET E 112 13.59 -14.14 -20.54
C MET E 112 13.68 -14.14 -22.06
N TRP E 113 13.81 -12.96 -22.68
CA TRP E 113 13.86 -12.91 -24.14
C TRP E 113 15.15 -13.53 -24.69
N LEU E 114 16.29 -13.20 -24.08
CA LEU E 114 17.55 -13.83 -24.53
C LEU E 114 17.49 -15.35 -24.35
N GLY E 115 16.96 -15.81 -23.21
CA GLY E 115 16.80 -17.23 -23.00
C GLY E 115 15.84 -17.87 -23.98
N LYS E 116 14.83 -17.11 -24.41
CA LYS E 116 13.96 -17.64 -25.47
C LYS E 116 14.75 -17.87 -26.73
N ARG E 117 15.78 -17.14 -27.04
CA ARG E 117 16.53 -17.47 -28.24
C ARG E 117 17.25 -18.80 -28.20
N THR E 118 17.92 -19.10 -27.11
CA THR E 118 18.65 -20.33 -26.98
C THR E 118 17.76 -21.51 -27.03
N LEU E 119 16.65 -21.45 -26.35
CA LEU E 119 15.70 -22.53 -26.33
C LEU E 119 15.10 -22.80 -27.66
N ASP E 120 14.82 -21.76 -28.42
CA ASP E 120 14.31 -21.94 -29.75
C ASP E 120 15.33 -22.62 -30.61
N ARG E 121 16.58 -22.20 -30.51
CA ARG E 121 17.66 -22.77 -31.29
C ARG E 121 17.84 -24.19 -30.91
N GLU E 122 17.70 -24.48 -29.64
CA GLU E 122 17.78 -25.84 -29.18
C GLU E 122 16.69 -26.75 -29.72
N VAL E 123 15.47 -26.27 -29.86
CA VAL E 123 14.40 -27.07 -30.47
C VAL E 123 14.76 -27.35 -31.93
N LYS E 124 15.37 -26.39 -32.59
CA LYS E 124 15.78 -26.53 -33.98
C LYS E 124 17.10 -27.25 -34.06
N GLY E 125 17.70 -27.58 -32.93
CA GLY E 125 18.93 -28.36 -32.89
C GLY E 125 20.24 -27.67 -33.05
N ILE E 126 20.22 -26.36 -33.15
CA ILE E 126 21.45 -25.63 -33.42
C ILE E 126 21.97 -24.78 -32.27
N GLU E 127 23.26 -24.86 -31.98
CA GLU E 127 23.83 -23.97 -30.97
C GLU E 127 25.16 -23.38 -31.43
N GLY E 128 25.30 -22.06 -31.34
CA GLY E 128 26.56 -21.43 -31.66
C GLY E 128 27.09 -21.76 -33.03
N THR E 129 26.21 -21.93 -34.00
CA THR E 129 26.65 -22.22 -35.35
C THR E 129 27.03 -20.96 -36.09
N SER E 130 27.60 -21.10 -37.27
CA SER E 130 27.89 -19.94 -38.10
C SER E 130 26.71 -19.61 -38.96
N GLY F 3 45.41 -17.98 -11.46
CA GLY F 3 45.19 -19.38 -11.12
C GLY F 3 43.86 -19.69 -10.49
N LEU F 4 43.87 -20.02 -9.22
CA LEU F 4 42.65 -20.31 -8.51
C LEU F 4 42.69 -19.56 -7.18
N VAL F 5 41.54 -19.16 -6.68
CA VAL F 5 41.46 -18.51 -5.38
C VAL F 5 40.33 -19.24 -4.70
N PRO F 6 40.43 -19.47 -3.40
CA PRO F 6 39.30 -20.21 -2.83
C PRO F 6 38.02 -19.44 -2.65
N ARG F 7 36.89 -20.14 -2.61
CA ARG F 7 35.62 -19.47 -2.49
C ARG F 7 35.52 -18.70 -1.23
N GLY F 8 35.81 -19.33 -0.11
CA GLY F 8 35.87 -18.58 1.11
C GLY F 8 34.68 -17.74 1.35
N SER F 9 34.93 -16.48 1.64
CA SER F 9 33.85 -15.56 1.84
C SER F 9 33.39 -14.96 0.52
N HIS F 10 32.87 -15.78 -0.39
CA HIS F 10 32.36 -15.27 -1.63
C HIS F 10 31.17 -16.11 -1.85
N MET F 11 30.13 -15.54 -2.42
CA MET F 11 28.91 -16.29 -2.60
C MET F 11 28.49 -16.36 -4.05
N GLU F 12 28.02 -17.53 -4.48
CA GLU F 12 27.58 -17.68 -5.84
C GLU F 12 26.23 -17.07 -6.07
N ILE F 13 26.11 -16.25 -7.09
CA ILE F 13 24.82 -15.64 -7.43
C ILE F 13 24.11 -16.60 -8.37
N LYS F 14 23.17 -17.36 -7.84
CA LYS F 14 22.31 -18.24 -8.62
C LYS F 14 20.96 -17.57 -8.87
N ASN F 15 20.56 -17.52 -10.14
CA ASN F 15 19.20 -17.12 -10.48
C ASN F 15 18.66 -18.03 -11.57
N GLY F 16 17.42 -18.48 -11.39
CA GLY F 16 16.81 -19.43 -12.32
C GLY F 16 16.70 -18.95 -13.75
N LEU F 17 16.69 -17.62 -13.95
CA LEU F 17 16.60 -17.07 -15.30
C LEU F 17 17.92 -17.12 -16.05
N CYS F 18 19.01 -17.50 -15.40
CA CYS F 18 20.32 -17.54 -16.02
C CYS F 18 20.72 -18.98 -16.34
N THR F 19 21.18 -19.20 -17.57
CA THR F 19 21.47 -20.53 -18.09
C THR F 19 22.62 -21.25 -17.38
N GLN F 20 23.53 -20.52 -16.72
CA GLN F 20 24.53 -21.10 -15.82
C GLN F 20 25.44 -22.11 -16.54
N LYS F 21 25.61 -22.03 -17.85
CA LYS F 21 26.10 -23.26 -18.44
C LYS F 21 27.62 -23.34 -18.42
N TYR F 22 28.32 -22.22 -18.63
CA TYR F 22 29.78 -22.21 -18.61
C TYR F 22 30.42 -21.26 -17.61
N THR F 23 29.68 -20.30 -17.08
CA THR F 23 30.23 -19.33 -16.14
C THR F 23 29.40 -19.27 -14.87
N LYS F 24 30.03 -18.86 -13.78
CA LYS F 24 29.37 -18.61 -12.51
C LYS F 24 29.72 -17.21 -12.04
N VAL F 25 28.85 -16.63 -11.22
CA VAL F 25 29.02 -15.26 -10.76
C VAL F 25 29.07 -15.27 -9.24
N TYR F 26 30.01 -14.53 -8.67
CA TYR F 26 30.22 -14.48 -7.23
C TYR F 26 30.31 -13.03 -6.77
N ALA F 27 30.00 -12.82 -5.49
CA ALA F 27 30.14 -11.52 -4.85
C ALA F 27 30.60 -11.72 -3.42
N GLU F 28 30.84 -10.61 -2.75
CA GLU F 28 31.19 -10.69 -1.37
C GLU F 28 30.08 -11.33 -0.65
N ASP F 29 30.42 -11.98 0.45
CA ASP F 29 29.42 -12.69 1.20
C ASP F 29 28.51 -11.67 1.81
N LYS F 30 27.32 -12.07 2.16
CA LYS F 30 26.33 -11.10 2.57
C LYS F 30 26.71 -10.17 3.70
N GLU F 31 27.43 -10.67 4.69
CA GLU F 31 27.80 -9.85 5.83
C GLU F 31 28.72 -8.69 5.54
N LYS F 32 29.48 -8.77 4.46
CA LYS F 32 30.44 -7.73 4.15
C LYS F 32 29.90 -6.59 3.33
N TRP F 33 28.62 -6.65 3.03
CA TRP F 33 28.06 -5.65 2.18
C TRP F 33 28.10 -4.32 2.78
N LYS F 34 28.36 -3.34 1.95
CA LYS F 34 28.44 -2.01 2.41
C LYS F 34 27.49 -1.23 1.60
N PHE F 35 26.86 -0.22 2.18
CA PHE F 35 25.86 0.59 1.51
C PHE F 35 24.71 -0.28 1.10
N ASN F 36 24.49 -1.35 1.86
CA ASN F 36 23.40 -2.27 1.64
C ASN F 36 23.52 -3.14 0.44
N ALA F 37 24.69 -3.17 -0.18
CA ALA F 37 24.81 -3.89 -1.42
C ALA F 37 26.12 -4.53 -1.74
N PRO F 38 26.08 -5.57 -2.57
CA PRO F 38 27.34 -6.14 -3.02
C PRO F 38 28.03 -5.19 -3.96
N HIS F 39 29.35 -5.12 -3.91
CA HIS F 39 30.05 -4.17 -4.70
C HIS F 39 31.23 -4.76 -5.37
N HIS F 40 31.60 -5.97 -5.03
CA HIS F 40 32.77 -6.69 -5.55
C HIS F 40 32.32 -8.07 -6.02
N PHE F 41 32.22 -8.21 -7.34
CA PHE F 41 31.79 -9.40 -8.05
C PHE F 41 32.94 -9.97 -8.87
N ILE F 42 32.93 -11.30 -9.02
CA ILE F 42 33.90 -12.01 -9.84
C ILE F 42 33.15 -13.04 -10.68
N VAL F 43 33.37 -13.05 -11.97
CA VAL F 43 32.77 -14.09 -12.79
C VAL F 43 33.83 -15.13 -12.98
N GLY F 44 33.46 -16.40 -12.92
CA GLY F 44 34.43 -17.47 -12.98
C GLY F 44 34.02 -18.76 -13.63
N LYS F 45 34.96 -19.70 -13.77
CA LYS F 45 34.66 -20.93 -14.46
C LYS F 45 33.80 -21.87 -13.69
N ALA F 46 33.14 -22.75 -14.41
CA ALA F 46 32.18 -23.61 -13.77
C ALA F 46 32.70 -24.98 -13.50
N ASP F 47 33.99 -25.20 -13.67
CA ASP F 47 34.57 -26.47 -13.30
C ASP F 47 34.33 -26.38 -11.84
N CYS F 48 33.68 -27.38 -11.29
CA CYS F 48 33.27 -27.25 -9.92
C CYS F 48 34.22 -27.62 -8.83
N GLU F 49 35.23 -26.80 -8.63
CA GLU F 49 36.04 -27.06 -7.49
C GLU F 49 35.16 -26.30 -6.58
N ASP F 50 34.40 -26.98 -5.75
CA ASP F 50 33.46 -26.25 -4.95
C ASP F 50 34.28 -25.32 -4.08
N GLU F 51 35.42 -25.83 -3.58
CA GLU F 51 36.26 -25.03 -2.71
C GLU F 51 36.83 -23.79 -3.34
N TYR F 52 37.08 -23.80 -4.64
CA TYR F 52 37.73 -22.65 -5.27
C TYR F 52 37.01 -21.99 -6.45
N ILE F 53 37.35 -20.76 -6.75
CA ILE F 53 36.76 -20.07 -7.87
C ILE F 53 37.84 -19.84 -8.92
N GLU F 54 37.57 -20.14 -10.20
CA GLU F 54 38.52 -19.85 -11.26
C GLU F 54 38.19 -18.50 -11.94
N PRO F 55 38.83 -17.36 -11.55
CA PRO F 55 38.40 -16.10 -12.10
C PRO F 55 38.49 -15.85 -13.59
N ILE F 56 37.51 -15.15 -14.15
CA ILE F 56 37.57 -14.75 -15.54
C ILE F 56 37.52 -13.23 -15.58
N GLU F 57 36.71 -12.59 -14.72
CA GLU F 57 36.61 -11.13 -14.72
C GLU F 57 36.33 -10.68 -13.30
N TYR F 58 36.87 -9.51 -12.95
CA TYR F 58 36.56 -8.82 -11.70
C TYR F 58 35.77 -7.57 -12.04
N VAL F 59 34.64 -7.39 -11.38
CA VAL F 59 33.74 -6.27 -11.66
C VAL F 59 33.47 -5.61 -10.31
N ASN F 60 33.81 -4.33 -10.21
CA ASN F 60 33.77 -3.65 -8.93
C ASN F 60 32.92 -2.40 -9.03
N PHE F 61 31.98 -2.27 -8.11
CA PHE F 61 31.06 -1.18 -8.15
C PHE F 61 31.38 -0.08 -7.19
N GLN F 62 30.96 1.13 -7.55
CA GLN F 62 31.27 2.28 -6.74
C GLN F 62 30.66 2.17 -5.41
N GLU F 63 31.49 2.26 -4.39
CA GLU F 63 31.04 2.18 -3.03
C GLU F 63 31.11 3.56 -2.51
N GLY F 64 30.02 4.04 -2.00
CA GLY F 64 30.04 5.31 -1.38
C GLY F 64 29.77 6.51 -2.17
N PRO F 65 29.62 7.61 -1.45
CA PRO F 65 29.37 8.85 -2.13
C PRO F 65 30.61 9.19 -2.86
N ILE F 66 30.43 9.70 -4.05
CA ILE F 66 31.57 10.07 -4.83
C ILE F 66 32.22 11.16 -4.05
N LYS F 67 31.43 12.03 -3.45
CA LYS F 67 32.02 13.14 -2.77
C LYS F 67 32.88 12.68 -1.61
N GLU F 68 32.37 11.76 -0.82
CA GLU F 68 33.18 11.21 0.25
C GLU F 68 34.28 10.25 -0.13
N TYR F 69 34.03 9.36 -1.07
CA TYR F 69 35.03 8.34 -1.37
C TYR F 69 35.67 8.45 -2.70
N GLY F 70 35.03 9.16 -3.60
CA GLY F 70 35.58 9.26 -4.93
C GLY F 70 35.25 8.09 -5.82
N ILE F 71 35.60 8.18 -7.09
CA ILE F 71 35.30 7.13 -7.99
C ILE F 71 36.12 5.95 -7.58
N ASN F 72 35.49 4.82 -7.41
CA ASN F 72 36.17 3.65 -6.94
C ASN F 72 35.51 2.41 -7.53
N GLY F 73 34.68 2.62 -8.54
CA GLY F 73 34.00 1.50 -9.16
C GLY F 73 33.01 1.81 -10.24
N VAL F 74 32.32 0.79 -10.73
CA VAL F 74 31.37 0.97 -11.82
C VAL F 74 29.90 1.11 -11.48
N ASN F 75 29.15 1.76 -12.36
CA ASN F 75 27.71 1.85 -12.20
C ASN F 75 26.99 0.71 -12.92
N ASN F 76 25.75 0.46 -12.48
CA ASN F 76 24.86 -0.42 -13.22
C ASN F 76 24.61 0.11 -14.64
N GLU F 77 24.44 1.43 -14.76
CA GLU F 77 24.25 2.06 -16.06
C GLU F 77 25.34 1.66 -17.04
N ASP F 78 26.57 1.56 -16.55
CA ASP F 78 27.71 1.29 -17.44
C ASP F 78 27.63 -0.10 -18.05
N LEU F 79 27.39 -1.11 -17.21
CA LEU F 79 27.27 -2.47 -17.72
C LEU F 79 26.09 -2.60 -18.66
N ILE F 80 24.94 -2.03 -18.28
CA ILE F 80 23.78 -2.10 -19.16
C ILE F 80 24.08 -1.42 -20.50
N LEU F 81 24.88 -0.35 -20.49
CA LEU F 81 25.29 0.26 -21.75
C LEU F 81 26.12 -0.70 -22.59
N MET F 82 27.07 -1.41 -21.95
CA MET F 82 27.86 -2.38 -22.70
C MET F 82 26.95 -3.40 -23.39
N VAL F 83 26.00 -3.94 -22.63
CA VAL F 83 25.12 -4.98 -23.17
C VAL F 83 24.25 -4.44 -24.30
N ILE F 84 23.73 -3.21 -24.15
CA ILE F 84 22.94 -2.62 -25.22
C ILE F 84 23.79 -2.47 -26.47
N THR F 85 25.04 -2.02 -26.31
CA THR F 85 25.89 -1.77 -27.48
C THR F 85 26.19 -3.07 -28.21
N ARG F 86 26.46 -4.13 -27.46
CA ARG F 86 26.70 -5.42 -28.11
C ARG F 86 25.45 -5.93 -28.82
N LEU F 87 24.28 -5.80 -28.19
CA LEU F 87 23.07 -6.31 -28.84
C LEU F 87 22.71 -5.51 -30.08
N GLN F 88 23.02 -4.22 -30.09
CA GLN F 88 22.78 -3.43 -31.30
C GLN F 88 23.77 -3.81 -32.39
N ALA F 89 25.01 -4.13 -32.01
CA ALA F 89 25.95 -4.67 -33.00
C ALA F 89 25.43 -5.97 -33.58
N PHE F 90 24.98 -6.90 -32.72
CA PHE F 90 24.38 -8.14 -33.17
C PHE F 90 23.23 -7.88 -34.14
N GLN F 91 22.41 -6.86 -33.86
CA GLN F 91 21.33 -6.55 -34.78
C GLN F 91 21.83 -5.99 -36.09
N ASP F 92 23.04 -5.42 -36.12
CA ASP F 92 23.67 -5.07 -37.39
C ASP F 92 24.60 -6.20 -37.85
N SER F 93 24.02 -7.37 -38.04
CA SER F 93 24.81 -8.57 -38.36
C SER F 93 23.89 -9.59 -39.00
N PRO F 94 24.44 -10.70 -39.51
CA PRO F 94 23.57 -11.78 -40.02
C PRO F 94 22.71 -12.44 -38.97
N TYR F 95 22.92 -12.15 -37.68
CA TYR F 95 22.18 -12.82 -36.64
C TYR F 95 21.09 -11.93 -36.04
N LYS F 96 20.69 -10.89 -36.77
CA LYS F 96 19.55 -10.05 -36.39
C LYS F 96 18.36 -10.91 -36.02
N CYS F 97 17.71 -10.59 -34.90
CA CYS F 97 16.56 -11.39 -34.50
C CYS F 97 15.65 -10.57 -33.60
N ARG F 98 14.40 -11.03 -33.53
CA ARG F 98 13.36 -10.34 -32.77
C ARG F 98 13.64 -10.40 -31.26
N GLU F 99 14.24 -11.49 -30.78
CA GLU F 99 14.55 -11.60 -29.36
C GLU F 99 15.54 -10.53 -28.93
N ASN F 100 16.59 -10.30 -29.73
CA ASN F 100 17.55 -9.25 -29.42
C ASN F 100 16.88 -7.88 -29.44
N ALA F 101 15.98 -7.64 -30.41
CA ALA F 101 15.24 -6.39 -30.43
C ALA F 101 14.44 -6.19 -29.15
N MET F 102 13.76 -7.25 -28.69
CA MET F 102 13.04 -7.14 -27.42
C MET F 102 13.99 -6.80 -26.28
N ALA F 103 15.12 -7.49 -26.21
CA ALA F 103 16.05 -7.25 -25.11
C ALA F 103 16.54 -5.81 -25.12
N ILE F 104 16.86 -5.27 -26.30
CA ILE F 104 17.31 -3.89 -26.37
C ILE F 104 16.23 -2.94 -25.85
N THR F 105 14.98 -3.22 -26.20
CA THR F 105 13.88 -2.40 -25.67
C THR F 105 13.79 -2.51 -24.14
N LYS F 106 13.84 -3.73 -23.60
CA LYS F 106 13.74 -3.88 -22.14
C LYS F 106 14.88 -3.15 -21.44
N LEU F 107 16.11 -3.27 -21.96
CA LEU F 107 17.25 -2.64 -21.30
C LEU F 107 17.19 -1.12 -21.40
N GLN F 108 16.73 -0.59 -22.53
CA GLN F 108 16.56 0.86 -22.64
C GLN F 108 15.51 1.35 -21.64
N GLU F 109 14.46 0.56 -21.42
CA GLU F 109 13.44 1.00 -20.48
C GLU F 109 13.94 0.90 -19.03
N CYS F 110 14.75 -0.12 -18.73
CA CYS F 110 15.50 -0.15 -17.47
C CYS F 110 16.28 1.13 -17.24
N LEU F 111 17.10 1.52 -18.22
CA LEU F 111 17.82 2.78 -18.12
C LEU F 111 16.86 3.94 -17.87
N MET F 112 15.71 3.94 -18.55
CA MET F 112 14.80 5.07 -18.42
C MET F 112 14.23 5.18 -17.00
N TRP F 113 13.98 4.10 -16.32
CA TRP F 113 13.43 4.16 -14.99
C TRP F 113 14.40 4.59 -13.97
N LEU F 114 15.62 4.14 -14.07
CA LEU F 114 16.66 4.52 -13.15
C LEU F 114 16.94 5.98 -13.27
N GLY F 115 16.87 6.49 -14.46
CA GLY F 115 17.01 7.91 -14.69
C GLY F 115 15.96 8.75 -14.08
N LYS F 116 14.74 8.28 -14.04
CA LYS F 116 13.65 9.00 -13.43
C LYS F 116 13.96 9.18 -12.00
N ARG F 117 14.52 8.19 -11.39
CA ARG F 117 14.81 8.30 -10.03
C ARG F 117 15.78 9.44 -9.83
N THR F 118 16.82 9.49 -10.63
CA THR F 118 17.77 10.57 -10.54
C THR F 118 17.18 11.92 -10.89
N LEU F 119 16.40 12.01 -11.95
CA LEU F 119 15.83 13.28 -12.36
C LEU F 119 14.91 13.80 -11.32
N ASP F 120 14.16 12.92 -10.70
CA ASP F 120 13.30 13.33 -9.61
C ASP F 120 14.14 13.78 -8.43
N ARG F 121 15.26 13.10 -8.17
CA ARG F 121 16.15 13.57 -7.11
C ARG F 121 16.74 14.94 -7.46
N GLU F 122 17.02 15.17 -8.73
CA GLU F 122 17.53 16.46 -9.17
C GLU F 122 16.47 17.53 -9.14
N VAL F 123 15.22 17.14 -9.02
CA VAL F 123 14.18 18.15 -8.87
C VAL F 123 14.40 18.70 -7.47
N LYS F 124 14.91 17.87 -6.55
CA LYS F 124 15.25 18.37 -5.22
C LYS F 124 16.73 18.63 -5.00
N GLY F 125 17.57 18.36 -5.99
CA GLY F 125 18.98 18.66 -5.90
C GLY F 125 19.86 17.72 -5.10
N ILE F 126 19.32 16.60 -4.62
CA ILE F 126 20.09 15.69 -3.78
C ILE F 126 20.98 14.80 -4.64
N GLU F 127 22.28 14.83 -4.42
CA GLU F 127 23.19 14.09 -5.32
C GLU F 127 24.27 13.21 -4.71
N GLY F 128 24.39 11.98 -5.20
CA GLY F 128 25.46 11.11 -4.74
C GLY F 128 25.44 11.02 -3.24
N THR F 129 24.27 10.90 -2.62
CA THR F 129 24.19 10.98 -1.18
C THR F 129 23.41 9.91 -0.46
N SER F 130 23.64 9.76 0.83
CA SER F 130 22.86 8.81 1.64
C SER F 130 21.44 9.30 1.66
N GLU F 131 21.24 10.61 1.59
CA GLU F 131 19.92 11.19 1.54
C GLU F 131 18.93 10.39 0.71
N GLY G 3 22.58 35.96 21.64
CA GLY G 3 23.51 35.00 22.18
C GLY G 3 23.15 34.35 23.47
N LEU G 4 23.53 34.95 24.57
CA LEU G 4 23.36 34.28 25.80
C LEU G 4 22.68 34.99 26.91
N VAL G 5 22.08 34.24 27.82
CA VAL G 5 21.39 34.77 28.95
C VAL G 5 21.75 33.87 30.12
N PRO G 6 21.68 34.36 31.34
CA PRO G 6 21.94 33.51 32.50
C PRO G 6 20.91 32.44 32.79
N ARG G 7 21.32 31.29 33.27
CA ARG G 7 20.37 30.27 33.63
C ARG G 7 19.52 30.60 34.81
N GLY G 8 20.12 31.07 35.87
CA GLY G 8 19.33 31.53 36.98
C GLY G 8 18.36 30.60 37.59
N SER G 9 17.13 31.06 37.71
CA SER G 9 16.10 30.29 38.34
C SER G 9 15.45 29.34 37.38
N HIS G 10 15.78 29.42 36.12
CA HIS G 10 15.16 28.60 35.18
C HIS G 10 15.37 27.16 35.40
N MET G 11 14.31 26.37 35.22
CA MET G 11 14.40 24.93 35.33
C MET G 11 14.45 24.30 33.95
N GLU G 12 15.28 23.29 33.82
CA GLU G 12 15.36 22.50 32.59
C GLU G 12 14.25 21.47 32.57
N ILE G 13 13.54 21.38 31.46
CA ILE G 13 12.51 20.35 31.27
C ILE G 13 13.21 19.15 30.64
N LYS G 14 13.65 18.23 31.47
CA LYS G 14 14.36 17.03 31.07
C LYS G 14 13.43 15.83 31.27
N ASN G 15 12.92 15.23 30.18
CA ASN G 15 12.36 13.88 30.33
C ASN G 15 12.87 12.93 29.25
N GLY G 16 12.57 11.65 29.49
CA GLY G 16 13.25 10.56 28.81
C GLY G 16 12.80 10.29 27.40
N LEU G 17 11.52 10.51 27.09
CA LEU G 17 11.08 10.42 25.70
C LEU G 17 11.68 11.51 24.84
N CYS G 18 12.23 12.56 25.46
CA CYS G 18 12.77 13.72 24.79
C CYS G 18 14.27 13.56 24.64
N THR G 19 14.76 13.60 23.40
CA THR G 19 16.14 13.23 23.11
C THR G 19 17.14 14.25 23.65
N GLN G 20 16.79 15.54 23.64
CA GLN G 20 17.65 16.60 24.19
C GLN G 20 18.99 16.66 23.42
N LYS G 21 18.95 16.22 22.17
CA LYS G 21 20.18 16.08 21.37
C LYS G 21 20.85 17.43 21.14
N TYR G 22 20.16 18.33 20.45
CA TYR G 22 20.71 19.62 20.07
C TYR G 22 20.11 20.79 20.82
N THR G 23 18.91 20.63 21.36
CA THR G 23 18.20 21.68 22.08
C THR G 23 17.84 21.19 23.46
N LYS G 24 17.68 22.13 24.39
CA LYS G 24 17.06 21.91 25.67
C LYS G 24 15.86 22.86 25.78
N VAL G 25 14.94 22.52 26.69
CA VAL G 25 13.80 23.36 26.99
C VAL G 25 13.87 23.74 28.46
N TYR G 26 13.70 25.04 28.73
CA TYR G 26 13.70 25.60 30.06
C TYR G 26 12.38 26.32 30.31
N ALA G 27 12.06 26.52 31.58
CA ALA G 27 10.90 27.31 31.97
C ALA G 27 11.24 28.08 33.25
N GLU G 28 10.40 29.06 33.58
CA GLU G 28 10.58 29.82 34.80
C GLU G 28 10.54 28.91 36.03
N ASP G 29 11.03 29.42 37.15
CA ASP G 29 11.09 28.63 38.36
C ASP G 29 9.69 28.27 38.84
N LYS G 30 9.60 27.10 39.48
CA LYS G 30 8.34 26.59 39.98
C LYS G 30 7.83 27.40 41.17
N GLU G 31 8.71 28.10 41.87
CA GLU G 31 8.28 29.11 42.82
C GLU G 31 7.49 30.20 42.13
N LYS G 32 7.78 30.46 40.86
CA LYS G 32 7.21 31.59 40.17
C LYS G 32 6.00 31.28 39.32
N TRP G 33 5.60 30.03 39.24
CA TRP G 33 4.45 29.66 38.43
C TRP G 33 3.20 30.36 38.94
N LYS G 34 2.48 30.99 38.02
CA LYS G 34 1.16 31.54 38.31
C LYS G 34 0.07 30.64 37.72
N PHE G 35 -1.06 30.54 38.43
CA PHE G 35 -2.20 29.77 37.97
C PHE G 35 -1.83 28.31 37.77
N ASN G 36 -1.03 27.77 38.70
CA ASN G 36 -0.67 26.36 38.83
C ASN G 36 0.23 25.83 37.73
N ALA G 37 0.73 26.66 36.81
CA ALA G 37 1.41 26.13 35.63
C ALA G 37 2.52 27.07 35.20
N PRO G 38 3.55 26.54 34.53
CA PRO G 38 4.54 27.42 33.90
C PRO G 38 3.97 28.07 32.66
N HIS G 39 4.46 29.28 32.36
CA HIS G 39 3.99 30.03 31.21
C HIS G 39 5.09 30.56 30.29
N HIS G 40 6.35 30.55 30.72
CA HIS G 40 7.43 31.18 29.95
C HIS G 40 8.50 30.13 29.68
N PHE G 41 8.58 29.69 28.43
CA PHE G 41 9.46 28.61 28.02
C PHE G 41 10.51 29.13 27.06
N ILE G 42 11.71 28.55 27.16
CA ILE G 42 12.84 28.87 26.31
C ILE G 42 13.31 27.58 25.65
N VAL G 43 13.53 27.60 24.36
CA VAL G 43 14.13 26.47 23.72
C VAL G 43 15.52 27.01 23.43
N GLY G 44 16.54 26.36 23.96
CA GLY G 44 17.89 26.81 23.79
C GLY G 44 18.88 25.75 23.37
N LYS G 45 19.98 26.15 22.75
CA LYS G 45 21.00 25.22 22.33
C LYS G 45 21.61 24.58 23.52
N ALA G 46 21.96 23.31 23.40
CA ALA G 46 22.51 22.55 24.49
C ALA G 46 24.01 22.63 24.60
N ASP G 47 24.64 23.29 23.66
CA ASP G 47 26.07 23.38 23.64
C ASP G 47 26.68 24.51 24.42
N CYS G 48 25.87 25.33 25.05
CA CYS G 48 26.36 26.41 25.89
C CYS G 48 26.83 25.90 27.21
N GLU G 49 27.61 26.71 27.91
CA GLU G 49 28.00 26.31 29.24
C GLU G 49 26.86 26.35 30.18
N ASP G 50 26.95 25.56 31.24
CA ASP G 50 25.83 25.39 32.14
C ASP G 50 25.33 26.60 32.87
N GLU G 51 26.19 27.58 33.10
CA GLU G 51 25.74 28.82 33.70
C GLU G 51 24.78 29.54 32.79
N TYR G 52 24.80 29.24 31.52
CA TYR G 52 24.02 29.99 30.57
C TYR G 52 23.07 29.24 29.70
N ILE G 53 22.11 29.95 29.12
CA ILE G 53 21.22 29.34 28.18
C ILE G 53 21.50 30.08 26.88
N GLU G 54 21.34 29.42 25.75
CA GLU G 54 21.61 30.01 24.43
C GLU G 54 20.32 29.96 23.60
N PRO G 55 19.42 30.90 23.79
CA PRO G 55 18.05 30.76 23.26
C PRO G 55 17.99 30.72 21.74
N ILE G 56 17.25 29.73 21.23
CA ILE G 56 16.82 29.72 19.82
C ILE G 56 15.45 30.37 19.68
N GLU G 57 14.58 30.16 20.67
CA GLU G 57 13.20 30.60 20.54
C GLU G 57 12.57 30.74 21.91
N TYR G 58 11.57 31.64 22.06
CA TYR G 58 10.90 31.59 23.33
C TYR G 58 9.41 31.53 23.04
N VAL G 59 8.66 30.96 23.98
CA VAL G 59 7.23 30.75 23.86
C VAL G 59 6.59 31.17 25.19
N ASN G 60 5.59 32.03 25.11
CA ASN G 60 4.90 32.51 26.30
C ASN G 60 3.42 32.17 26.19
N PHE G 61 2.93 31.49 27.18
CA PHE G 61 1.55 31.09 27.18
C PHE G 61 0.69 32.08 27.91
N GLN G 62 -0.60 31.99 27.70
CA GLN G 62 -1.52 32.89 28.33
C GLN G 62 -1.51 32.80 29.79
N GLU G 63 -1.44 33.94 30.46
CA GLU G 63 -1.43 33.97 31.90
C GLU G 63 -2.73 34.56 32.31
N GLY G 64 -3.47 33.83 33.11
CA GLY G 64 -4.76 34.28 33.50
C GLY G 64 -5.82 33.64 32.65
N PRO G 65 -6.88 33.16 33.30
CA PRO G 65 -7.99 32.63 32.52
C PRO G 65 -8.47 33.73 31.61
N ILE G 66 -8.77 33.41 30.38
CA ILE G 66 -9.09 34.42 29.40
C ILE G 66 -10.29 35.30 29.66
N LYS G 67 -11.42 34.76 30.07
CA LYS G 67 -12.55 35.65 30.24
C LYS G 67 -12.28 36.68 31.30
N GLU G 68 -11.76 36.28 32.44
CA GLU G 68 -11.36 37.23 33.47
C GLU G 68 -10.11 38.09 33.18
N TYR G 69 -9.08 37.52 32.57
CA TYR G 69 -7.85 38.26 32.33
C TYR G 69 -7.60 38.80 30.94
N GLY G 70 -8.40 38.40 29.96
CA GLY G 70 -8.11 38.82 28.61
C GLY G 70 -7.10 37.99 27.84
N ILE G 71 -6.45 38.56 26.83
CA ILE G 71 -5.48 37.83 26.00
C ILE G 71 -4.05 38.31 26.11
N ASN G 72 -3.11 37.41 26.35
CA ASN G 72 -1.70 37.77 26.49
C ASN G 72 -0.70 36.69 26.17
N GLY G 73 -1.10 35.69 25.41
CA GLY G 73 -0.21 34.58 25.10
C GLY G 73 -0.94 33.49 24.33
N VAL G 74 -0.19 32.43 24.01
CA VAL G 74 -0.70 31.33 23.20
C VAL G 74 -1.29 30.25 24.10
N ASN G 75 -2.06 29.35 23.49
CA ASN G 75 -2.59 28.18 24.17
C ASN G 75 -1.97 26.91 23.60
N ASN G 76 -2.01 25.85 24.40
CA ASN G 76 -1.50 24.54 23.98
C ASN G 76 -2.03 24.12 22.61
N GLU G 77 -3.30 24.40 22.36
CA GLU G 77 -3.93 24.03 21.10
C GLU G 77 -3.20 24.66 19.91
N ASP G 78 -2.68 25.88 20.07
CA ASP G 78 -2.01 26.55 18.95
C ASP G 78 -0.72 25.84 18.57
N LEU G 79 0.10 25.46 19.56
CA LEU G 79 1.33 24.75 19.27
C LEU G 79 1.03 23.40 18.64
N ILE G 80 0.09 22.65 19.24
CA ILE G 80 -0.25 21.35 18.70
C ILE G 80 -0.74 21.47 17.26
N LEU G 81 -1.52 22.53 16.96
CA LEU G 81 -1.99 22.76 15.60
C LEU G 81 -0.84 23.00 14.63
N MET G 82 0.16 23.80 15.06
CA MET G 82 1.33 23.98 14.21
C MET G 82 1.98 22.65 13.88
N VAL G 83 2.20 21.83 14.91
CA VAL G 83 2.90 20.55 14.71
C VAL G 83 2.10 19.65 13.76
N ILE G 84 0.77 19.62 13.92
CA ILE G 84 -0.05 18.83 13.00
C ILE G 84 0.13 19.32 11.56
N THR G 85 0.12 20.64 11.36
CA THR G 85 0.28 21.18 10.02
C THR G 85 1.62 20.78 9.41
N ARG G 86 2.68 20.89 10.20
CA ARG G 86 4.00 20.51 9.71
C ARG G 86 4.06 19.03 9.36
N LEU G 87 3.50 18.17 10.21
CA LEU G 87 3.57 16.74 9.95
C LEU G 87 2.73 16.37 8.72
N GLN G 88 1.59 17.03 8.54
CA GLN G 88 0.81 16.81 7.33
C GLN G 88 1.58 17.24 6.10
N ALA G 89 2.30 18.36 6.19
CA ALA G 89 3.18 18.78 5.10
C ALA G 89 4.22 17.69 4.80
N PHE G 90 4.89 17.18 5.84
CA PHE G 90 5.85 16.09 5.66
C PHE G 90 5.20 14.90 4.95
N GLN G 91 3.93 14.60 5.28
CA GLN G 91 3.26 13.47 4.64
C GLN G 91 3.03 13.71 3.16
N ASP G 92 3.02 14.97 2.73
CA ASP G 92 2.94 15.33 1.31
C ASP G 92 4.33 15.69 0.79
N SER G 93 5.23 14.69 0.84
CA SER G 93 6.62 14.86 0.50
C SER G 93 7.32 13.50 0.43
N PRO G 94 8.57 13.44 -0.04
CA PRO G 94 9.32 12.18 0.05
C PRO G 94 9.56 11.71 1.47
N TYR G 95 9.27 12.52 2.48
CA TYR G 95 9.57 12.16 3.86
C TYR G 95 8.42 11.38 4.51
N LYS G 96 7.42 11.04 3.70
CA LYS G 96 6.23 10.35 4.18
C LYS G 96 6.60 9.05 4.89
N CYS G 97 6.03 8.82 6.07
CA CYS G 97 6.31 7.57 6.77
C CYS G 97 5.22 7.26 7.79
N ARG G 98 5.18 5.98 8.19
CA ARG G 98 4.15 5.49 9.11
C ARG G 98 4.22 6.18 10.46
N GLU G 99 5.43 6.50 10.93
CA GLU G 99 5.57 7.11 12.24
C GLU G 99 4.90 8.48 12.28
N ASN G 100 5.05 9.27 11.20
CA ASN G 100 4.44 10.58 11.17
C ASN G 100 2.91 10.47 11.16
N ALA G 101 2.38 9.46 10.47
CA ALA G 101 0.94 9.25 10.47
C ALA G 101 0.43 8.91 11.87
N MET G 102 1.14 8.05 12.58
CA MET G 102 0.76 7.76 13.96
C MET G 102 0.80 9.00 14.82
N ALA G 103 1.83 9.83 14.63
CA ALA G 103 1.96 11.05 15.42
C ALA G 103 0.83 12.03 15.12
N ILE G 104 0.45 12.15 13.85
CA ILE G 104 -0.68 13.02 13.51
C ILE G 104 -1.94 12.52 14.19
N THR G 105 -2.19 11.21 14.14
CA THR G 105 -3.36 10.66 14.80
C THR G 105 -3.35 10.96 16.31
N LYS G 106 -2.20 10.78 16.96
CA LYS G 106 -2.15 11.02 18.40
C LYS G 106 -2.40 12.49 18.73
N LEU G 107 -1.81 13.40 17.94
CA LEU G 107 -2.01 14.82 18.18
C LEU G 107 -3.47 15.22 17.95
N GLN G 108 -4.10 14.70 16.89
CA GLN G 108 -5.50 15.00 16.66
C GLN G 108 -6.37 14.49 17.80
N GLU G 109 -6.05 13.31 18.36
CA GLU G 109 -6.85 12.78 19.47
C GLU G 109 -6.61 13.56 20.75
N CYS G 110 -5.41 14.10 20.94
CA CYS G 110 -5.15 15.02 22.04
C CYS G 110 -6.03 16.26 21.91
N LEU G 111 -6.11 16.84 20.71
CA LEU G 111 -7.00 17.98 20.51
C LEU G 111 -8.44 17.58 20.81
N MET G 112 -8.83 16.36 20.43
CA MET G 112 -10.22 15.94 20.68
C MET G 112 -10.53 15.81 22.16
N TRP G 113 -9.58 15.29 22.95
CA TRP G 113 -9.83 15.18 24.39
C TRP G 113 -9.86 16.56 25.06
N LEU G 114 -8.91 17.44 24.70
CA LEU G 114 -8.95 18.81 25.25
C LEU G 114 -10.24 19.51 24.84
N GLY G 115 -10.68 19.31 23.60
CA GLY G 115 -11.92 19.90 23.16
C GLY G 115 -13.12 19.35 23.88
N LYS G 116 -13.09 18.05 24.23
CA LYS G 116 -14.16 17.51 25.07
C LYS G 116 -14.22 18.26 26.39
N ARG G 117 -13.06 18.52 26.99
CA ARG G 117 -13.07 19.31 28.22
C ARG G 117 -13.74 20.66 27.99
N THR G 118 -13.34 21.34 26.92
CA THR G 118 -13.95 22.63 26.58
C THR G 118 -15.47 22.49 26.46
N LEU G 119 -15.93 21.54 25.66
CA LEU G 119 -17.36 21.37 25.38
C LEU G 119 -18.15 21.04 26.63
N ASP G 120 -17.58 20.24 27.53
CA ASP G 120 -18.28 19.85 28.75
C ASP G 120 -18.38 21.04 29.71
N ARG G 121 -17.27 21.77 29.89
CA ARG G 121 -17.32 22.98 30.71
C ARG G 121 -18.22 24.03 30.10
N GLU G 122 -18.43 23.97 28.78
CA GLU G 122 -19.25 24.93 28.07
C GLU G 122 -20.74 24.56 28.08
N VAL G 123 -21.05 23.27 28.24
CA VAL G 123 -22.42 22.86 28.55
C VAL G 123 -22.80 23.35 29.94
N LYS G 124 -21.83 23.48 30.84
CA LYS G 124 -22.02 24.08 32.15
C LYS G 124 -21.76 25.59 32.15
N GLY G 125 -21.47 26.18 30.99
CA GLY G 125 -21.36 27.62 30.86
C GLY G 125 -20.27 28.29 31.67
N ILE G 126 -19.20 27.57 32.02
CA ILE G 126 -18.15 28.12 32.88
C ILE G 126 -16.80 28.18 32.16
N GLU G 127 -16.81 28.18 30.82
CA GLU G 127 -15.56 28.00 30.08
C GLU G 127 -14.71 29.26 30.05
N GLY G 128 -13.39 29.06 30.17
CA GLY G 128 -12.45 30.14 30.26
C GLY G 128 -12.50 30.91 31.56
N THR G 129 -13.23 30.41 32.55
CA THR G 129 -13.36 31.05 33.85
C THR G 129 -12.53 30.29 34.88
N SER G 130 -12.58 30.76 36.13
CA SER G 130 -11.81 30.15 37.21
C SER G 130 -12.56 29.04 37.94
N GLU G 131 -13.83 28.83 37.63
CA GLU G 131 -14.62 27.81 38.28
C GLU G 131 -14.13 26.42 37.88
N ILE G 132 -14.28 25.47 38.80
CA ILE G 132 -13.79 24.11 38.57
C ILE G 132 -14.87 23.22 37.94
N GLY H 3 0.57 45.13 17.51
CA GLY H 3 0.71 45.92 16.31
C GLY H 3 0.03 45.20 15.17
N LEU H 4 -0.12 45.84 14.04
CA LEU H 4 -0.84 45.18 12.99
C LEU H 4 0.08 45.01 11.80
N VAL H 5 0.17 43.81 11.28
CA VAL H 5 1.08 43.54 10.21
C VAL H 5 0.27 42.84 9.17
N PRO H 6 0.41 43.24 7.91
CA PRO H 6 -0.46 42.64 6.90
C PRO H 6 -0.28 41.17 6.66
N ARG H 7 -1.34 40.51 6.19
CA ARG H 7 -1.34 39.07 6.02
C ARG H 7 -0.92 38.60 4.66
N GLY H 8 -0.33 39.45 3.86
CA GLY H 8 -0.07 39.04 2.51
C GLY H 8 0.79 37.84 2.22
N SER H 9 1.87 37.70 2.94
CA SER H 9 2.80 36.62 2.66
C SER H 9 2.53 35.48 3.61
N HIS H 10 1.35 35.47 4.21
CA HIS H 10 1.05 34.49 5.21
C HIS H 10 -0.27 33.86 5.00
N MET H 11 -0.48 32.69 5.60
CA MET H 11 -1.72 31.95 5.42
C MET H 11 -2.38 31.56 6.71
N GLU H 12 -3.70 31.62 6.75
CA GLU H 12 -4.42 31.15 7.93
C GLU H 12 -4.43 29.66 7.95
N ILE H 13 -4.20 29.09 9.12
CA ILE H 13 -4.25 27.66 9.25
C ILE H 13 -5.51 27.35 10.01
N LYS H 14 -6.43 26.65 9.40
CA LYS H 14 -7.67 26.36 10.05
C LYS H 14 -7.96 24.88 10.11
N ASN H 15 -8.27 24.34 11.28
CA ASN H 15 -8.68 22.93 11.39
C ASN H 15 -10.00 22.88 12.13
N GLY H 16 -10.84 21.91 11.82
CA GLY H 16 -12.13 21.78 12.44
C GLY H 16 -11.93 21.51 13.88
N LEU H 17 -10.76 21.02 14.25
CA LEU H 17 -10.47 20.67 15.61
C LEU H 17 -10.05 21.83 16.44
N CYS H 18 -9.94 23.00 15.83
CA CYS H 18 -9.61 24.22 16.56
C CYS H 18 -10.71 25.27 16.41
N THR H 19 -11.14 25.90 17.51
CA THR H 19 -12.25 26.87 17.45
C THR H 19 -12.03 28.17 16.70
N GLN H 20 -10.85 28.76 16.83
CA GLN H 20 -10.53 30.04 16.22
C GLN H 20 -11.22 31.13 16.99
N LYS H 21 -11.72 30.81 18.17
CA LYS H 21 -12.41 31.79 18.99
C LYS H 21 -11.58 32.95 19.50
N TYR H 22 -10.40 32.70 20.02
CA TYR H 22 -9.64 33.77 20.61
C TYR H 22 -8.35 33.99 19.86
N THR H 23 -7.88 32.96 19.18
CA THR H 23 -6.60 33.05 18.51
C THR H 23 -6.65 32.53 17.10
N LYS H 24 -5.72 32.95 16.26
CA LYS H 24 -5.64 32.44 14.92
C LYS H 24 -4.18 32.17 14.63
N VAL H 25 -3.87 31.08 13.93
CA VAL H 25 -2.50 30.71 13.64
C VAL H 25 -2.25 30.86 12.14
N TYR H 26 -1.16 31.56 11.81
CA TYR H 26 -0.74 31.83 10.45
C TYR H 26 0.64 31.24 10.24
N ALA H 27 0.94 30.88 9.00
CA ALA H 27 2.24 30.36 8.65
C ALA H 27 2.69 31.04 7.37
N GLU H 28 3.99 30.93 7.08
CA GLU H 28 4.45 31.49 5.80
C GLU H 28 3.69 30.86 4.65
N ASP H 29 3.50 31.64 3.60
CA ASP H 29 2.61 31.26 2.51
C ASP H 29 3.24 30.11 1.73
N LYS H 30 2.38 29.26 1.15
CA LYS H 30 2.80 27.92 0.76
C LYS H 30 4.02 27.92 -0.18
N GLU H 31 4.33 29.05 -0.80
CA GLU H 31 5.43 29.10 -1.77
C GLU H 31 6.80 29.22 -1.12
N LYS H 32 6.90 29.71 0.12
CA LYS H 32 8.18 29.79 0.81
C LYS H 32 8.68 28.43 1.30
N TRP H 33 7.87 27.39 1.20
CA TRP H 33 8.19 26.12 1.84
C TRP H 33 9.39 25.49 1.15
N LYS H 34 10.54 25.49 1.82
CA LYS H 34 11.63 24.59 1.47
C LYS H 34 11.77 23.54 2.56
N PHE H 35 12.31 22.39 2.17
CA PHE H 35 12.26 21.17 2.97
C PHE H 35 10.83 20.75 3.23
N ASN H 36 9.93 21.23 2.36
CA ASN H 36 8.59 20.74 2.08
C ASN H 36 7.54 21.11 3.12
N ALA H 37 7.84 21.98 4.08
CA ALA H 37 6.91 22.27 5.15
C ALA H 37 7.08 23.71 5.58
N PRO H 38 6.06 24.31 6.20
CA PRO H 38 6.22 25.65 6.76
C PRO H 38 7.14 25.64 7.97
N HIS H 39 7.84 26.76 8.17
CA HIS H 39 8.76 26.89 9.28
C HIS H 39 8.57 28.15 10.13
N HIS H 40 7.79 29.12 9.68
CA HIS H 40 7.64 30.40 10.38
C HIS H 40 6.16 30.64 10.63
N PHE H 41 5.76 30.46 11.89
CA PHE H 41 4.38 30.53 12.34
C PHE H 41 4.19 31.74 13.23
N ILE H 42 2.95 32.18 13.31
CA ILE H 42 2.54 33.42 13.94
C ILE H 42 1.19 33.20 14.61
N VAL H 43 1.06 33.55 15.87
CA VAL H 43 -0.24 33.46 16.51
C VAL H 43 -0.79 34.85 16.66
N GLY H 44 -2.06 35.02 16.34
CA GLY H 44 -2.66 36.33 16.36
C GLY H 44 -4.11 36.42 16.73
N LYS H 45 -4.58 37.62 17.07
CA LYS H 45 -5.93 37.75 17.58
C LYS H 45 -7.07 37.47 16.63
N ALA H 46 -8.05 36.71 17.10
CA ALA H 46 -9.15 36.29 16.24
C ALA H 46 -10.01 37.42 15.75
N ASP H 47 -10.26 38.37 16.62
CA ASP H 47 -11.10 39.48 16.27
C ASP H 47 -10.41 40.38 15.27
N CYS H 48 -9.12 40.20 15.08
CA CYS H 48 -8.37 41.08 14.20
C CYS H 48 -8.76 40.95 12.75
N GLU H 49 -8.38 41.91 11.95
CA GLU H 49 -8.75 41.92 10.54
C GLU H 49 -8.19 40.78 9.73
N ASP H 50 -8.91 40.36 8.71
CA ASP H 50 -8.38 39.34 7.84
C ASP H 50 -7.16 39.90 7.21
N GLU H 51 -7.22 41.17 6.82
CA GLU H 51 -6.11 41.75 6.10
C GLU H 51 -4.80 41.82 6.87
N TYR H 52 -4.87 42.16 8.13
CA TYR H 52 -3.65 42.34 8.89
C TYR H 52 -3.64 41.44 10.10
N ILE H 53 -2.47 41.02 10.54
CA ILE H 53 -2.40 40.12 11.64
C ILE H 53 -1.84 40.82 12.84
N GLU H 54 -2.48 40.65 13.99
CA GLU H 54 -1.97 41.23 15.20
C GLU H 54 -1.26 40.17 15.99
N PRO H 55 0.06 40.22 16.05
CA PRO H 55 0.84 39.19 16.69
C PRO H 55 0.82 39.02 18.18
N ILE H 56 0.82 37.78 18.68
CA ILE H 56 0.95 37.55 20.11
C ILE H 56 2.22 36.74 20.34
N GLU H 57 2.60 35.91 19.37
CA GLU H 57 3.85 35.15 19.46
C GLU H 57 4.34 34.69 18.13
N TYR H 58 5.62 34.39 18.04
CA TYR H 58 6.22 33.93 16.82
C TYR H 58 6.96 32.66 17.12
N VAL H 59 6.80 31.67 16.27
CA VAL H 59 7.44 30.37 16.46
C VAL H 59 8.17 30.00 15.19
N ASN H 60 9.44 29.71 15.30
CA ASN H 60 10.22 29.44 14.14
C ASN H 60 10.87 28.11 14.22
N PHE H 61 10.60 27.29 13.23
CA PHE H 61 11.10 25.94 13.21
C PHE H 61 12.36 25.80 12.46
N GLN H 62 13.04 24.70 12.69
CA GLN H 62 14.32 24.52 12.07
C GLN H 62 14.16 24.33 10.63
N GLU H 63 14.74 25.25 9.86
CA GLU H 63 14.68 25.16 8.43
C GLU H 63 15.98 24.59 8.02
N GLY H 64 15.93 23.37 7.53
CA GLY H 64 17.14 22.77 7.04
C GLY H 64 17.91 21.93 8.01
N PRO H 65 18.77 21.09 7.47
CA PRO H 65 19.55 20.21 8.32
C PRO H 65 20.44 20.93 9.25
N ILE H 66 20.46 20.49 10.51
CA ILE H 66 21.32 21.10 11.48
C ILE H 66 22.70 20.90 11.00
N LYS H 67 22.94 19.76 10.38
CA LYS H 67 24.28 19.43 9.98
C LYS H 67 24.91 20.42 9.02
N GLU H 68 24.17 20.88 8.03
CA GLU H 68 24.70 21.86 7.08
C GLU H 68 24.31 23.27 7.41
N TYR H 69 23.06 23.48 7.78
CA TYR H 69 22.56 24.83 7.99
C TYR H 69 22.64 25.38 9.42
N GLY H 70 23.00 24.55 10.38
CA GLY H 70 23.01 24.99 11.76
C GLY H 70 21.70 24.92 12.51
N ILE H 71 21.67 25.30 13.78
CA ILE H 71 20.44 25.33 14.54
C ILE H 71 19.74 26.63 14.37
N ASN H 72 18.79 26.69 13.46
CA ASN H 72 18.03 27.88 13.23
C ASN H 72 16.59 27.89 13.72
N GLY H 73 16.21 26.90 14.49
CA GLY H 73 14.83 26.79 14.91
C GLY H 73 14.46 25.70 15.88
N VAL H 74 13.18 25.60 16.20
CA VAL H 74 12.73 24.60 17.15
C VAL H 74 12.21 23.31 16.56
N ASN H 75 12.12 22.27 17.37
CA ASN H 75 11.54 21.02 16.91
C ASN H 75 10.10 20.90 17.40
N ASN H 76 9.29 20.14 16.64
CA ASN H 76 7.98 19.72 17.11
C ASN H 76 8.06 19.13 18.51
N GLU H 77 9.05 18.27 18.72
CA GLU H 77 9.30 17.65 20.03
C GLU H 77 9.27 18.68 21.15
N ASP H 78 9.87 19.85 20.94
CA ASP H 78 10.02 20.83 22.01
C ASP H 78 8.68 21.44 22.40
N LEU H 79 7.88 21.83 21.40
CA LEU H 79 6.55 22.35 21.70
C LEU H 79 5.69 21.30 22.40
N ILE H 80 5.77 20.04 21.95
CA ILE H 80 4.98 19.00 22.59
C ILE H 80 5.42 18.81 24.04
N LEU H 81 6.72 18.90 24.30
CA LEU H 81 7.21 18.75 25.67
C LEU H 81 6.71 19.90 26.53
N MET H 82 6.65 21.11 25.96
CA MET H 82 6.05 22.23 26.68
C MET H 82 4.61 21.93 27.08
N VAL H 83 3.80 21.49 26.12
CA VAL H 83 2.38 21.24 26.37
C VAL H 83 2.21 20.11 27.40
N ILE H 84 3.00 19.05 27.30
CA ILE H 84 2.95 18.00 28.32
C ILE H 84 3.25 18.57 29.70
N THR H 85 4.28 19.42 29.80
CA THR H 85 4.64 20.01 31.09
C THR H 85 3.50 20.82 31.68
N ARG H 86 2.90 21.67 30.86
CA ARG H 86 1.77 22.48 31.35
C ARG H 86 0.58 21.61 31.76
N LEU H 87 0.29 20.56 30.99
CA LEU H 87 -0.85 19.71 31.34
C LEU H 87 -0.59 18.97 32.65
N GLN H 88 0.64 18.54 32.88
CA GLN H 88 0.96 17.84 34.12
C GLN H 88 0.87 18.80 35.30
N ALA H 89 1.25 20.07 35.09
CA ALA H 89 1.01 21.08 36.11
C ALA H 89 -0.46 21.18 36.45
N PHE H 90 -1.31 21.30 35.42
CA PHE H 90 -2.76 21.34 35.62
C PHE H 90 -3.24 20.13 36.41
N GLN H 91 -2.69 18.95 36.10
CA GLN H 91 -3.10 17.75 36.83
C GLN H 91 -2.65 17.81 38.28
N ASP H 92 -1.57 18.52 38.59
CA ASP H 92 -1.19 18.74 39.98
C ASP H 92 -1.84 19.99 40.57
N SER H 93 -3.16 20.12 40.38
CA SER H 93 -3.88 21.30 40.83
C SER H 93 -5.35 20.94 41.02
N PRO H 94 -6.21 21.86 41.52
CA PRO H 94 -7.63 21.53 41.65
C PRO H 94 -8.36 21.35 40.32
N TYR H 95 -7.64 21.48 39.21
CA TYR H 95 -8.25 21.31 37.89
C TYR H 95 -7.96 19.95 37.27
N LYS H 96 -7.45 18.99 38.06
CA LYS H 96 -7.21 17.64 37.61
C LYS H 96 -8.49 17.06 37.00
N CYS H 97 -8.38 16.43 35.83
CA CYS H 97 -9.55 15.88 35.17
C CYS H 97 -9.09 14.78 34.23
N ARG H 98 -10.04 13.89 33.89
CA ARG H 98 -9.73 12.74 33.05
C ARG H 98 -9.31 13.17 31.66
N GLU H 99 -9.91 14.23 31.13
CA GLU H 99 -9.59 14.68 29.77
C GLU H 99 -8.13 15.09 29.66
N ASN H 100 -7.62 15.84 30.64
CA ASN H 100 -6.21 16.23 30.64
C ASN H 100 -5.31 15.00 30.66
N ALA H 101 -5.67 13.99 31.46
CA ALA H 101 -4.87 12.77 31.49
C ALA H 101 -4.86 12.08 30.13
N MET H 102 -6.03 11.98 29.49
CA MET H 102 -6.06 11.42 28.14
C MET H 102 -5.13 12.18 27.20
N ALA H 103 -5.20 13.51 27.23
CA ALA H 103 -4.36 14.31 26.35
C ALA H 103 -2.88 14.06 26.63
N ILE H 104 -2.51 13.96 27.91
CA ILE H 104 -1.12 13.69 28.27
C ILE H 104 -0.66 12.39 27.65
N THR H 105 -1.50 11.35 27.74
CA THR H 105 -1.13 10.06 27.15
C THR H 105 -0.96 10.17 25.63
N LYS H 106 -1.89 10.86 24.96
CA LYS H 106 -1.79 10.98 23.51
C LYS H 106 -0.50 11.70 23.13
N LEU H 107 -0.13 12.74 23.89
CA LEU H 107 1.08 13.50 23.55
C LEU H 107 2.34 12.69 23.81
N GLN H 108 2.34 11.90 24.90
CA GLN H 108 3.48 11.04 25.18
C GLN H 108 3.65 9.99 24.09
N GLU H 109 2.54 9.46 23.57
CA GLU H 109 2.65 8.45 22.52
C GLU H 109 3.07 9.10 21.19
N CYS H 110 2.68 10.35 20.97
CA CYS H 110 3.19 11.11 19.83
C CYS H 110 4.70 11.23 19.90
N LEU H 111 5.21 11.58 21.08
CA LEU H 111 6.66 11.63 21.28
C LEU H 111 7.29 10.27 21.02
N MET H 112 6.65 9.19 21.50
CA MET H 112 7.22 7.86 21.29
C MET H 112 7.32 7.51 19.81
N TRP H 113 6.32 7.89 19.01
CA TRP H 113 6.34 7.54 17.59
C TRP H 113 7.40 8.35 16.83
N LEU H 114 7.46 9.66 17.08
CA LEU H 114 8.51 10.47 16.44
C LEU H 114 9.90 9.99 16.86
N GLY H 115 10.09 9.69 18.15
CA GLY H 115 11.37 9.17 18.59
C GLY H 115 11.70 7.85 17.93
N LYS H 116 10.69 7.01 17.69
CA LYS H 116 10.96 5.76 16.98
C LYS H 116 11.47 6.03 15.58
N ARG H 117 10.93 7.06 14.92
CA ARG H 117 11.49 7.45 13.64
C ARG H 117 12.98 7.77 13.75
N THR H 118 13.34 8.55 14.77
CA THR H 118 14.75 8.90 14.97
C THR H 118 15.60 7.66 15.25
N LEU H 119 15.18 6.76 16.09
CA LEU H 119 16.04 5.64 16.43
C LEU H 119 16.12 4.68 15.29
N ASP H 120 15.11 4.67 14.46
CA ASP H 120 15.10 3.82 13.28
C ASP H 120 16.14 4.26 12.35
N ARG H 121 16.30 5.55 12.23
CA ARG H 121 17.33 6.07 11.39
C ARG H 121 18.68 5.69 11.93
N GLU H 122 18.86 5.74 13.22
CA GLU H 122 20.14 5.43 13.78
C GLU H 122 20.58 4.01 13.53
N VAL H 123 19.67 3.07 13.67
CA VAL H 123 20.01 1.69 13.42
C VAL H 123 20.35 1.55 11.96
N LYS H 124 19.67 2.31 11.11
CA LYS H 124 19.89 2.21 9.68
C LYS H 124 20.92 3.21 9.24
N GLY H 125 21.56 3.87 10.19
CA GLY H 125 22.57 4.84 9.87
C GLY H 125 22.25 6.07 9.08
N ILE H 126 21.18 6.74 9.41
CA ILE H 126 20.85 7.99 8.77
C ILE H 126 20.46 8.93 9.88
N GLU H 127 20.53 10.23 9.64
CA GLU H 127 20.11 11.22 10.64
C GLU H 127 19.91 12.52 9.93
N GLY H 128 19.35 13.51 10.60
CA GLY H 128 19.18 14.83 10.00
C GLY H 128 19.01 14.85 8.49
N SER I 1 35.36 -20.81 25.96
CA SER I 1 34.47 -21.96 26.10
C SER I 1 33.39 -21.69 27.13
N SER I 2 32.95 -20.42 27.21
CA SER I 2 31.93 -20.00 28.16
C SER I 2 30.52 -20.30 27.69
N GLY I 3 30.35 -21.13 26.67
CA GLY I 3 29.04 -21.41 26.10
C GLY I 3 28.84 -20.68 24.79
N LEU I 4 29.81 -20.77 23.90
CA LEU I 4 29.82 -20.05 22.64
C LEU I 4 29.49 -21.01 21.50
N VAL I 5 28.93 -20.47 20.42
CA VAL I 5 28.55 -21.28 19.26
C VAL I 5 28.67 -20.40 18.03
N PRO I 6 29.07 -20.94 16.88
CA PRO I 6 29.27 -20.09 15.69
C PRO I 6 27.98 -19.42 15.30
N ARG I 7 28.13 -18.34 14.55
CA ARG I 7 26.95 -17.55 14.35
C ARG I 7 26.28 -18.16 13.12
N GLY I 8 27.02 -18.20 12.03
CA GLY I 8 26.63 -18.92 10.84
C GLY I 8 25.73 -18.14 9.90
N SER I 9 24.63 -18.77 9.47
CA SER I 9 23.66 -18.10 8.61
C SER I 9 22.58 -17.36 9.40
N HIS I 10 22.75 -17.23 10.71
CA HIS I 10 21.77 -16.54 11.54
C HIS I 10 21.84 -15.03 11.32
N MET I 11 20.67 -14.40 11.29
CA MET I 11 20.56 -12.95 11.15
C MET I 11 20.27 -12.30 12.51
N GLU I 12 20.90 -11.17 12.76
CA GLU I 12 20.63 -10.39 13.95
C GLU I 12 19.39 -9.55 13.72
N ILE I 13 18.35 -9.77 14.52
CA ILE I 13 17.15 -8.94 14.48
C ILE I 13 17.44 -7.66 15.23
N LYS I 14 17.96 -6.65 14.53
CA LYS I 14 18.30 -5.37 15.16
C LYS I 14 17.29 -4.31 14.74
N ASN I 15 16.55 -3.80 15.72
CA ASN I 15 15.49 -2.81 15.54
C ASN I 15 15.54 -1.77 16.66
N GLY I 16 15.24 -0.52 16.26
CA GLY I 16 15.48 0.66 17.06
C GLY I 16 14.65 0.77 18.32
N LEU I 17 13.61 -0.05 18.47
CA LEU I 17 12.86 -0.03 19.72
C LEU I 17 13.49 -0.89 20.81
N CYS I 18 14.55 -1.63 20.50
CA CYS I 18 15.27 -2.45 21.45
C CYS I 18 16.68 -1.93 21.63
N THR I 19 17.10 -1.79 22.90
CA THR I 19 18.34 -1.08 23.21
C THR I 19 19.55 -1.86 22.74
N GLN I 20 19.47 -3.19 22.77
CA GLN I 20 20.60 -4.12 22.59
C GLN I 20 21.64 -3.94 23.69
N LYS I 21 21.19 -3.52 24.88
CA LYS I 21 22.11 -3.23 25.98
C LYS I 21 22.68 -4.52 26.55
N TYR I 22 21.81 -5.46 26.90
CA TYR I 22 22.23 -6.74 27.47
C TYR I 22 22.11 -7.91 26.52
N THR I 23 21.03 -7.96 25.72
CA THR I 23 20.74 -9.13 24.90
C THR I 23 20.58 -8.74 23.44
N LYS I 24 20.88 -9.71 22.57
CA LYS I 24 20.59 -9.62 21.14
C LYS I 24 19.71 -10.81 20.77
N VAL I 25 19.01 -10.68 19.64
CA VAL I 25 17.96 -11.62 19.26
C VAL I 25 18.24 -12.03 17.82
N TYR I 26 18.41 -13.35 17.56
CA TYR I 26 18.79 -13.69 16.21
C TYR I 26 17.78 -14.70 15.69
N ALA I 27 17.68 -14.81 14.37
CA ALA I 27 16.81 -15.78 13.74
C ALA I 27 17.53 -16.35 12.51
N GLU I 28 16.98 -17.43 11.96
CA GLU I 28 17.56 -18.05 10.78
C GLU I 28 17.51 -17.09 9.59
N ASP I 29 18.42 -17.30 8.64
CA ASP I 29 18.44 -16.44 7.46
C ASP I 29 17.12 -16.50 6.69
N LYS I 30 16.77 -15.36 6.07
CA LYS I 30 15.58 -15.36 5.23
C LYS I 30 15.56 -16.47 4.20
N GLU I 31 16.71 -16.84 3.66
CA GLU I 31 16.68 -17.94 2.70
C GLU I 31 16.09 -19.18 3.34
N LYS I 32 16.37 -19.41 4.62
CA LYS I 32 15.87 -20.61 5.25
C LYS I 32 14.49 -20.41 5.90
N TRP I 33 13.79 -19.30 5.63
CA TRP I 33 12.47 -19.12 6.22
C TRP I 33 11.48 -20.05 5.56
N LYS I 34 10.74 -20.75 6.37
CA LYS I 34 9.80 -21.70 5.84
C LYS I 34 8.41 -21.24 6.32
N PHE I 35 7.42 -21.19 5.40
CA PHE I 35 6.10 -20.57 5.62
C PHE I 35 6.17 -19.06 5.90
N ASN I 36 6.97 -18.35 5.10
CA ASN I 36 6.97 -16.88 5.02
C ASN I 36 7.45 -16.16 6.28
N ALA I 37 8.03 -16.86 7.26
CA ALA I 37 8.38 -16.19 8.50
C ALA I 37 9.58 -16.87 9.14
N PRO I 38 10.31 -16.17 10.00
CA PRO I 38 11.32 -16.84 10.83
C PRO I 38 10.67 -17.63 11.94
N HIS I 39 11.24 -18.80 12.23
CA HIS I 39 10.66 -19.73 13.17
C HIS I 39 11.59 -20.18 14.27
N HIS I 40 12.89 -19.93 14.15
CA HIS I 40 13.88 -20.46 15.10
C HIS I 40 14.69 -19.28 15.61
N PHE I 41 14.39 -18.84 16.84
CA PHE I 41 15.00 -17.66 17.42
C PHE I 41 15.98 -18.05 18.50
N ILE I 42 17.03 -17.25 18.63
CA ILE I 42 18.02 -17.37 19.69
C ILE I 42 18.09 -16.02 20.41
N VAL I 43 18.22 -16.03 21.71
CA VAL I 43 18.46 -14.81 22.45
C VAL I 43 19.83 -15.02 23.02
N GLY I 44 20.72 -14.08 22.80
CA GLY I 44 22.07 -14.22 23.23
C GLY I 44 22.64 -13.04 23.93
N LYS I 45 23.69 -13.25 24.68
CA LYS I 45 24.35 -12.16 25.37
C LYS I 45 24.96 -11.24 24.38
N ALA I 46 24.76 -9.96 24.58
CA ALA I 46 25.24 -8.97 23.65
C ALA I 46 26.71 -8.86 23.53
N ASP I 47 27.43 -9.00 24.62
CA ASP I 47 28.86 -8.80 24.60
C ASP I 47 29.46 -10.04 24.10
N CYS I 48 29.35 -10.26 22.81
CA CYS I 48 29.88 -11.42 22.22
C CYS I 48 30.42 -10.97 20.92
N GLU I 49 31.37 -11.71 20.38
CA GLU I 49 31.96 -11.36 19.13
C GLU I 49 30.93 -11.55 18.06
N ASP I 50 30.92 -10.71 17.03
CA ASP I 50 29.88 -10.76 16.01
C ASP I 50 29.93 -12.02 15.21
N GLU I 51 31.02 -12.74 15.27
CA GLU I 51 31.12 -14.00 14.59
C GLU I 51 30.57 -15.08 15.47
N TYR I 52 30.16 -14.71 16.66
CA TYR I 52 29.64 -15.68 17.59
C TYR I 52 28.34 -15.36 18.30
N ILE I 53 27.65 -16.38 18.79
CA ILE I 53 26.47 -16.15 19.58
C ILE I 53 26.66 -16.81 20.93
N GLU I 54 26.34 -16.14 22.02
CA GLU I 54 26.39 -16.74 23.35
C GLU I 54 24.93 -16.99 23.72
N PRO I 55 24.38 -18.17 23.40
CA PRO I 55 22.93 -18.35 23.56
C PRO I 55 22.51 -18.30 25.03
N ILE I 56 21.50 -17.49 25.31
CA ILE I 56 20.80 -17.52 26.59
C ILE I 56 19.56 -18.39 26.51
N GLU I 57 18.87 -18.37 25.36
CA GLU I 57 17.62 -19.09 25.19
C GLU I 57 17.36 -19.40 23.72
N TYR I 58 16.64 -20.50 23.47
CA TYR I 58 16.16 -20.87 22.15
C TYR I 58 14.64 -20.88 22.18
N VAL I 59 14.01 -20.29 21.16
CA VAL I 59 12.55 -20.27 21.07
C VAL I 59 12.16 -20.79 19.68
N ASN I 60 11.35 -21.84 19.65
CA ASN I 60 10.95 -22.50 18.41
C ASN I 60 9.45 -22.32 18.20
N PHE I 61 9.08 -21.61 17.13
CA PHE I 61 7.71 -21.30 16.80
C PHE I 61 7.10 -22.39 15.94
N GLN I 62 5.77 -22.49 15.99
CA GLN I 62 5.02 -23.40 15.14
C GLN I 62 5.36 -23.18 13.68
N GLU I 63 5.86 -24.22 13.00
CA GLU I 63 6.04 -24.21 11.54
C GLU I 63 4.91 -24.97 10.87
N GLY I 64 4.23 -24.29 9.94
CA GLY I 64 3.16 -24.90 9.21
C GLY I 64 1.85 -24.81 9.96
N PRO I 65 0.75 -24.64 9.22
CA PRO I 65 -0.57 -24.67 9.85
C PRO I 65 -0.79 -25.94 10.65
N ILE I 66 -1.35 -25.76 11.85
CA ILE I 66 -1.42 -26.83 12.85
C ILE I 66 -2.23 -28.01 12.35
N LYS I 67 -3.36 -27.74 11.70
CA LYS I 67 -4.25 -28.82 11.28
C LYS I 67 -3.67 -29.65 10.14
N GLU I 68 -2.49 -29.29 9.62
CA GLU I 68 -1.83 -30.06 8.57
C GLU I 68 -0.46 -30.60 8.96
N TYR I 69 0.21 -30.00 9.95
CA TYR I 69 1.52 -30.46 10.36
C TYR I 69 1.58 -30.84 11.84
N GLY I 70 0.46 -30.79 12.56
CA GLY I 70 0.45 -31.04 13.98
C GLY I 70 1.00 -29.86 14.76
N ILE I 71 1.24 -30.10 16.04
CA ILE I 71 1.75 -29.09 16.97
C ILE I 71 3.24 -29.30 17.12
N ASN I 72 4.04 -28.31 16.65
CA ASN I 72 5.50 -28.47 16.69
C ASN I 72 6.22 -27.21 17.17
N GLY I 73 5.52 -26.28 17.79
CA GLY I 73 6.15 -25.05 18.23
C GLY I 73 5.15 -24.17 18.96
N VAL I 74 5.68 -23.10 19.56
CA VAL I 74 4.86 -22.14 20.28
C VAL I 74 4.19 -21.20 19.29
N ASN I 75 3.22 -20.45 19.78
CA ASN I 75 2.57 -19.42 18.98
C ASN I 75 2.82 -18.06 19.63
N ASN I 76 2.55 -17.01 18.86
CA ASN I 76 2.72 -15.65 19.38
C ASN I 76 1.91 -15.43 20.66
N GLU I 77 0.67 -15.91 20.69
CA GLU I 77 -0.21 -15.68 21.84
C GLU I 77 0.41 -16.20 23.13
N ASP I 78 1.13 -17.31 23.06
CA ASP I 78 1.73 -17.88 24.26
C ASP I 78 2.77 -16.95 24.88
N LEU I 79 3.66 -16.41 24.05
CA LEU I 79 4.65 -15.46 24.56
C LEU I 79 4.00 -14.18 25.06
N ILE I 80 3.03 -13.64 24.28
CA ILE I 80 2.26 -12.50 24.76
C ILE I 80 1.77 -12.75 26.18
N LEU I 81 1.20 -13.95 26.40
CA LEU I 81 0.61 -14.29 27.70
C LEU I 81 1.67 -14.34 28.79
N MET I 82 2.83 -14.92 28.51
CA MET I 82 3.89 -14.91 29.53
C MET I 82 4.23 -13.48 29.94
N VAL I 83 4.39 -12.60 28.96
CA VAL I 83 4.78 -11.23 29.27
C VAL I 83 3.69 -10.53 30.07
N ILE I 84 2.42 -10.76 29.71
CA ILE I 84 1.32 -10.13 30.44
C ILE I 84 1.34 -10.59 31.90
N THR I 85 1.51 -11.90 32.11
CA THR I 85 1.55 -12.44 33.47
C THR I 85 2.66 -11.80 34.29
N ARG I 86 3.86 -11.70 33.71
CA ARG I 86 4.97 -11.10 34.44
C ARG I 86 4.68 -9.64 34.78
N LEU I 87 4.16 -8.87 33.81
CA LEU I 87 3.84 -7.48 34.06
C LEU I 87 2.81 -7.33 35.18
N GLN I 88 1.76 -8.16 35.16
CA GLN I 88 0.75 -8.08 36.21
C GLN I 88 1.35 -8.39 37.57
N ALA I 89 2.26 -9.37 37.63
CA ALA I 89 2.97 -9.64 38.88
C ALA I 89 3.75 -8.43 39.33
N PHE I 90 4.45 -7.76 38.41
CA PHE I 90 5.16 -6.53 38.76
C PHE I 90 4.21 -5.49 39.32
N GLN I 91 3.01 -5.38 38.74
CA GLN I 91 2.05 -4.40 39.23
C GLN I 91 1.59 -4.75 40.64
N ASP I 92 1.57 -6.03 41.00
CA ASP I 92 1.28 -6.46 42.36
C ASP I 92 2.54 -6.52 43.22
N SER I 93 3.31 -5.42 43.23
CA SER I 93 4.59 -5.37 43.92
C SER I 93 5.07 -3.93 44.03
N PRO I 94 6.13 -3.63 44.79
CA PRO I 94 6.60 -2.24 44.93
C PRO I 94 6.94 -1.53 43.62
N TYR I 95 7.01 -2.24 42.49
CA TYR I 95 7.47 -1.64 41.24
C TYR I 95 6.34 -1.19 40.31
N LYS I 96 5.10 -1.20 40.81
CA LYS I 96 3.94 -0.68 40.07
C LYS I 96 4.23 0.69 39.46
N CYS I 97 3.66 0.96 38.27
CA CYS I 97 3.82 2.24 37.57
C CYS I 97 2.87 2.30 36.36
N ARG I 98 2.67 3.52 35.82
CA ARG I 98 1.88 3.68 34.60
C ARG I 98 2.41 2.83 33.46
N GLU I 99 3.73 2.85 33.26
CA GLU I 99 4.28 2.26 32.06
C GLU I 99 3.89 0.79 31.94
N ASN I 100 3.96 0.06 33.05
CA ASN I 100 3.56 -1.35 33.04
C ASN I 100 2.08 -1.49 32.72
N ALA I 101 1.23 -0.61 33.27
CA ALA I 101 -0.19 -0.67 33.01
C ALA I 101 -0.50 -0.43 31.54
N MET I 102 0.10 0.63 30.97
CA MET I 102 -0.02 0.88 29.54
C MET I 102 0.43 -0.31 28.72
N ALA I 103 1.55 -0.93 29.11
CA ALA I 103 2.05 -2.08 28.36
C ALA I 103 1.08 -3.25 28.43
N ILE I 104 0.55 -3.53 29.62
CA ILE I 104 -0.44 -4.58 29.78
C ILE I 104 -1.64 -4.33 28.86
N THR I 105 -2.10 -3.07 28.81
CA THR I 105 -3.26 -2.75 27.99
C THR I 105 -2.95 -2.97 26.51
N LYS I 106 -1.79 -2.47 26.06
CA LYS I 106 -1.38 -2.69 24.68
C LYS I 106 -1.34 -4.17 24.34
N LEU I 107 -0.79 -4.98 25.24
CA LEU I 107 -0.64 -6.41 24.97
C LEU I 107 -1.99 -7.11 24.92
N GLN I 108 -2.90 -6.76 25.83
CA GLN I 108 -4.23 -7.35 25.80
C GLN I 108 -4.99 -6.96 24.53
N GLU I 109 -4.80 -5.72 24.07
CA GLU I 109 -5.43 -5.32 22.81
C GLU I 109 -4.82 -6.07 21.62
N CYS I 110 -3.52 -6.36 21.69
CA CYS I 110 -2.89 -7.22 20.68
C CYS I 110 -3.54 -8.59 20.64
N LEU I 111 -3.72 -9.20 21.82
CA LEU I 111 -4.39 -10.50 21.88
C LEU I 111 -5.79 -10.41 21.29
N MET I 112 -6.51 -9.32 21.59
CA MET I 112 -7.86 -9.16 21.07
C MET I 112 -7.88 -9.05 19.53
N TRP I 113 -6.92 -8.34 18.94
CA TRP I 113 -6.93 -8.23 17.48
C TRP I 113 -6.55 -9.54 16.80
N LEU I 114 -5.52 -10.21 17.33
CA LEU I 114 -5.19 -11.54 16.82
C LEU I 114 -6.38 -12.48 16.97
N GLY I 115 -7.10 -12.39 18.10
CA GLY I 115 -8.24 -13.24 18.31
C GLY I 115 -9.41 -12.92 17.40
N LYS I 116 -9.56 -11.64 17.02
CA LYS I 116 -10.54 -11.31 16.00
C LYS I 116 -10.23 -12.03 14.71
N ARG I 117 -8.95 -12.04 14.31
CA ARG I 117 -8.57 -12.82 13.14
C ARG I 117 -8.95 -14.31 13.31
N THR I 118 -8.63 -14.88 14.48
CA THR I 118 -8.89 -16.31 14.69
C THR I 118 -10.40 -16.61 14.67
N LEU I 119 -11.20 -15.77 15.29
CA LEU I 119 -12.65 -15.98 15.29
C LEU I 119 -13.24 -15.84 13.90
N ASP I 120 -12.80 -14.82 13.13
CA ASP I 120 -13.24 -14.72 11.74
C ASP I 120 -12.88 -15.98 10.97
N ARG I 121 -11.69 -16.54 11.21
CA ARG I 121 -11.31 -17.74 10.47
C ARG I 121 -12.12 -18.94 10.91
N GLU I 122 -12.55 -18.97 12.17
CA GLU I 122 -13.35 -20.09 12.64
C GLU I 122 -14.77 -20.03 12.09
N VAL I 123 -15.37 -18.83 12.03
CA VAL I 123 -16.62 -18.64 11.29
C VAL I 123 -16.49 -19.17 9.87
N LYS I 124 -15.39 -18.83 9.18
CA LYS I 124 -15.18 -19.36 7.85
C LYS I 124 -14.67 -20.80 7.86
N GLY I 125 -14.51 -21.39 9.04
CA GLY I 125 -14.09 -22.78 9.11
C GLY I 125 -12.71 -23.07 8.54
N ILE I 126 -11.88 -22.04 8.36
CA ILE I 126 -10.56 -22.22 7.79
C ILE I 126 -9.45 -22.05 8.83
N GLU I 127 -9.80 -21.85 10.10
CA GLU I 127 -8.79 -21.66 11.14
C GLU I 127 -7.85 -22.85 11.19
N GLY I 128 -6.57 -22.58 11.46
CA GLY I 128 -5.56 -23.61 11.56
C GLY I 128 -5.12 -24.22 10.25
N THR I 129 -5.70 -23.83 9.12
CA THR I 129 -5.28 -24.33 7.82
C THR I 129 -4.39 -23.30 7.14
N SER I 130 -4.07 -23.52 5.88
CA SER I 130 -3.29 -22.57 5.10
C SER I 130 -4.15 -21.75 4.16
N GLU I 131 -5.47 -21.78 4.31
CA GLU I 131 -6.34 -20.92 3.53
C GLU I 131 -6.17 -19.46 3.93
N ILE I 132 -6.29 -18.56 2.96
CA ILE I 132 -6.18 -17.12 3.26
C ILE I 132 -7.53 -16.59 3.72
N SER J 2 4.58 -39.43 24.81
CA SER J 2 6.03 -39.39 24.95
C SER J 2 6.59 -37.99 24.72
N GLY J 3 7.67 -37.66 25.44
CA GLY J 3 8.10 -36.29 25.59
C GLY J 3 7.30 -35.64 26.72
N LEU J 4 7.23 -36.33 27.86
CA LEU J 4 6.34 -35.95 28.95
C LEU J 4 7.12 -35.65 30.22
N VAL J 5 6.57 -34.73 31.01
CA VAL J 5 7.08 -34.44 32.37
C VAL J 5 5.91 -34.28 33.30
N PRO J 6 6.09 -34.66 34.57
CA PRO J 6 4.99 -34.51 35.54
C PRO J 6 4.63 -33.04 35.73
N ARG J 7 3.33 -32.78 35.91
CA ARG J 7 2.93 -31.40 36.15
C ARG J 7 3.52 -30.90 37.46
N GLY J 8 3.48 -31.73 38.51
CA GLY J 8 4.09 -31.35 39.76
C GLY J 8 3.49 -30.07 40.31
N SER J 9 4.35 -29.15 40.74
CA SER J 9 3.92 -27.90 41.35
C SER J 9 3.73 -26.78 40.33
N HIS J 10 3.79 -27.07 39.04
CA HIS J 10 3.59 -26.02 38.05
C HIS J 10 2.14 -25.55 38.08
N MET J 11 1.95 -24.25 37.89
CA MET J 11 0.62 -23.71 37.78
C MET J 11 0.37 -23.34 36.33
N GLU J 12 -0.80 -23.73 35.88
CA GLU J 12 -1.36 -23.30 34.60
C GLU J 12 -1.84 -21.86 34.58
N ILE J 13 -1.58 -21.17 33.45
CA ILE J 13 -1.99 -19.76 33.23
C ILE J 13 -3.23 -19.80 32.34
N LYS J 14 -4.39 -19.54 32.92
CA LYS J 14 -5.63 -19.38 32.18
C LYS J 14 -5.93 -17.89 32.15
N ASN J 15 -6.11 -17.36 30.96
CA ASN J 15 -6.56 -15.99 30.78
C ASN J 15 -7.75 -16.06 29.84
N GLY J 16 -8.85 -15.37 30.18
CA GLY J 16 -9.99 -15.33 29.27
C GLY J 16 -9.60 -14.98 27.83
N LEU J 17 -8.50 -14.27 27.66
CA LEU J 17 -8.08 -13.82 26.34
C LEU J 17 -7.34 -14.87 25.54
N CYS J 18 -7.03 -16.03 26.13
CA CYS J 18 -6.31 -17.10 25.45
C CYS J 18 -7.19 -18.34 25.36
N THR J 19 -7.25 -18.93 24.17
CA THR J 19 -8.25 -19.96 23.88
C THR J 19 -7.86 -21.35 24.38
N GLN J 20 -6.59 -21.62 24.66
CA GLN J 20 -6.11 -22.95 25.06
C GLN J 20 -6.55 -24.05 24.08
N LYS J 21 -6.67 -23.71 22.80
CA LYS J 21 -7.13 -24.70 21.83
C LYS J 21 -6.05 -25.75 21.58
N TYR J 22 -4.81 -25.34 21.39
CA TYR J 22 -3.74 -26.26 21.06
C TYR J 22 -2.63 -26.32 22.10
N THR J 23 -2.40 -25.24 22.85
CA THR J 23 -1.29 -25.17 23.77
C THR J 23 -1.74 -24.62 25.12
N LYS J 24 -1.03 -25.01 26.16
CA LYS J 24 -1.21 -24.49 27.50
C LYS J 24 0.11 -23.91 28.00
N VAL J 25 0.00 -22.86 28.82
CA VAL J 25 1.15 -22.16 29.36
C VAL J 25 1.19 -22.40 30.86
N TYR J 26 2.35 -22.82 31.35
CA TYR J 26 2.55 -23.06 32.77
C TYR J 26 3.72 -22.22 33.26
N ALA J 27 3.72 -21.97 34.56
CA ALA J 27 4.82 -21.29 35.19
C ALA J 27 5.04 -21.96 36.50
N GLU J 28 6.01 -21.49 37.25
CA GLU J 28 6.28 -22.01 38.56
C GLU J 28 5.26 -21.58 39.58
N ASP J 29 5.17 -22.33 40.66
CA ASP J 29 4.21 -22.05 41.68
C ASP J 29 4.49 -20.73 42.29
N LYS J 30 3.45 -20.05 42.72
CA LYS J 30 3.61 -18.71 43.25
C LYS J 30 4.45 -18.67 44.48
N GLU J 31 4.41 -19.73 45.26
CA GLU J 31 5.24 -19.81 46.44
C GLU J 31 6.69 -19.83 46.12
N LYS J 32 7.04 -20.30 44.96
CA LYS J 32 8.40 -20.40 44.58
C LYS J 32 8.85 -19.23 43.76
N TRP J 33 8.03 -18.20 43.68
CA TRP J 33 8.40 -17.03 42.96
C TRP J 33 9.46 -16.28 43.57
N LYS J 34 10.36 -15.77 42.76
CA LYS J 34 11.45 -14.98 43.23
C LYS J 34 11.34 -13.66 42.58
N PHE J 35 11.77 -12.63 43.26
CA PHE J 35 11.70 -11.29 42.75
C PHE J 35 10.31 -10.88 42.32
N ASN J 36 9.26 -11.31 43.05
CA ASN J 36 7.87 -10.91 42.86
C ASN J 36 7.21 -11.44 41.58
N ALA J 37 7.89 -12.23 40.77
CA ALA J 37 7.32 -12.57 39.47
C ALA J 37 7.71 -14.00 39.09
N PRO J 38 6.92 -14.64 38.23
CA PRO J 38 7.34 -15.94 37.72
C PRO J 38 8.48 -15.79 36.74
N HIS J 39 9.30 -16.83 36.63
CA HIS J 39 10.49 -16.78 35.81
C HIS J 39 10.67 -17.97 34.88
N HIS J 40 10.01 -19.09 35.13
CA HIS J 40 10.25 -20.33 34.40
C HIS J 40 8.94 -20.81 33.78
N PHE J 41 8.78 -20.60 32.47
CA PHE J 41 7.54 -20.88 31.78
C PHE J 41 7.71 -22.06 30.83
N ILE J 42 6.64 -22.83 30.70
CA ILE J 42 6.59 -23.98 29.80
C ILE J 42 5.38 -23.83 28.90
N VAL J 43 5.56 -24.08 27.61
CA VAL J 43 4.44 -24.22 26.69
C VAL J 43 4.34 -25.69 26.33
N GLY J 44 3.14 -26.27 26.53
CA GLY J 44 2.91 -27.67 26.26
C GLY J 44 1.66 -27.91 25.46
N LYS J 45 1.46 -29.16 25.05
CA LYS J 45 0.28 -29.57 24.31
C LYS J 45 -0.90 -29.82 25.18
N ALA J 46 -2.03 -29.27 24.84
CA ALA J 46 -3.25 -29.38 25.60
C ALA J 46 -3.89 -30.73 25.72
N ASP J 47 -3.86 -31.52 24.66
CA ASP J 47 -4.40 -32.85 24.73
C ASP J 47 -3.31 -33.71 25.28
N CYS J 48 -3.19 -33.72 26.59
CA CYS J 48 -2.16 -34.47 27.23
C CYS J 48 -2.79 -35.15 28.41
N GLU J 49 -2.16 -36.21 28.87
CA GLU J 49 -2.67 -36.94 29.99
C GLU J 49 -2.66 -36.04 31.16
N ASP J 50 -3.57 -36.23 32.07
CA ASP J 50 -3.73 -35.27 33.14
C ASP J 50 -2.60 -35.00 34.09
N GLU J 51 -1.92 -36.02 34.52
CA GLU J 51 -0.82 -35.85 35.40
C GLU J 51 0.32 -35.07 34.80
N TYR J 52 0.59 -35.27 33.52
CA TYR J 52 1.72 -34.64 32.89
C TYR J 52 1.61 -33.33 32.15
N ILE J 53 2.72 -32.77 31.68
CA ILE J 53 2.72 -31.59 30.84
C ILE J 53 3.55 -32.11 29.67
N GLU J 54 3.21 -31.75 28.44
CA GLU J 54 3.97 -32.22 27.28
C GLU J 54 4.76 -31.05 26.71
N PRO J 55 5.99 -30.81 27.18
CA PRO J 55 6.66 -29.54 26.86
C PRO J 55 6.97 -29.38 25.38
N ILE J 56 6.56 -28.23 24.86
CA ILE J 56 6.89 -27.80 23.51
C ILE J 56 8.00 -26.77 23.52
N GLU J 57 8.03 -25.91 24.55
CA GLU J 57 9.14 -24.97 24.67
C GLU J 57 9.30 -24.55 26.12
N TYR J 58 10.55 -24.33 26.49
CA TYR J 58 10.93 -23.75 27.79
C TYR J 58 11.41 -22.33 27.56
N VAL J 59 10.95 -21.42 28.42
CA VAL J 59 11.38 -20.02 28.36
C VAL J 59 11.70 -19.57 29.78
N ASN J 60 12.93 -19.08 29.99
CA ASN J 60 13.36 -18.63 31.30
C ASN J 60 13.69 -17.14 31.27
N PHE J 61 13.06 -16.39 32.17
CA PHE J 61 13.30 -14.96 32.24
C PHE J 61 14.40 -14.64 33.24
N GLN J 62 15.00 -13.47 33.05
CA GLN J 62 16.04 -12.94 33.93
C GLN J 62 15.59 -12.91 35.38
N GLU J 63 16.25 -13.72 36.22
CA GLU J 63 16.00 -13.72 37.66
C GLU J 63 16.92 -12.72 38.34
N GLY J 64 16.31 -11.80 39.10
CA GLY J 64 17.07 -10.83 39.85
C GLY J 64 17.62 -9.73 38.98
N PRO J 65 18.08 -8.65 39.61
CA PRO J 65 18.66 -7.55 38.85
C PRO J 65 19.97 -7.95 38.21
N ILE J 66 20.21 -7.36 37.03
CA ILE J 66 21.21 -7.85 36.09
C ILE J 66 22.65 -7.66 36.56
N LYS J 67 22.86 -6.84 37.60
CA LYS J 67 24.16 -6.24 37.86
C LYS J 67 24.94 -6.95 38.95
N GLU J 68 24.39 -7.99 39.51
CA GLU J 68 25.03 -8.82 40.51
C GLU J 68 24.94 -10.29 40.17
N TYR J 69 23.78 -10.76 39.70
CA TYR J 69 23.61 -12.11 39.20
C TYR J 69 24.04 -12.26 37.74
N GLY J 70 24.35 -11.16 37.06
CA GLY J 70 24.73 -11.25 35.66
C GLY J 70 23.53 -11.30 34.72
N ILE J 71 23.71 -12.00 33.61
CA ILE J 71 22.66 -12.23 32.62
C ILE J 71 22.32 -13.70 32.64
N ASN J 72 21.09 -14.04 33.05
CA ASN J 72 20.70 -15.43 33.25
C ASN J 72 19.35 -15.76 32.64
N GLY J 73 18.87 -14.97 31.68
CA GLY J 73 17.58 -15.22 31.07
C GLY J 73 17.18 -14.09 30.17
N VAL J 74 16.02 -14.26 29.52
CA VAL J 74 15.51 -13.30 28.56
C VAL J 74 14.66 -12.26 29.26
N ASN J 75 14.45 -11.13 28.58
CA ASN J 75 13.53 -10.08 29.01
C ASN J 75 12.27 -10.10 28.14
N ASN J 76 11.20 -9.52 28.69
CA ASN J 76 9.94 -9.36 27.96
C ASN J 76 10.17 -8.78 26.56
N GLU J 77 11.05 -7.77 26.46
CA GLU J 77 11.29 -7.08 25.19
C GLU J 77 11.74 -8.05 24.11
N ASP J 78 12.52 -9.07 24.47
CA ASP J 78 13.01 -10.03 23.49
C ASP J 78 11.86 -10.83 22.86
N LEU J 79 10.98 -11.37 23.69
CA LEU J 79 9.83 -12.10 23.18
C LEU J 79 8.96 -11.20 22.31
N ILE J 80 8.72 -9.97 22.75
CA ILE J 80 7.86 -9.08 21.98
C ILE J 80 8.48 -8.78 20.62
N LEU J 81 9.80 -8.55 20.59
CA LEU J 81 10.48 -8.32 19.34
C LEU J 81 10.32 -9.50 18.39
N MET J 82 10.43 -10.71 18.94
CA MET J 82 10.23 -11.92 18.14
C MET J 82 8.87 -11.91 17.47
N VAL J 83 7.82 -11.61 18.26
CA VAL J 83 6.47 -11.67 17.71
C VAL J 83 6.28 -10.58 16.65
N ILE J 84 6.88 -9.40 16.87
CA ILE J 84 6.79 -8.35 15.87
C ILE J 84 7.46 -8.78 14.57
N THR J 85 8.63 -9.40 14.66
CA THR J 85 9.31 -9.87 13.45
C THR J 85 8.44 -10.87 12.70
N ARG J 86 7.88 -11.84 13.42
CA ARG J 86 7.05 -12.85 12.76
C ARG J 86 5.81 -12.23 12.13
N LEU J 87 5.15 -11.29 12.82
CA LEU J 87 3.97 -10.65 12.28
C LEU J 87 4.29 -9.84 11.04
N GLN J 88 5.37 -9.05 11.10
CA GLN J 88 5.78 -8.27 9.93
C GLN J 88 6.14 -9.17 8.76
N ALA J 89 6.68 -10.37 9.03
CA ALA J 89 6.91 -11.33 7.96
C ALA J 89 5.58 -11.77 7.33
N PHE J 90 4.58 -12.09 8.17
CA PHE J 90 3.27 -12.44 7.64
C PHE J 90 2.70 -11.35 6.74
N GLN J 91 2.87 -10.09 7.15
CA GLN J 91 2.33 -9.00 6.34
C GLN J 91 2.99 -8.95 4.97
N ASP J 92 4.22 -9.41 4.87
CA ASP J 92 4.91 -9.51 3.59
C ASP J 92 4.67 -10.88 2.93
N SER J 93 3.39 -11.29 2.85
CA SER J 93 3.02 -12.62 2.34
C SER J 93 1.57 -12.59 1.88
N PRO J 94 1.00 -13.70 1.39
CA PRO J 94 -0.42 -13.70 1.05
C PRO J 94 -1.34 -13.60 2.25
N TYR J 95 -0.83 -13.70 3.48
CA TYR J 95 -1.68 -13.67 4.66
C TYR J 95 -1.80 -12.28 5.27
N LYS J 96 -1.25 -11.26 4.60
CA LYS J 96 -1.40 -9.87 5.00
C LYS J 96 -2.85 -9.57 5.36
N CYS J 97 -3.05 -8.86 6.47
CA CYS J 97 -4.41 -8.53 6.89
C CYS J 97 -4.39 -7.41 7.91
N ARG J 98 -5.55 -6.78 8.10
CA ARG J 98 -5.64 -5.61 8.97
C ARG J 98 -5.40 -5.99 10.43
N GLU J 99 -5.87 -7.14 10.85
CA GLU J 99 -5.70 -7.57 12.24
C GLU J 99 -4.21 -7.64 12.61
N ASN J 100 -3.40 -8.23 11.73
CA ASN J 100 -1.96 -8.31 11.98
C ASN J 100 -1.34 -6.93 12.12
N ALA J 101 -1.77 -5.98 11.27
CA ALA J 101 -1.25 -4.62 11.36
C ALA J 101 -1.56 -4.00 12.72
N MET J 102 -2.82 -4.13 13.14
CA MET J 102 -3.23 -3.63 14.45
C MET J 102 -2.37 -4.24 15.56
N ALA J 103 -2.17 -5.57 15.49
CA ALA J 103 -1.34 -6.24 16.50
C ALA J 103 0.07 -5.69 16.51
N ILE J 104 0.67 -5.52 15.32
CA ILE J 104 2.02 -4.96 15.24
C ILE J 104 2.08 -3.59 15.92
N THR J 105 1.08 -2.76 15.67
CA THR J 105 1.08 -1.43 16.27
C THR J 105 0.95 -1.50 17.78
N LYS J 106 0.10 -2.39 18.30
CA LYS J 106 -0.01 -2.49 19.74
C LYS J 106 1.30 -2.99 20.35
N LEU J 107 1.96 -3.95 19.69
CA LEU J 107 3.22 -4.47 20.22
C LEU J 107 4.31 -3.40 20.23
N GLN J 108 4.38 -2.61 19.16
CA GLN J 108 5.36 -1.54 19.12
C GLN J 108 5.09 -0.48 20.19
N GLU J 109 3.81 -0.18 20.45
CA GLU J 109 3.51 0.78 21.52
C GLU J 109 3.80 0.20 22.91
N CYS J 110 3.60 -1.10 23.10
CA CYS J 110 4.04 -1.76 24.32
C CYS J 110 5.54 -1.57 24.53
N LEU J 111 6.32 -1.86 23.48
CA LEU J 111 7.77 -1.66 23.54
C LEU J 111 8.11 -0.22 23.89
N MET J 112 7.40 0.74 23.29
CA MET J 112 7.63 2.15 23.58
C MET J 112 7.39 2.47 25.05
N TRP J 113 6.33 1.92 25.64
CA TRP J 113 6.02 2.27 27.03
C TRP J 113 7.02 1.65 28.00
N LEU J 114 7.35 0.37 27.79
CA LEU J 114 8.43 -0.23 28.56
C LEU J 114 9.72 0.57 28.40
N GLY J 115 9.95 1.10 27.20
CA GLY J 115 11.14 1.91 26.98
C GLY J 115 11.09 3.25 27.68
N LYS J 116 9.91 3.85 27.80
CA LYS J 116 9.76 5.07 28.59
C LYS J 116 10.18 4.82 30.03
N ARG J 117 9.66 3.76 30.63
CA ARG J 117 10.14 3.33 31.96
C ARG J 117 11.66 3.19 32.01
N THR J 118 12.26 2.53 31.02
CA THR J 118 13.72 2.34 31.05
C THR J 118 14.46 3.67 30.99
N LEU J 119 14.09 4.54 30.03
CA LEU J 119 14.70 5.85 29.91
C LEU J 119 14.57 6.66 31.19
N ASP J 120 13.39 6.61 31.81
CA ASP J 120 13.17 7.35 33.04
C ASP J 120 14.06 6.83 34.17
N ARG J 121 14.19 5.51 34.30
CA ARG J 121 15.05 4.95 35.34
C ARG J 121 16.53 5.14 35.02
N GLU J 122 16.88 5.44 33.77
CA GLU J 122 18.27 5.75 33.44
C GLU J 122 18.63 7.20 33.69
N VAL J 123 17.67 8.12 33.57
CA VAL J 123 17.90 9.47 34.08
C VAL J 123 18.28 9.43 35.55
N LYS J 124 17.59 8.61 36.33
CA LYS J 124 17.87 8.44 37.75
C LYS J 124 18.97 7.41 38.02
N GLY J 125 19.62 6.89 36.99
CA GLY J 125 20.74 5.97 37.16
C GLY J 125 20.44 4.72 37.95
N ILE J 126 19.16 4.34 38.06
CA ILE J 126 18.77 3.19 38.86
C ILE J 126 18.28 2.03 37.98
N GLU J 127 18.63 2.04 36.70
CA GLU J 127 18.12 1.04 35.78
C GLU J 127 18.73 -0.32 36.07
N GLY J 128 17.90 -1.36 36.05
CA GLY J 128 18.34 -2.72 36.27
C GLY J 128 18.84 -3.00 37.67
N THR J 129 18.59 -2.08 38.60
CA THR J 129 18.87 -2.30 40.00
C THR J 129 17.64 -2.92 40.66
N SER J 130 17.64 -2.98 41.99
CA SER J 130 16.49 -3.46 42.74
C SER J 130 15.82 -2.33 43.53
N GLU J 131 16.08 -1.08 43.13
CA GLU J 131 15.52 0.09 43.80
C GLU J 131 14.21 0.51 43.15
N ILE J 132 13.45 1.32 43.87
CA ILE J 132 12.16 1.81 43.40
C ILE J 132 12.32 3.19 42.77
N GLY K 3 -44.86 -15.71 17.73
CA GLY K 3 -44.50 -14.37 17.32
C GLY K 3 -43.28 -14.42 16.45
N LEU K 4 -43.45 -14.67 15.17
CA LEU K 4 -42.34 -14.83 14.29
C LEU K 4 -42.66 -14.15 13.00
N VAL K 5 -41.64 -13.78 12.24
CA VAL K 5 -41.85 -13.22 10.93
C VAL K 5 -40.89 -13.99 10.06
N PRO K 6 -41.12 -14.02 8.77
CA PRO K 6 -40.20 -14.70 7.86
C PRO K 6 -38.92 -13.97 7.55
N ARG K 7 -37.80 -14.68 7.56
CA ARG K 7 -36.55 -14.01 7.32
C ARG K 7 -36.54 -13.40 5.98
N GLY K 8 -36.95 -14.16 4.99
CA GLY K 8 -37.05 -13.59 3.66
C GLY K 8 -35.80 -12.99 3.10
N SER K 9 -35.91 -11.76 2.63
CA SER K 9 -34.77 -11.06 2.04
C SER K 9 -33.76 -10.62 3.07
N HIS K 10 -34.13 -10.65 4.33
CA HIS K 10 -33.26 -10.16 5.35
C HIS K 10 -32.00 -10.89 5.48
N MET K 11 -30.95 -10.19 5.85
CA MET K 11 -29.64 -10.74 5.98
C MET K 11 -29.12 -10.75 7.38
N GLU K 12 -28.57 -11.85 7.79
CA GLU K 12 -28.06 -11.95 9.11
C GLU K 12 -26.77 -11.22 9.17
N ILE K 13 -26.48 -10.63 10.30
CA ILE K 13 -25.23 -9.91 10.48
C ILE K 13 -24.39 -10.75 11.44
N LYS K 14 -23.74 -11.80 10.98
CA LYS K 14 -22.95 -12.61 11.90
C LYS K 14 -21.46 -12.34 11.68
N ASN K 15 -20.78 -12.04 12.77
CA ASN K 15 -19.47 -11.40 12.81
C ASN K 15 -18.61 -12.18 13.80
N GLY K 16 -17.31 -12.25 13.52
CA GLY K 16 -16.40 -12.88 14.47
C GLY K 16 -16.41 -12.21 15.83
N LEU K 17 -16.87 -10.96 15.88
CA LEU K 17 -16.86 -10.19 17.12
C LEU K 17 -18.14 -10.30 17.92
N CYS K 18 -19.17 -10.99 17.41
CA CYS K 18 -20.43 -11.17 18.10
C CYS K 18 -20.61 -12.64 18.46
N THR K 19 -21.06 -12.91 19.69
CA THR K 19 -21.14 -14.29 20.16
C THR K 19 -22.28 -15.01 19.48
N GLN K 20 -23.39 -14.29 19.25
CA GLN K 20 -24.68 -14.83 18.81
C GLN K 20 -25.24 -15.82 19.82
N LYS K 21 -24.90 -15.62 21.09
CA LYS K 21 -25.32 -16.52 22.16
C LYS K 21 -26.81 -16.35 22.47
N TYR K 22 -27.30 -15.11 22.49
CA TYR K 22 -28.71 -14.85 22.79
C TYR K 22 -29.45 -14.12 21.69
N THR K 23 -28.80 -13.23 20.95
CA THR K 23 -29.46 -12.40 19.96
C THR K 23 -28.80 -12.55 18.61
N LYS K 24 -29.57 -12.24 17.57
CA LYS K 24 -29.09 -12.11 16.20
C LYS K 24 -29.54 -10.76 15.64
N VAL K 25 -28.72 -10.19 14.76
CA VAL K 25 -29.01 -8.92 14.12
C VAL K 25 -29.25 -9.15 12.64
N TYR K 26 -30.27 -8.47 12.09
CA TYR K 26 -30.64 -8.60 10.69
C TYR K 26 -30.78 -7.21 10.09
N ALA K 27 -30.69 -7.15 8.78
CA ALA K 27 -30.91 -5.91 8.08
C ALA K 27 -31.47 -6.31 6.76
N GLU K 28 -31.78 -5.33 5.96
CA GLU K 28 -32.29 -5.59 4.65
C GLU K 28 -31.25 -6.08 3.69
N ASP K 29 -31.66 -6.71 2.62
CA ASP K 29 -30.76 -7.21 1.61
C ASP K 29 -29.99 -6.13 0.97
N LYS K 30 -28.77 -6.42 0.58
CA LYS K 30 -27.90 -5.44 0.00
C LYS K 30 -28.44 -4.82 -1.25
N GLU K 31 -29.17 -5.58 -2.03
CA GLU K 31 -29.78 -5.04 -3.20
C GLU K 31 -30.79 -3.99 -2.88
N LYS K 32 -31.38 -4.05 -1.71
CA LYS K 32 -32.37 -3.08 -1.31
C LYS K 32 -31.78 -1.87 -0.63
N TRP K 33 -30.48 -1.85 -0.47
CA TRP K 33 -29.86 -0.78 0.23
C TRP K 33 -29.97 0.48 -0.50
N LYS K 34 -30.17 1.53 0.26
CA LYS K 34 -30.29 2.82 -0.32
C LYS K 34 -29.29 3.66 0.33
N PHE K 35 -28.77 4.61 -0.41
CA PHE K 35 -27.73 5.48 0.08
C PHE K 35 -26.56 4.67 0.55
N ASN K 36 -26.23 3.64 -0.19
CA ASN K 36 -25.05 2.82 0.09
C ASN K 36 -24.88 2.12 1.39
N ALA K 37 -25.93 1.93 2.15
CA ALA K 37 -25.82 1.34 3.48
C ALA K 37 -27.15 0.71 3.88
N PRO K 38 -27.13 -0.24 4.80
CA PRO K 38 -28.40 -0.73 5.38
C PRO K 38 -28.98 0.29 6.35
N HIS K 39 -30.31 0.33 6.39
CA HIS K 39 -31.02 1.29 7.22
C HIS K 39 -32.11 0.68 8.10
N HIS K 40 -32.48 -0.58 7.89
CA HIS K 40 -33.60 -1.22 8.57
C HIS K 40 -33.11 -2.52 9.19
N PHE K 41 -32.86 -2.45 10.50
CA PHE K 41 -32.23 -3.49 11.30
C PHE K 41 -33.26 -4.05 12.28
N ILE K 42 -33.07 -5.33 12.60
CA ILE K 42 -33.97 -6.06 13.48
C ILE K 42 -33.11 -6.89 14.43
N VAL K 43 -33.38 -6.79 15.71
CA VAL K 43 -32.74 -7.63 16.70
C VAL K 43 -33.74 -8.71 17.08
N GLY K 44 -33.36 -9.98 16.86
CA GLY K 44 -34.24 -11.10 17.16
C GLY K 44 -33.54 -12.11 18.04
N LYS K 45 -34.26 -13.11 18.48
CA LYS K 45 -33.67 -14.14 19.35
C LYS K 45 -32.90 -15.17 18.59
N ALA K 46 -31.80 -15.61 19.17
CA ALA K 46 -30.97 -16.59 18.51
C ALA K 46 -31.60 -17.95 18.24
N ASP K 47 -32.42 -18.45 19.15
CA ASP K 47 -33.04 -19.75 18.96
C ASP K 47 -34.23 -19.64 18.08
N CYS K 48 -34.00 -19.54 16.78
CA CYS K 48 -35.07 -19.49 15.81
C CYS K 48 -34.48 -20.26 14.66
N GLU K 49 -35.29 -20.91 13.84
CA GLU K 49 -34.70 -21.56 12.69
C GLU K 49 -34.42 -20.49 11.69
N ASP K 50 -33.60 -20.79 10.72
CA ASP K 50 -33.22 -19.79 9.76
C ASP K 50 -34.44 -19.24 9.05
N GLU K 51 -35.47 -20.03 8.91
CA GLU K 51 -36.63 -19.60 8.16
C GLU K 51 -37.35 -18.40 8.70
N TYR K 52 -37.36 -18.25 10.01
CA TYR K 52 -38.10 -17.17 10.61
C TYR K 52 -37.25 -16.31 11.52
N ILE K 53 -37.73 -15.12 11.85
CA ILE K 53 -37.03 -14.25 12.75
C ILE K 53 -37.96 -14.00 13.94
N GLU K 54 -37.44 -13.95 15.15
CA GLU K 54 -38.22 -13.62 16.34
C GLU K 54 -37.91 -12.18 16.76
N PRO K 55 -38.56 -11.15 16.15
CA PRO K 55 -38.15 -9.77 16.45
C PRO K 55 -38.25 -9.41 17.92
N ILE K 56 -37.12 -8.98 18.49
CA ILE K 56 -37.10 -8.25 19.76
C ILE K 56 -37.31 -6.76 19.52
N GLU K 57 -36.64 -6.20 18.51
CA GLU K 57 -36.63 -4.76 18.35
C GLU K 57 -36.39 -4.39 16.89
N TYR K 58 -36.95 -3.25 16.49
CA TYR K 58 -36.74 -2.64 15.20
C TYR K 58 -35.90 -1.38 15.37
N VAL K 59 -34.93 -1.17 14.48
CA VAL K 59 -34.13 0.05 14.47
C VAL K 59 -34.08 0.58 13.05
N ASN K 60 -34.45 1.85 12.92
CA ASN K 60 -34.63 2.58 11.67
C ASN K 60 -33.71 3.80 11.62
N PHE K 61 -32.79 3.76 10.66
CA PHE K 61 -31.74 4.77 10.55
C PHE K 61 -32.15 5.85 9.56
N GLN K 62 -31.62 7.05 9.77
CA GLN K 62 -31.82 8.16 8.85
C GLN K 62 -31.45 7.74 7.44
N GLU K 63 -32.44 7.81 6.53
CA GLU K 63 -32.24 7.50 5.12
C GLU K 63 -32.15 8.78 4.32
N GLY K 64 -31.01 8.97 3.65
CA GLY K 64 -30.81 10.15 2.83
C GLY K 64 -30.43 11.34 3.67
N PRO K 65 -29.62 12.24 3.10
CA PRO K 65 -29.23 13.46 3.82
C PRO K 65 -30.46 14.19 4.35
N ILE K 66 -30.34 14.65 5.60
CA ILE K 66 -31.48 15.18 6.34
C ILE K 66 -32.09 16.39 5.65
N LYS K 67 -31.24 17.23 5.04
CA LYS K 67 -31.68 18.52 4.53
C LYS K 67 -32.63 18.42 3.35
N GLU K 68 -32.87 17.23 2.80
CA GLU K 68 -33.81 17.10 1.68
C GLU K 68 -34.74 15.89 1.75
N TYR K 69 -34.38 14.81 2.43
CA TYR K 69 -35.34 13.74 2.70
C TYR K 69 -35.96 13.86 4.09
N GLY K 70 -35.53 14.84 4.88
CA GLY K 70 -36.09 15.08 6.18
C GLY K 70 -35.48 14.18 7.25
N ILE K 71 -36.09 14.27 8.42
CA ILE K 71 -35.70 13.47 9.57
C ILE K 71 -36.61 12.24 9.59
N ASN K 72 -36.01 11.05 9.45
CA ASN K 72 -36.81 9.84 9.32
C ASN K 72 -36.18 8.62 9.99
N GLY K 73 -35.19 8.79 10.83
CA GLY K 73 -34.57 7.68 11.52
C GLY K 73 -33.52 8.19 12.48
N VAL K 74 -32.92 7.24 13.21
CA VAL K 74 -31.84 7.57 14.14
C VAL K 74 -30.51 7.73 13.40
N ASN K 75 -29.51 8.19 14.15
CA ASN K 75 -28.14 8.34 13.67
C ASN K 75 -27.22 7.51 14.56
N ASN K 76 -26.13 7.02 13.96
CA ASN K 76 -25.14 6.24 14.71
C ASN K 76 -24.85 6.84 16.07
N GLU K 77 -24.64 8.16 16.12
CA GLU K 77 -24.26 8.84 17.35
C GLU K 77 -25.28 8.62 18.46
N ASP K 78 -26.57 8.54 18.11
CA ASP K 78 -27.61 8.33 19.13
C ASP K 78 -27.43 7.00 19.83
N LEU K 79 -27.28 5.91 19.06
CA LEU K 79 -27.10 4.60 19.68
C LEU K 79 -25.81 4.55 20.50
N ILE K 80 -24.74 5.16 19.99
CA ILE K 80 -23.51 5.16 20.77
C ILE K 80 -23.71 5.90 22.09
N LEU K 81 -24.47 6.99 22.07
CA LEU K 81 -24.78 7.72 23.30
C LEU K 81 -25.57 6.85 24.28
N MET K 82 -26.54 6.07 23.78
CA MET K 82 -27.27 5.15 24.65
C MET K 82 -26.32 4.19 25.35
N VAL K 83 -25.42 3.58 24.57
CA VAL K 83 -24.51 2.60 25.15
C VAL K 83 -23.58 3.26 26.17
N ILE K 84 -23.08 4.46 25.85
CA ILE K 84 -22.21 5.18 26.79
C ILE K 84 -22.94 5.42 28.10
N THR K 85 -24.21 5.82 28.02
CA THR K 85 -24.96 6.11 29.24
C THR K 85 -25.15 4.85 30.08
N ARG K 86 -25.51 3.74 29.43
CA ARG K 86 -25.71 2.51 30.20
C ARG K 86 -24.40 2.03 30.82
N LEU K 87 -23.28 2.16 30.08
CA LEU K 87 -21.99 1.74 30.61
C LEU K 87 -21.58 2.61 31.80
N GLN K 88 -21.82 3.92 31.72
CA GLN K 88 -21.52 4.78 32.85
C GLN K 88 -22.40 4.47 34.05
N ALA K 89 -23.65 4.06 33.81
CA ALA K 89 -24.50 3.62 34.91
C ALA K 89 -23.94 2.35 35.54
N PHE K 90 -23.49 1.39 34.72
CA PHE K 90 -22.86 0.18 35.26
C PHE K 90 -21.63 0.51 36.10
N GLN K 91 -20.86 1.53 35.69
CA GLN K 91 -19.67 1.88 36.44
C GLN K 91 -20.01 2.45 37.81
N ASP K 92 -21.19 3.05 37.95
CA ASP K 92 -21.70 3.53 39.24
C ASP K 92 -22.60 2.48 39.89
N SER K 93 -22.03 1.31 40.18
CA SER K 93 -22.79 0.19 40.73
C SER K 93 -21.77 -0.84 41.22
N PRO K 94 -22.19 -1.95 41.87
CA PRO K 94 -21.21 -2.97 42.25
C PRO K 94 -20.52 -3.64 41.06
N TYR K 95 -21.04 -3.48 39.84
CA TYR K 95 -20.49 -4.13 38.67
C TYR K 95 -19.42 -3.28 37.98
N LYS K 96 -18.96 -2.23 38.63
CA LYS K 96 -17.82 -1.45 38.13
C LYS K 96 -16.68 -2.36 37.76
N CYS K 97 -16.08 -2.11 36.59
CA CYS K 97 -14.92 -2.91 36.18
C CYS K 97 -14.12 -2.14 35.13
N ARG K 98 -12.87 -2.59 34.96
CA ARG K 98 -11.93 -1.92 34.06
C ARG K 98 -12.35 -2.04 32.61
N GLU K 99 -12.93 -3.20 32.24
CA GLU K 99 -13.35 -3.42 30.86
C GLU K 99 -14.41 -2.40 30.43
N ASN K 100 -15.39 -2.14 31.30
CA ASN K 100 -16.40 -1.15 30.97
C ASN K 100 -15.78 0.22 30.78
N ALA K 101 -14.77 0.55 31.59
CA ALA K 101 -14.10 1.83 31.46
C ALA K 101 -13.44 1.95 30.09
N MET K 102 -12.68 0.91 29.70
CA MET K 102 -12.06 0.92 28.38
C MET K 102 -13.10 1.07 27.27
N ALA K 103 -14.24 0.37 27.40
CA ALA K 103 -15.29 0.49 26.39
C ALA K 103 -15.82 1.92 26.31
N ILE K 104 -16.06 2.55 27.46
CA ILE K 104 -16.53 3.94 27.47
C ILE K 104 -15.54 4.83 26.74
N THR K 105 -14.24 4.65 27.00
CA THR K 105 -13.25 5.46 26.33
C THR K 105 -13.27 5.25 24.81
N LYS K 106 -13.32 3.98 24.38
CA LYS K 106 -13.37 3.69 22.95
C LYS K 106 -14.58 4.37 22.29
N LEU K 107 -15.75 4.26 22.93
CA LEU K 107 -16.96 4.85 22.35
C LEU K 107 -16.89 6.38 22.32
N GLN K 108 -16.34 6.99 23.37
CA GLN K 108 -16.20 8.45 23.36
C GLN K 108 -15.25 8.90 22.24
N GLU K 109 -14.17 8.16 22.02
CA GLU K 109 -13.26 8.50 20.94
C GLU K 109 -13.91 8.30 19.57
N CYS K 110 -14.75 7.28 19.45
CA CYS K 110 -15.54 7.10 18.23
C CYS K 110 -16.43 8.31 17.98
N LEU K 111 -17.14 8.74 19.02
CA LEU K 111 -17.94 9.96 18.90
C LEU K 111 -17.08 11.14 18.46
N MET K 112 -15.87 11.27 19.03
CA MET K 112 -14.98 12.38 18.65
C MET K 112 -14.61 12.32 17.16
N TRP K 113 -14.29 11.13 16.64
CA TRP K 113 -13.89 11.04 15.23
C TRP K 113 -15.06 11.37 14.30
N LEU K 114 -16.23 10.80 14.59
CA LEU K 114 -17.41 11.15 13.81
C LEU K 114 -17.71 12.64 13.91
N GLY K 115 -17.46 13.24 15.08
CA GLY K 115 -17.65 14.67 15.23
C GLY K 115 -16.63 15.48 14.46
N LYS K 116 -15.41 14.97 14.33
CA LYS K 116 -14.44 15.65 13.47
C LYS K 116 -14.93 15.67 12.04
N ARG K 117 -15.44 14.54 11.55
CA ARG K 117 -15.99 14.55 10.19
C ARG K 117 -17.11 15.59 10.07
N THR K 118 -18.01 15.63 11.06
CA THR K 118 -19.09 16.63 11.05
C THR K 118 -18.56 18.06 11.04
N LEU K 119 -17.61 18.39 11.94
CA LEU K 119 -17.09 19.74 11.99
C LEU K 119 -16.42 20.14 10.68
N ASP K 120 -15.64 19.21 10.08
CA ASP K 120 -15.03 19.49 8.80
C ASP K 120 -16.08 19.77 7.73
N ARG K 121 -17.12 18.94 7.67
CA ARG K 121 -18.17 19.18 6.67
C ARG K 121 -18.92 20.48 6.95
N GLU K 122 -18.94 20.93 8.19
CA GLU K 122 -19.62 22.19 8.51
C GLU K 122 -18.77 23.40 8.14
N VAL K 123 -17.46 23.30 8.31
CA VAL K 123 -16.54 24.31 7.79
C VAL K 123 -16.69 24.42 6.27
N LYS K 124 -16.88 23.28 5.59
CA LYS K 124 -17.11 23.24 4.15
C LYS K 124 -18.53 23.59 3.74
N GLY K 125 -19.44 23.80 4.71
CA GLY K 125 -20.81 24.13 4.40
C GLY K 125 -21.64 23.02 3.80
N ILE K 126 -21.20 21.76 3.89
CA ILE K 126 -21.86 20.66 3.22
C ILE K 126 -22.48 19.67 4.21
N GLU K 127 -22.65 20.06 5.47
CA GLU K 127 -23.20 19.15 6.46
C GLU K 127 -24.67 18.87 6.18
N GLY K 128 -25.07 17.62 6.38
CA GLY K 128 -26.44 17.22 6.13
C GLY K 128 -26.86 17.16 4.68
N THR K 129 -25.98 17.58 3.76
CA THR K 129 -26.16 17.42 2.33
C THR K 129 -25.37 16.23 1.82
N SER K 130 -25.46 15.99 0.52
CA SER K 130 -24.92 14.79 -0.10
C SER K 130 -23.69 15.07 -0.97
N GLU K 131 -23.11 16.27 -0.89
CA GLU K 131 -21.77 16.45 -1.46
C GLU K 131 -20.81 15.48 -0.80
N ILE K 132 -19.71 15.20 -1.48
CA ILE K 132 -18.61 14.48 -0.86
C ILE K 132 -17.64 15.52 -0.31
N SER L 1 -49.63 19.05 16.34
CA SER L 1 -49.14 18.30 15.19
C SER L 1 -49.25 16.78 15.40
N SER L 2 -48.49 15.99 14.65
CA SER L 2 -48.68 14.55 14.59
C SER L 2 -47.43 13.81 15.11
N GLY L 3 -47.66 12.71 15.81
CA GLY L 3 -46.61 11.87 16.35
C GLY L 3 -45.91 12.41 17.58
N LEU L 4 -46.67 12.87 18.57
CA LEU L 4 -46.12 13.50 19.76
C LEU L 4 -46.51 12.74 21.02
N VAL L 5 -45.62 12.77 22.01
CA VAL L 5 -45.93 12.23 23.33
C VAL L 5 -45.43 13.23 24.38
N PRO L 6 -46.03 13.19 25.58
CA PRO L 6 -45.50 14.04 26.66
C PRO L 6 -44.16 13.54 27.17
N ARG L 7 -43.25 14.48 27.46
CA ARG L 7 -41.94 14.10 27.99
C ARG L 7 -42.05 13.67 29.44
N GLY L 8 -43.06 14.15 30.15
CA GLY L 8 -43.33 13.68 31.50
C GLY L 8 -42.09 13.66 32.36
N SER L 9 -41.80 12.49 32.94
CA SER L 9 -40.62 12.32 33.78
C SER L 9 -39.42 11.77 33.01
N HIS L 10 -39.47 11.77 31.68
CA HIS L 10 -38.30 11.36 30.90
C HIS L 10 -37.16 12.34 31.12
N MET L 11 -35.95 11.82 31.21
CA MET L 11 -34.74 12.64 31.33
C MET L 11 -34.07 12.78 29.97
N GLU L 12 -33.53 13.96 29.71
CA GLU L 12 -32.86 14.24 28.45
C GLU L 12 -31.38 13.93 28.59
N ILE L 13 -30.85 13.12 27.67
CA ILE L 13 -29.44 12.71 27.73
C ILE L 13 -28.65 13.84 27.07
N LYS L 14 -28.08 14.73 27.87
CA LYS L 14 -27.30 15.85 27.35
C LYS L 14 -25.82 15.59 27.61
N ASN L 15 -25.05 15.44 26.52
CA ASN L 15 -23.63 15.11 26.57
C ASN L 15 -22.87 16.06 25.66
N GLY L 16 -21.70 16.51 26.13
CA GLY L 16 -20.93 17.49 25.37
C GLY L 16 -20.54 17.02 23.98
N LEU L 17 -20.48 15.71 23.76
CA LEU L 17 -20.12 15.14 22.48
C LEU L 17 -21.33 14.95 21.56
N CYS L 18 -22.48 15.49 21.92
CA CYS L 18 -23.69 15.37 21.12
C CYS L 18 -24.02 16.72 20.52
N THR L 19 -24.04 16.80 19.18
CA THR L 19 -24.42 18.05 18.54
C THR L 19 -25.82 18.44 18.99
N GLN L 20 -26.70 17.45 19.10
CA GLN L 20 -28.08 17.65 19.48
C GLN L 20 -28.77 18.59 18.49
N LYS L 21 -28.31 18.51 17.25
CA LYS L 21 -28.72 19.39 16.16
C LYS L 21 -30.09 18.99 15.61
N TYR L 22 -30.25 17.71 15.26
CA TYR L 22 -31.51 17.22 14.71
C TYR L 22 -32.28 16.30 15.64
N THR L 23 -31.61 15.59 16.54
CA THR L 23 -32.26 14.59 17.38
C THR L 23 -31.84 14.76 18.83
N LYS L 24 -32.74 14.36 19.74
CA LYS L 24 -32.45 14.27 21.17
C LYS L 24 -32.66 12.84 21.64
N VAL L 25 -31.94 12.48 22.70
CA VAL L 25 -32.00 11.14 23.27
C VAL L 25 -32.53 11.25 24.70
N TYR L 26 -33.56 10.48 25.01
CA TYR L 26 -34.18 10.47 26.33
C TYR L 26 -34.18 9.06 26.89
N ALA L 27 -34.19 8.98 28.23
CA ALA L 27 -34.38 7.71 28.93
C ALA L 27 -35.40 7.90 30.03
N GLU L 28 -35.79 6.79 30.65
CA GLU L 28 -36.71 6.86 31.79
C GLU L 28 -36.05 7.57 32.96
N ASP L 29 -36.88 8.13 33.84
CA ASP L 29 -36.41 8.89 34.98
C ASP L 29 -35.50 8.04 35.87
N LYS L 30 -34.57 8.72 36.56
CA LYS L 30 -33.49 8.02 37.25
C LYS L 30 -33.99 7.14 38.38
N GLU L 31 -35.24 7.28 38.83
CA GLU L 31 -35.77 6.34 39.80
C GLU L 31 -36.58 5.22 39.16
N LYS L 32 -37.12 5.43 37.97
CA LYS L 32 -37.69 4.28 37.27
C LYS L 32 -36.62 3.30 36.81
N TRP L 33 -35.34 3.61 37.07
CA TRP L 33 -34.25 2.75 36.66
C TRP L 33 -34.28 1.46 37.47
N LYS L 34 -34.34 0.33 36.77
CA LYS L 34 -34.20 -0.97 37.41
C LYS L 34 -32.82 -1.53 37.09
N PHE L 35 -32.27 -2.28 38.04
CA PHE L 35 -31.03 -3.03 37.85
C PHE L 35 -29.82 -2.11 37.62
N ASN L 36 -29.86 -0.92 38.19
CA ASN L 36 -28.77 0.06 38.22
C ASN L 36 -28.58 0.82 36.91
N ALA L 37 -29.53 0.76 35.98
CA ALA L 37 -29.26 1.31 34.65
C ALA L 37 -30.55 1.69 33.95
N PRO L 38 -30.50 2.69 33.05
CA PRO L 38 -31.67 3.00 32.24
C PRO L 38 -31.86 1.98 31.14
N HIS L 39 -33.12 1.68 30.83
CA HIS L 39 -33.46 0.60 29.90
C HIS L 39 -34.40 0.99 28.78
N HIS L 40 -34.99 2.19 28.79
CA HIS L 40 -36.04 2.55 27.83
C HIS L 40 -35.69 3.92 27.23
N PHE L 41 -35.07 3.90 26.06
CA PHE L 41 -34.63 5.12 25.40
C PHE L 41 -35.58 5.50 24.27
N ILE L 42 -35.78 6.80 24.10
CA ILE L 42 -36.44 7.38 22.95
C ILE L 42 -35.44 8.25 22.21
N VAL L 43 -35.46 8.24 20.90
CA VAL L 43 -34.69 9.17 20.13
C VAL L 43 -35.79 9.99 19.55
N GLY L 44 -35.72 11.28 19.76
CA GLY L 44 -36.70 12.15 19.24
C GLY L 44 -36.23 13.36 18.50
N LYS L 45 -37.08 13.93 17.69
CA LYS L 45 -36.75 15.12 16.98
C LYS L 45 -36.57 16.25 17.90
N ALA L 46 -35.49 16.98 17.73
CA ALA L 46 -35.16 18.09 18.59
C ALA L 46 -36.05 19.30 18.54
N ASP L 47 -36.53 19.63 17.37
CA ASP L 47 -37.36 20.77 17.26
C ASP L 47 -38.79 20.37 17.41
N CYS L 48 -39.32 20.53 18.59
CA CYS L 48 -40.69 20.15 18.85
C CYS L 48 -41.06 21.00 20.00
N GLU L 49 -42.32 20.99 20.34
CA GLU L 49 -42.75 21.82 21.40
C GLU L 49 -42.05 21.36 22.64
N ASP L 50 -41.87 22.26 23.58
CA ASP L 50 -41.05 21.91 24.73
C ASP L 50 -41.47 20.77 25.60
N GLU L 51 -42.75 20.65 25.87
CA GLU L 51 -43.18 19.65 26.81
C GLU L 51 -43.38 18.30 26.17
N TYR L 52 -43.13 18.21 24.90
CA TYR L 52 -43.39 17.01 24.18
C TYR L 52 -42.18 16.39 23.58
N ILE L 53 -42.28 15.13 23.20
CA ILE L 53 -41.20 14.47 22.52
C ILE L 53 -41.80 14.06 21.21
N GLU L 54 -41.07 14.20 20.12
CA GLU L 54 -41.52 13.75 18.82
C GLU L 54 -40.68 12.49 18.56
N PRO L 55 -41.18 11.28 18.92
CA PRO L 55 -40.34 10.09 18.83
C PRO L 55 -40.05 9.72 17.39
N ILE L 56 -38.76 9.53 17.11
CA ILE L 56 -38.29 8.94 15.86
C ILE L 56 -38.14 7.44 16.01
N GLU L 57 -37.76 7.01 17.22
CA GLU L 57 -37.42 5.61 17.44
C GLU L 57 -37.46 5.31 18.94
N TYR L 58 -37.84 4.07 19.26
CA TYR L 58 -37.82 3.56 20.62
C TYR L 58 -36.85 2.38 20.68
N VAL L 59 -36.04 2.33 21.73
CA VAL L 59 -35.10 1.23 21.92
C VAL L 59 -35.17 0.80 23.37
N ASN L 60 -35.49 -0.46 23.60
CA ASN L 60 -35.64 -1.01 24.95
C ASN L 60 -34.57 -2.05 25.19
N PHE L 61 -33.78 -1.85 26.24
CA PHE L 61 -32.67 -2.74 26.53
C PHE L 61 -33.14 -3.88 27.43
N GLN L 62 -32.40 -4.96 27.47
CA GLN L 62 -32.73 -6.08 28.31
C GLN L 62 -32.77 -5.72 29.73
N GLU L 63 -33.90 -5.94 30.35
CA GLU L 63 -33.99 -5.68 31.74
C GLU L 63 -33.81 -6.97 32.45
N GLY L 64 -32.80 -7.03 33.28
CA GLY L 64 -32.54 -8.22 34.03
C GLY L 64 -31.49 -9.14 33.48
N PRO L 65 -30.74 -9.79 34.38
CA PRO L 65 -29.73 -10.74 33.94
C PRO L 65 -30.41 -11.84 33.18
N ILE L 66 -29.82 -12.25 32.07
CA ILE L 66 -30.48 -13.21 31.20
C ILE L 66 -30.73 -14.57 31.73
N LYS L 67 -29.74 -15.16 32.39
CA LYS L 67 -29.93 -16.52 32.81
C LYS L 67 -31.08 -16.58 33.77
N GLU L 68 -31.14 -15.63 34.69
CA GLU L 68 -32.28 -15.56 35.58
C GLU L 68 -33.64 -15.12 35.00
N TYR L 69 -33.66 -14.14 34.10
CA TYR L 69 -34.95 -13.60 33.64
C TYR L 69 -35.34 -13.83 32.21
N GLY L 70 -34.46 -14.43 31.43
CA GLY L 70 -34.74 -14.59 30.03
C GLY L 70 -34.43 -13.45 29.10
N ILE L 71 -35.12 -13.39 27.96
CA ILE L 71 -34.88 -12.38 26.97
C ILE L 71 -36.05 -11.48 26.84
N ASN L 72 -35.80 -10.19 26.85
CA ASN L 72 -36.86 -9.18 26.79
C ASN L 72 -36.39 -7.85 26.20
N GLY L 73 -35.19 -7.79 25.63
CA GLY L 73 -34.69 -6.55 25.07
C GLY L 73 -33.32 -6.77 24.46
N VAL L 74 -32.78 -5.69 23.89
CA VAL L 74 -31.52 -5.75 23.17
C VAL L 74 -30.36 -5.47 24.12
N ASN L 75 -29.15 -5.80 23.66
CA ASN L 75 -27.93 -5.52 24.39
C ASN L 75 -27.11 -4.45 23.68
N ASN L 76 -26.16 -3.87 24.42
CA ASN L 76 -25.25 -2.87 23.86
C ASN L 76 -24.61 -3.35 22.57
N GLU L 77 -24.10 -4.60 22.61
CA GLU L 77 -23.37 -5.17 21.48
C GLU L 77 -24.18 -5.12 20.19
N ASP L 78 -25.50 -5.29 20.27
CA ASP L 78 -26.32 -5.28 19.07
C ASP L 78 -26.31 -3.91 18.38
N LEU L 79 -26.42 -2.84 19.16
CA LEU L 79 -26.34 -1.50 18.58
C LEU L 79 -24.96 -1.20 18.03
N ILE L 80 -23.91 -1.58 18.78
CA ILE L 80 -22.55 -1.39 18.28
C ILE L 80 -22.37 -2.10 16.94
N LEU L 81 -22.92 -3.32 16.83
CA LEU L 81 -22.79 -4.07 15.60
C LEU L 81 -23.47 -3.35 14.45
N MET L 82 -24.68 -2.82 14.69
CA MET L 82 -25.37 -2.06 13.64
C MET L 82 -24.50 -0.90 13.16
N VAL L 83 -23.90 -0.17 14.10
CA VAL L 83 -23.15 1.01 13.69
C VAL L 83 -21.92 0.60 12.90
N ILE L 84 -21.24 -0.47 13.31
CA ILE L 84 -20.08 -0.94 12.56
C ILE L 84 -20.48 -1.34 11.14
N THR L 85 -21.62 -2.04 11.00
CA THR L 85 -22.03 -2.49 9.68
C THR L 85 -22.34 -1.30 8.77
N ARG L 86 -23.03 -0.29 9.31
CA ARG L 86 -23.31 0.90 8.51
C ARG L 86 -22.04 1.64 8.12
N LEU L 87 -21.10 1.77 9.06
CA LEU L 87 -19.88 2.50 8.75
C LEU L 87 -19.06 1.77 7.68
N GLN L 88 -19.01 0.44 7.73
CA GLN L 88 -18.31 -0.31 6.68
C GLN L 88 -19.00 -0.15 5.33
N ALA L 89 -20.33 -0.18 5.31
CA ALA L 89 -21.04 0.12 4.07
C ALA L 89 -20.64 1.49 3.53
N PHE L 90 -20.52 2.48 4.41
CA PHE L 90 -20.08 3.80 3.99
C PHE L 90 -18.67 3.76 3.41
N GLN L 91 -17.76 3.04 4.06
CA GLN L 91 -16.40 2.95 3.54
C GLN L 91 -16.36 2.28 2.17
N ASP L 92 -17.37 1.50 1.84
CA ASP L 92 -17.47 0.94 0.49
C ASP L 92 -18.35 1.81 -0.43
N SER L 93 -18.06 3.10 -0.47
CA SER L 93 -18.92 4.07 -1.15
C SER L 93 -18.09 5.31 -1.44
N PRO L 94 -18.62 6.27 -2.22
CA PRO L 94 -17.86 7.51 -2.47
C PRO L 94 -17.60 8.31 -1.22
N TYR L 95 -18.23 7.98 -0.10
CA TYR L 95 -18.08 8.72 1.14
C TYR L 95 -16.95 8.19 2.02
N LYS L 96 -16.17 7.23 1.52
CA LYS L 96 -15.06 6.67 2.28
C LYS L 96 -14.18 7.79 2.81
N CYS L 97 -13.71 7.64 4.06
CA CYS L 97 -12.85 8.65 4.65
C CYS L 97 -12.16 8.09 5.88
N ARG L 98 -11.12 8.81 6.30
CA ARG L 98 -10.29 8.37 7.42
C ARG L 98 -11.06 8.37 8.74
N GLU L 99 -11.98 9.33 8.91
CA GLU L 99 -12.69 9.44 10.18
C GLU L 99 -13.57 8.23 10.41
N ASN L 100 -14.26 7.78 9.36
CA ASN L 100 -15.05 6.56 9.46
C ASN L 100 -14.18 5.37 9.85
N ALA L 101 -12.99 5.26 9.25
CA ALA L 101 -12.08 4.17 9.57
C ALA L 101 -11.70 4.18 11.05
N MET L 102 -11.25 5.34 11.54
CA MET L 102 -10.93 5.45 12.97
C MET L 102 -12.12 5.04 13.83
N ALA L 103 -13.32 5.53 13.49
CA ALA L 103 -14.50 5.19 14.26
C ALA L 103 -14.75 3.68 14.27
N ILE L 104 -14.62 3.04 13.10
CA ILE L 104 -14.80 1.59 13.02
C ILE L 104 -13.81 0.88 13.93
N THR L 105 -12.57 1.35 13.94
CA THR L 105 -11.58 0.74 14.81
C THR L 105 -11.99 0.87 16.26
N LYS L 106 -12.39 2.07 16.68
CA LYS L 106 -12.77 2.26 18.08
C LYS L 106 -13.97 1.39 18.45
N LEU L 107 -14.95 1.28 17.57
CA LEU L 107 -16.12 0.46 17.85
C LEU L 107 -15.74 -1.02 17.99
N GLN L 108 -14.87 -1.51 17.09
CA GLN L 108 -14.43 -2.89 17.20
C GLN L 108 -13.67 -3.12 18.51
N GLU L 109 -12.87 -2.13 18.94
CA GLU L 109 -12.14 -2.29 20.20
C GLU L 109 -13.09 -2.28 21.39
N CYS L 110 -14.14 -1.46 21.32
CA CYS L 110 -15.19 -1.50 22.34
C CYS L 110 -15.78 -2.90 22.47
N LEU L 111 -16.17 -3.48 21.32
CA LEU L 111 -16.70 -4.83 21.35
C LEU L 111 -15.69 -5.80 21.96
N MET L 112 -14.41 -5.65 21.60
CA MET L 112 -13.38 -6.52 22.13
C MET L 112 -13.29 -6.43 23.66
N TRP L 113 -13.42 -5.26 24.22
CA TRP L 113 -13.26 -5.09 25.65
C TRP L 113 -14.41 -5.58 26.44
N LEU L 114 -15.59 -5.35 25.95
CA LEU L 114 -16.76 -5.88 26.61
C LEU L 114 -16.69 -7.38 26.57
N GLY L 115 -16.19 -7.94 25.51
CA GLY L 115 -16.02 -9.36 25.39
C GLY L 115 -15.10 -10.00 26.35
N LYS L 116 -14.04 -9.34 26.72
CA LYS L 116 -13.07 -9.85 27.65
C LYS L 116 -13.75 -10.10 28.93
N ARG L 117 -14.62 -9.21 29.32
CA ARG L 117 -15.37 -9.40 30.52
C ARG L 117 -16.22 -10.63 30.45
N THR L 118 -16.87 -10.82 29.34
CA THR L 118 -17.71 -11.95 29.19
C THR L 118 -16.91 -13.26 29.25
N LEU L 119 -15.80 -13.32 28.56
CA LEU L 119 -14.93 -14.48 28.58
C LEU L 119 -14.30 -14.73 29.89
N ASP L 120 -13.88 -13.70 30.58
CA ASP L 120 -13.31 -13.85 31.88
C ASP L 120 -14.35 -14.38 32.82
N ARG L 121 -15.56 -13.89 32.71
CA ARG L 121 -16.63 -14.36 33.55
C ARG L 121 -16.99 -15.77 33.24
N GLU L 122 -16.89 -16.19 32.00
CA GLU L 122 -17.13 -17.56 31.65
C GLU L 122 -16.13 -18.46 32.28
N VAL L 123 -14.92 -18.01 32.36
CA VAL L 123 -13.93 -18.80 33.03
C VAL L 123 -14.41 -18.95 34.46
N LYS L 124 -15.12 -17.97 34.98
CA LYS L 124 -15.68 -18.15 36.30
C LYS L 124 -17.07 -18.79 36.29
N GLY L 125 -17.62 -19.08 35.11
CA GLY L 125 -18.91 -19.73 34.97
C GLY L 125 -20.10 -18.86 35.30
N ILE L 126 -19.87 -17.57 35.50
CA ILE L 126 -20.87 -16.69 36.10
C ILE L 126 -21.35 -15.66 35.08
N GLU L 127 -21.38 -16.06 33.80
CA GLU L 127 -21.82 -15.15 32.75
C GLU L 127 -23.34 -15.01 32.78
N GLY L 128 -23.82 -13.78 32.61
CA GLY L 128 -25.25 -13.54 32.59
C GLY L 128 -25.94 -13.76 33.91
N THR L 129 -25.20 -13.78 35.02
CA THR L 129 -25.82 -13.93 36.32
C THR L 129 -25.97 -12.54 36.96
N SER L 130 -26.18 -12.52 38.27
CA SER L 130 -26.05 -11.30 39.04
C SER L 130 -24.84 -11.33 39.96
N GLU L 131 -24.01 -12.37 39.86
CA GLU L 131 -22.85 -12.51 40.72
C GLU L 131 -21.71 -11.64 40.17
N ILE L 132 -21.18 -10.76 41.02
CA ILE L 132 -20.04 -9.90 40.68
C ILE L 132 -18.85 -10.70 40.18
ZN ZN Q . 5.49 -3.62 -21.31
ZN ZN R . -5.36 3.81 21.37
#